data_7CVY
#
_entry.id   7CVY
#
_cell.length_a   1.00
_cell.length_b   1.00
_cell.length_c   1.00
_cell.angle_alpha   90.00
_cell.angle_beta   90.00
_cell.angle_gamma   90.00
#
_symmetry.space_group_name_H-M   'P 1'
#
loop_
_entity.id
_entity.type
_entity.pdbx_description
1 polymer 'Fab heavy chain'
2 polymer 'Fab light chain'
3 polymer 'Capsid protein'
4 polymer 'E1 glycoprotein'
5 polymer 'E2 glycoprotein'
#
loop_
_entity_poly.entity_id
_entity_poly.type
_entity_poly.pdbx_seq_one_letter_code
_entity_poly.pdbx_strand_id
1 'polypeptide(L)'
;QLQESGGGLVQPGGSMKLSCVASGFTFSNYWMNWVRQSPEKGLEWVAQIRLKSDSYATYYADSVKGRFTVSRDDSKSNVY
LQMNSLRAEDTGIYYCTDFYGFGDFFPYWGQGTLVTVSSAKTTAPSVYPLAPVCGGTTGSSVTLGCLVKGYFPEPVTLTW
NSGSLSSGVHTFPALLQSGLYTLSSSVTVTSNTWPSQTITCNVAHPASSTKVDKKIESRR
;
D,S,I,N
2 'polypeptide(L)'
;DIVMTQSPKFMSTSIGDRVSVTCQASQNVGTNVAWYQQKPGQSPKPLIYSASYRYSGVPGRFTGSGSGTDFTLTINNVQS
EDLADYFCQQYNSFPLTFGAGTKLELKRADAAPTVSIFPPSSEQLTSGGASVVCFLNNFYPKDINVKWKIDGSERQNGVL
NSWTDQDSKDSTYSMSSTLTLTKDEYERHNSYTCEATHKTSTSPIVKSFNRNE
;
E,T,J,O
3 'polypeptide(L)'
;NDCIFEVKHEGKVTGYACLVGDKVMKPAHVKGTIDNADLAKLAFKRSSKYDLECAQIPVHMKSDASKFTHEKPEGYYNWH
HGAVQYSGGRFTIPTGAGKPGDSGRPIFDNKGRVVAIVLGGANEGARTALSVVTWNKDIVTKITPEGAEEW
;
H,C,R,M
4 'polypeptide(L)'
;YEHVTVIPNTVGVPYKTLVNRPGYSPMVLEMELLSVTLEPTLSLDYITCEYKTVIPSPYVKCCGTAECKDKNLPDYSCKV
FTGVYPFMWGGAYCFCDAENTQLSEAHVEKSESCKTEFASAYRAHTASASAKLRVLYQGNNITVTAYANGDHAVTVKDAK
FIVGPMSSAWTPFDNKIVVYKGDVYNMDYPPFGAGRPGQFGDIQSRTPESKDVYANTQLVLQRPAAGTVHVPYSQAPSGF
KYWLKERGASLQHTAPFGCQIATNPVRAMNCAVGNMPISIDIPDAAFTRVVDAPSLTDMSCEVPACTHSSDFGGVAIIKY
AVSKKGKCAVHSMTNAVTIREAEIEVEGNSQLQISFSTALASAEFRVQVCSTQVHCAAECHPPKDHIVNYPASHTTLGVQ
DISATAMSWVQKITGGVGLVVAVAALILIVVLCVSFSRH
;
F,A,P,K
5 'polypeptide(L)'
;NFNVYKATRPYLAHCPDCGEGHSCHSPVALERIRNEATDGTLKIQVSLQIGIGTDDSHDWTKLRYMDNHIPADAGRAGLF
VRTSAPCTITGTMGHFILARCPKGETLTVGFTDSRKISHSCTHPFHHDPPVIGREKFHSRPQHGKELPCSTYVQSNAATA
EEIEVHMPPDTPDRTLLSQQSGNVKITVNGRTVRYKCNCGGSNEGLITTDKVINNCKVDQCHAAVTNHKKWQYNSPLVPR
NAELGDRKGKIRIPFPLANVTCMVPKARNPTVTYGKNQVIMLLYPDHPTLLSYRSMGEEPNYQEEWVTHKKEVVLTVPTE
GLEVTWGNNEPYKYWPQLSANGTAHGHPHEIILYYYELYPTMTVVVVSVASFILLSMVGMAVGMCMCARRRCITPYELTP
GATVPFLLSLICCIRTAKA
;
G,B,Q,L
#
# COMPACT_ATOMS: atom_id res chain seq x y z
CA GLN A 1 42.56 18.58 102.25
CA LEU A 2 45.92 20.30 102.68
CA GLN A 3 47.99 20.91 105.82
CA GLU A 4 51.38 22.55 106.23
CA SER A 5 54.22 22.67 108.75
CA GLY A 6 57.79 23.86 109.15
CA GLY A 7 58.71 26.86 111.28
CA GLY A 8 62.39 26.48 112.12
CA LEU A 9 64.22 29.64 113.12
CA VAL A 10 67.04 30.36 110.66
CA GLN A 11 70.03 32.64 111.24
CA PRO A 12 71.59 34.56 108.33
CA GLY A 13 73.65 32.26 106.13
CA GLY A 14 71.60 29.24 107.18
CA SER A 15 69.15 26.83 105.57
CA MET A 16 65.36 26.80 105.91
CA LYS A 17 62.89 24.01 105.10
CA LEU A 18 59.11 24.03 104.71
CA SER A 19 56.62 21.16 104.70
CA CYS A 20 53.13 20.52 103.34
CA VAL A 21 51.13 17.32 103.82
CA ALA A 22 48.27 16.21 101.56
CA SER A 23 45.35 13.89 102.27
CA GLY A 24 42.33 12.56 100.41
CA PHE A 25 43.90 12.32 96.95
CA THR A 26 46.89 11.02 95.01
CA PHE A 27 49.68 13.47 95.87
CA SER A 28 51.88 11.95 93.16
CA ASN A 29 49.42 12.79 90.35
CA TYR A 30 49.13 16.57 90.92
CA TRP A 31 51.62 19.41 90.59
CA MET A 32 52.83 21.55 93.50
CA ASN A 33 53.43 25.29 93.71
CA TRP A 34 54.65 27.73 96.36
CA VAL A 35 53.41 31.31 96.65
CA ARG A 36 54.25 33.85 99.37
CA GLN A 37 52.57 37.08 100.46
CA SER A 38 55.43 39.59 100.37
CA PRO A 39 55.51 43.37 100.94
CA GLU A 40 56.03 43.62 97.16
CA LYS A 41 52.28 44.38 96.75
CA GLY A 42 51.14 40.97 95.56
CA LEU A 43 51.38 37.24 96.30
CA GLU A 44 53.93 36.54 93.59
CA TRP A 45 54.66 32.97 92.51
CA VAL A 46 57.90 31.49 93.87
CA ALA A 47 58.53 27.84 92.95
CA GLN A 48 56.91 24.67 91.63
CA ILE A 49 57.67 20.99 91.11
CA ARG A 50 56.18 18.54 88.62
CA LEU A 51 55.61 14.82 88.93
CA LYS A 52 58.35 12.19 89.06
CA SER A 53 57.21 11.11 85.60
CA ASP A 54 58.22 14.62 84.48
CA SER A 55 61.71 13.88 85.90
CA TYR A 56 60.98 16.50 88.58
CA ALA A 57 60.64 19.45 86.24
CA THR A 58 61.04 22.60 88.31
CA TYR A 59 60.92 26.34 87.72
CA TYR A 60 61.91 29.30 89.86
CA ALA A 61 61.60 33.07 89.87
CA ASP A 62 64.67 34.96 88.69
CA SER A 63 65.04 36.62 92.10
CA VAL A 64 65.24 33.30 93.98
CA LYS A 65 66.91 31.31 91.19
CA GLY A 66 70.00 29.41 92.31
CA ARG A 67 69.02 29.72 95.98
CA PHE A 68 65.73 27.84 96.47
CA THR A 69 65.25 24.08 96.06
CA VAL A 70 61.87 22.31 96.04
CA SER A 71 61.40 18.60 96.68
CA ARG A 72 58.44 16.27 97.12
CA ASP A 73 58.05 12.90 98.84
CA ASP A 74 55.48 10.71 97.09
CA SER A 75 55.83 7.97 99.73
CA LYS A 76 54.93 10.35 102.57
CA SER A 77 52.67 12.57 100.40
CA ASN A 78 54.84 15.51 101.45
CA VAL A 79 56.47 18.39 99.59
CA TYR A 80 59.57 20.13 100.91
CA LEU A 81 60.75 23.64 99.98
CA GLN A 82 64.41 24.24 100.84
CA MET A 83 65.43 27.91 101.00
CA ASN A 84 68.98 29.20 101.48
CA SER A 85 70.70 32.58 101.78
CA LEU A 86 67.44 34.22 102.83
CA ARG A 87 67.05 37.99 103.08
CA ALA A 88 64.40 40.70 103.44
CA GLU A 89 62.69 40.21 100.07
CA ASP A 90 62.35 36.46 100.68
CA THR A 91 60.04 37.16 103.63
CA GLY A 92 56.52 36.06 102.80
CA ILE A 93 53.53 33.91 103.69
CA TYR A 94 54.31 30.63 101.92
CA TYR A 95 51.64 28.04 101.20
CA CYS A 96 51.33 24.80 99.27
CA THR A 97 48.56 24.27 96.72
CA ASP A 98 46.96 21.36 94.87
CA PHE A 99 44.25 20.90 92.26
CA TYR A 100 42.76 17.45 92.97
CA GLY A 101 39.34 19.06 93.17
CA PHE A 102 40.80 22.39 92.01
CA GLY A 103 40.20 23.76 95.51
CA ASP A 104 43.02 26.12 96.45
CA PHE A 105 44.10 25.88 100.08
CA PHE A 106 45.88 28.36 102.35
CA PRO A 107 47.09 26.43 105.43
CA TYR A 108 49.70 28.78 106.85
CA TRP A 109 52.19 27.51 109.44
CA GLY A 110 54.38 29.73 111.58
CA GLN A 111 57.15 31.32 109.52
CA GLY A 112 60.10 33.51 110.41
CA THR A 113 62.78 35.67 108.79
CA LEU A 114 66.29 37.09 109.29
CA VAL A 115 66.09 40.88 109.70
CA THR A 116 67.81 43.07 112.33
CA VAL A 117 68.94 39.92 114.12
CA SER A 118 68.81 40.75 117.87
CA SER A 119 68.36 39.44 121.42
CA ALA A 120 64.75 40.37 122.19
CA LYS A 121 63.65 38.03 124.97
CA THR A 122 60.12 36.87 125.75
CA THR A 123 58.64 40.37 126.11
CA ALA A 124 55.53 40.37 128.28
CA PRO A 125 52.68 42.48 126.85
CA SER A 126 52.59 46.08 128.07
CA VAL A 127 49.23 47.78 128.65
CA TYR A 128 49.42 51.57 128.47
CA PRO A 129 46.21 53.46 129.31
CA LEU A 130 45.13 56.66 127.56
CA ALA A 131 43.74 58.90 130.31
CA PRO A 132 41.84 61.98 129.05
CA VAL A 133 43.01 65.38 130.20
CA CYS A 134 41.31 66.85 133.27
CA GLY A 135 40.17 69.95 131.36
CA GLY A 136 37.70 69.87 128.51
CA THR A 137 36.88 66.41 127.14
CA THR A 138 33.15 67.09 126.77
CA GLY A 139 30.90 64.89 124.65
CA SER A 140 28.07 62.40 124.61
CA SER A 141 30.58 59.66 125.49
CA VAL A 142 34.29 59.15 126.16
CA THR A 143 36.82 57.15 124.11
CA LEU A 144 39.63 55.27 125.87
CA GLY A 145 42.54 53.28 124.49
CA CYS A 146 45.14 50.56 125.01
CA LEU A 147 48.74 50.83 123.80
CA VAL A 148 51.12 47.87 123.48
CA LYS A 149 54.57 48.85 122.22
CA GLY A 150 57.75 46.82 121.77
CA TYR A 151 56.66 43.24 122.36
CA PHE A 152 56.92 39.65 121.04
CA PRO A 153 55.86 38.50 117.54
CA GLU A 154 52.45 37.40 116.29
CA PRO A 155 51.06 35.44 119.30
CA VAL A 156 49.47 38.53 120.88
CA THR A 157 45.75 39.06 121.51
CA LEU A 158 43.53 42.15 121.42
CA THR A 159 40.29 41.78 123.42
CA TRP A 160 38.28 44.21 125.54
CA ASN A 161 36.64 42.95 128.75
CA SER A 162 37.24 39.38 127.52
CA GLY A 163 35.22 40.19 124.40
CA SER A 164 32.08 41.18 126.30
CA LEU A 165 32.36 44.88 125.32
CA SER A 166 32.56 45.68 121.60
CA SER A 167 30.66 49.00 121.53
CA GLY A 168 32.71 51.68 119.80
CA VAL A 169 35.75 49.39 119.81
CA HIS A 170 38.21 49.83 116.93
CA THR A 171 40.82 47.10 116.41
CA PHE A 172 44.17 48.49 115.24
CA PRO A 173 46.32 45.86 113.48
CA ALA A 174 49.72 45.11 114.95
CA LEU A 175 52.64 47.18 113.64
CA LEU A 176 56.39 46.69 113.38
CA GLN A 177 58.61 49.57 114.49
CA SER A 178 62.32 49.72 115.37
CA GLY A 179 62.59 45.94 115.19
CA LEU A 180 59.83 45.34 117.74
CA TYR A 181 56.10 44.94 117.24
CA THR A 182 53.73 47.77 118.18
CA LEU A 183 50.01 47.43 118.95
CA SER A 184 47.23 49.82 119.91
CA SER A 185 43.64 49.29 120.98
CA SER A 186 40.71 51.61 121.68
CA VAL A 187 37.45 51.26 123.60
CA THR A 188 34.46 53.60 123.72
CA VAL A 189 32.62 53.73 127.06
CA THR A 190 30.09 55.94 128.81
CA SER A 191 31.00 58.71 131.26
CA ASN A 192 30.36 56.36 134.21
CA THR A 193 33.22 54.02 133.22
CA TRP A 194 35.84 56.64 134.23
CA PRO A 195 37.69 55.92 137.46
CA SER A 196 34.53 55.11 139.42
CA GLN A 197 34.66 51.93 137.34
CA THR A 198 37.48 49.76 135.98
CA ILE A 199 38.53 49.47 132.33
CA THR A 200 40.45 46.27 131.59
CA CYS A 201 42.59 45.69 128.48
CA ASN A 202 42.98 41.92 128.00
CA VAL A 203 46.18 41.10 126.12
CA ALA A 204 47.23 37.44 126.22
CA HIS A 205 50.69 36.23 125.20
CA PRO A 206 50.79 32.44 124.64
CA ALA A 207 54.60 32.31 124.61
CA SER A 208 54.56 33.64 128.20
CA SER A 209 50.91 33.30 129.33
CA THR A 210 51.18 36.85 130.73
CA LYS A 211 48.00 38.91 131.12
CA VAL A 212 48.33 42.58 132.10
CA ASP A 213 45.10 44.22 133.29
CA LYS A 214 45.92 47.92 133.67
CA LYS A 215 43.04 50.11 134.77
CA ILE A 216 42.96 53.61 133.30
CA GLU A 217 44.86 55.65 135.88
CA SER A 218 45.08 59.43 136.17
CA ARG A 219 48.40 61.24 136.03
CA ARG A 220 48.11 62.31 139.68
CA ASP B 1 56.63 38.87 81.71
CA ILE B 2 52.83 39.07 81.79
CA VAL B 3 51.25 41.16 84.56
CA MET B 4 47.76 40.63 85.97
CA THR B 5 46.46 44.13 86.73
CA GLN B 6 43.48 45.11 88.90
CA SER B 7 43.21 48.90 88.96
CA PRO B 8 40.28 49.38 91.43
CA LYS B 9 41.66 48.85 94.93
CA PHE B 10 38.18 49.41 96.40
CA MET B 11 34.74 49.29 94.80
CA SER B 12 31.39 50.42 96.18
CA THR B 13 28.38 48.18 95.66
CA SER B 14 24.88 47.46 96.94
CA ILE B 15 23.03 44.25 97.73
CA GLY B 16 21.15 44.22 94.43
CA ASP B 17 23.95 45.81 92.41
CA ARG B 18 25.97 43.95 89.78
CA VAL B 19 29.69 44.70 89.64
CA SER B 20 32.30 43.56 87.10
CA VAL B 21 35.89 43.11 88.28
CA THR B 22 38.31 43.57 85.37
CA CYS B 23 41.81 42.06 85.19
CA GLN B 24 43.98 42.86 82.17
CA ALA B 25 47.06 40.88 81.15
CA SER B 26 50.01 42.19 79.16
CA GLN B 27 49.95 39.47 76.48
CA ASN B 28 48.08 36.29 75.58
CA VAL B 29 47.62 33.72 78.34
CA GLY B 30 44.59 32.11 76.74
CA THR B 31 41.78 31.33 79.16
CA ASN B 32 44.29 30.41 81.90
CA VAL B 33 42.91 32.98 84.34
CA ALA B 34 41.18 32.07 87.61
CA TRP B 35 39.59 34.06 90.42
CA TYR B 36 39.99 32.99 94.05
CA GLN B 37 38.88 34.68 97.24
CA GLN B 38 41.41 35.01 100.06
CA LYS B 39 40.31 35.67 103.63
CA PRO B 40 43.06 36.98 105.93
CA GLY B 41 44.65 33.93 107.54
CA GLN B 42 41.88 31.58 106.40
CA SER B 43 41.58 28.82 103.82
CA PRO B 44 39.72 30.21 100.78
CA LYS B 45 36.38 29.05 99.46
CA PRO B 46 37.00 28.37 95.75
CA LEU B 47 34.63 30.28 93.47
CA ILE B 48 35.71 30.13 89.80
CA TYR B 49 38.56 28.38 87.98
CA SER B 50 39.69 29.07 84.40
CA ALA B 51 37.46 32.20 84.48
CA SER B 52 34.28 30.34 83.49
CA TYR B 53 33.82 27.20 85.64
CA ARG B 54 32.15 27.02 89.06
CA TYR B 55 32.55 24.73 92.07
CA SER B 56 29.90 22.90 94.08
CA GLY B 57 27.92 25.15 96.40
CA VAL B 58 29.19 28.36 94.78
CA PRO B 59 26.45 30.83 93.79
CA GLY B 60 25.93 31.06 90.04
CA ARG B 61 26.02 34.86 90.18
CA PHE B 62 29.81 34.65 89.95
CA THR B 63 30.61 35.10 86.24
CA GLY B 64 34.01 35.60 84.62
CA SER B 65 34.54 36.74 81.04
CA GLY B 66 37.29 37.76 78.65
CA SER B 67 40.15 35.85 77.05
CA GLY B 68 43.69 36.30 75.80
CA THR B 69 44.67 39.69 77.22
CA ASP B 70 41.46 41.14 78.73
CA PHE B 71 39.50 39.43 81.51
CA THR B 72 36.58 40.46 83.70
CA LEU B 73 34.83 38.91 86.70
CA THR B 74 31.17 39.93 86.99
CA ILE B 75 29.42 39.33 90.31
CA ASN B 76 25.65 39.88 90.45
CA ASN B 77 23.56 40.36 93.61
CA VAL B 78 26.53 41.20 95.82
CA GLN B 79 26.21 40.12 99.44
CA SER B 80 28.27 40.87 102.55
CA GLU B 81 28.93 37.14 103.04
CA ASP B 82 31.43 37.21 100.15
CA LEU B 83 33.66 39.95 101.60
CA ALA B 84 37.24 39.00 100.67
CA ASP B 85 40.03 39.75 98.20
CA TYR B 86 39.54 38.62 94.60
CA PHE B 87 42.79 37.77 92.81
CA CYS B 88 43.24 37.10 89.09
CA GLN B 89 45.94 34.46 88.65
CA GLN B 90 47.40 33.26 85.35
CA TYR B 91 49.00 29.85 84.86
CA ASN B 92 50.07 30.14 81.22
CA SER B 93 53.42 31.97 81.24
CA PHE B 94 56.32 31.03 83.52
CA PRO B 95 55.76 33.72 86.23
CA LEU B 96 52.26 32.99 87.52
CA THR B 97 51.55 36.61 88.38
CA PHE B 98 48.61 37.58 90.60
CA GLY B 99 46.22 40.50 90.73
CA ALA B 100 46.11 43.47 93.08
CA GLY B 101 43.09 42.26 95.07
CA THR B 102 39.92 44.17 95.94
CA LYS B 103 37.88 44.20 99.15
CA LEU B 104 34.20 45.09 99.40
CA GLU B 105 33.49 48.45 101.01
CA LEU B 106 30.09 49.29 102.51
CA LYS B 107 29.31 52.61 104.21
CA ARG B 108 26.24 54.61 105.26
CA ALA B 109 26.94 58.24 104.28
CA ASP B 110 29.79 60.74 103.90
CA ALA B 111 31.28 62.19 107.10
CA ALA B 112 34.26 64.17 108.37
CA PRO B 113 37.09 63.00 110.67
CA THR B 114 37.03 63.78 114.38
CA VAL B 115 40.49 64.64 115.71
CA SER B 116 41.31 63.33 119.19
CA ILE B 117 44.74 63.78 120.80
CA PHE B 118 46.00 62.27 124.05
CA PRO B 119 49.44 62.74 125.68
CA PRO B 120 51.74 59.78 126.37
CA SER B 121 51.25 58.10 129.73
CA SER B 122 53.66 58.37 132.65
CA GLU B 123 54.29 54.62 132.36
CA GLN B 124 55.72 55.09 128.86
CA LEU B 125 57.91 57.90 130.20
CA THR B 126 59.19 55.58 132.92
CA SER B 127 59.86 52.89 130.30
CA GLY B 128 61.78 55.52 128.31
CA GLY B 129 59.39 56.65 125.56
CA ALA B 130 56.84 59.32 124.73
CA SER B 131 54.43 58.98 121.79
CA VAL B 132 51.65 61.38 120.82
CA VAL B 133 48.69 59.59 119.23
CA CYS B 134 45.97 61.26 117.16
CA PHE B 135 42.60 59.49 116.88
CA LEU B 136 40.47 59.92 113.74
CA ASN B 137 37.29 57.88 114.26
CA ASN B 138 34.15 57.28 112.20
CA PHE B 139 35.40 58.88 108.98
CA TYR B 140 33.30 57.41 106.19
CA PRO B 141 35.31 58.13 102.99
CA LYS B 142 38.51 56.10 103.16
CA ASP B 143 40.59 58.89 101.57
CA ILE B 144 42.28 60.58 104.53
CA ASN B 145 45.70 62.00 105.38
CA VAL B 146 47.38 63.40 108.49
CA LYS B 147 50.19 65.98 108.48
CA TRP B 148 52.21 66.59 111.63
CA LYS B 149 53.26 70.01 112.92
CA ILE B 150 55.56 70.34 115.93
CA ASP B 151 55.43 73.83 117.48
CA GLY B 152 54.96 75.40 114.06
CA SER B 153 57.58 73.18 112.37
CA GLU B 154 56.44 71.13 109.39
CA ARG B 155 57.00 67.41 109.91
CA GLN B 156 56.42 64.66 107.33
CA ASN B 157 59.08 62.01 108.02
CA GLY B 158 58.73 59.39 110.73
CA VAL B 159 54.94 59.25 110.33
CA LEU B 160 53.59 55.73 110.90
CA ASN B 161 50.00 55.19 109.76
CA SER B 162 47.73 52.26 110.65
CA TRP B 163 44.15 51.98 109.42
CA THR B 164 41.71 49.90 111.46
CA ASP B 165 40.01 46.79 110.13
CA GLN B 166 36.38 46.98 109.07
CA ASP B 167 34.20 46.66 112.17
CA SER B 168 31.64 43.87 112.02
CA LYS B 169 28.91 46.06 113.55
CA ASP B 170 29.02 49.51 111.92
CA SER B 171 31.47 48.78 109.05
CA THR B 172 33.48 51.90 109.96
CA TYR B 173 37.22 52.51 109.82
CA SER B 174 39.76 54.52 111.79
CA MET B 175 43.42 55.46 111.45
CA SER B 176 46.21 55.80 114.01
CA SER B 177 48.69 58.65 113.59
CA THR B 178 51.63 58.03 115.94
CA LEU B 179 54.60 60.41 116.07
CA THR B 180 57.80 59.19 117.73
CA LEU B 181 60.52 61.56 118.94
CA THR B 182 63.51 61.18 121.22
CA LYS B 183 63.19 61.98 124.92
CA ASP B 184 65.33 65.11 124.60
CA GLU B 185 63.30 66.23 121.58
CA TYR B 186 60.05 65.34 123.35
CA GLU B 187 61.04 67.58 126.25
CA ARG B 188 62.21 70.25 123.77
CA HIS B 189 58.65 70.63 122.44
CA ASN B 190 55.47 71.41 124.39
CA SER B 191 52.55 71.68 121.94
CA TYR B 192 51.86 68.85 119.51
CA THR B 193 49.27 69.41 116.78
CA CYS B 194 48.09 67.10 114.00
CA GLU B 195 45.97 68.21 111.04
CA ALA B 196 43.42 65.90 109.43
CA THR B 197 43.48 66.48 105.67
CA HIS B 198 40.11 65.49 104.22
CA LYS B 199 38.40 65.78 100.86
CA THR B 200 35.08 67.14 102.14
CA SER B 201 36.57 69.73 104.53
CA THR B 202 39.46 71.94 103.45
CA SER B 203 40.08 73.37 106.94
CA PRO B 204 41.67 70.78 109.26
CA ILE B 205 40.42 70.37 112.82
CA VAL B 206 43.04 71.57 115.31
CA LYS B 207 43.29 69.81 118.68
CA SER B 208 45.55 71.21 121.40
CA PHE B 209 46.74 69.69 124.65
CA ASN B 210 48.99 70.54 127.59
CA ARG B 211 51.88 68.21 128.43
CA ASN B 212 51.90 69.30 132.08
CA GLU B 213 48.24 68.24 132.37
CA ASN C 1 30.53 -113.28 -19.23
CA ASP C 2 27.42 -112.19 -21.12
CA CYS C 3 25.65 -109.47 -19.05
CA ILE C 4 28.09 -106.86 -20.42
CA PHE C 5 26.70 -103.61 -21.83
CA GLU C 6 28.36 -100.48 -23.18
CA VAL C 7 28.29 -96.74 -22.46
CA LYS C 8 28.82 -94.30 -25.33
CA HIS C 9 28.48 -90.61 -26.23
CA GLU C 10 29.06 -88.65 -29.43
CA GLY C 11 28.79 -92.00 -31.22
CA LYS C 12 32.02 -92.83 -29.40
CA VAL C 13 32.40 -95.72 -26.97
CA THR C 14 32.95 -94.08 -23.58
CA GLY C 15 32.45 -96.85 -21.03
CA TYR C 16 30.84 -100.15 -20.09
CA ALA C 17 27.26 -100.50 -18.89
CA CYS C 18 26.22 -103.05 -16.28
CA LEU C 19 23.34 -103.83 -13.94
CA VAL C 20 23.20 -105.31 -10.45
CA GLY C 21 20.19 -107.13 -9.03
CA ASP C 22 17.18 -105.03 -9.96
CA LYS C 23 19.04 -101.87 -10.97
CA VAL C 24 21.59 -100.52 -13.44
CA MET C 25 25.07 -99.36 -12.51
CA LYS C 26 26.62 -96.14 -13.83
CA PRO C 27 30.04 -94.78 -12.78
CA ALA C 28 29.44 -91.05 -12.36
CA HIS C 29 33.13 -90.31 -13.00
CA VAL C 30 32.81 -91.46 -16.59
CA LYS C 31 30.14 -89.89 -18.78
CA GLY C 32 27.93 -91.46 -21.40
CA THR C 33 24.70 -93.34 -22.14
CA ILE C 34 24.14 -97.07 -22.38
CA ASP C 35 23.95 -99.21 -25.52
CA ASN C 36 20.19 -99.83 -25.01
CA ALA C 37 18.33 -96.61 -25.75
CA ASP C 38 15.12 -98.25 -24.53
CA LEU C 39 16.91 -98.69 -21.21
CA ALA C 40 18.90 -95.47 -21.61
CA LYS C 41 15.66 -93.44 -21.77
CA LEU C 42 14.74 -94.44 -18.22
CA ALA C 43 15.05 -92.25 -15.14
CA PHE C 44 18.26 -91.94 -13.15
CA LYS C 45 19.50 -90.67 -9.78
CA ARG C 46 22.98 -89.14 -9.62
CA SER C 47 25.11 -89.88 -6.55
CA SER C 48 27.59 -87.04 -6.95
CA LYS C 49 29.09 -87.33 -3.47
CA TYR C 50 29.51 -91.11 -3.48
CA ASP C 51 30.81 -90.77 -7.04
CA LEU C 52 28.56 -93.16 -8.98
CA GLU C 53 25.07 -93.57 -10.39
CA CYS C 54 22.38 -96.24 -10.62
CA ALA C 55 18.70 -96.77 -11.37
CA GLN C 56 16.27 -99.67 -11.17
CA ILE C 57 15.55 -101.85 -14.21
CA PRO C 58 12.27 -102.80 -15.95
CA VAL C 59 10.57 -106.17 -15.49
CA HIS C 60 11.68 -107.87 -18.70
CA MET C 61 15.47 -108.20 -18.41
CA LYS C 62 16.04 -109.74 -14.94
CA SER C 63 16.53 -113.01 -16.82
CA ASP C 64 19.98 -111.50 -17.44
CA ALA C 65 20.25 -110.05 -13.93
CA SER C 66 23.80 -110.17 -12.63
CA LYS C 67 24.70 -112.80 -10.04
CA PHE C 68 26.44 -111.13 -7.12
CA THR C 69 27.93 -112.08 -3.79
CA HIS C 70 28.40 -110.35 -0.45
CA GLU C 71 31.25 -112.23 1.19
CA LYS C 72 34.75 -110.97 0.39
CA PRO C 73 37.57 -113.53 0.59
CA GLU C 74 41.18 -112.94 -0.41
CA GLY C 75 43.17 -114.87 -2.97
CA TYR C 76 43.05 -115.32 -6.72
CA TYR C 77 40.46 -113.33 -8.67
CA ASN C 78 39.64 -112.35 -12.23
CA TRP C 79 37.90 -109.73 -14.35
CA HIS C 80 36.86 -109.05 -17.94
CA HIS C 81 40.13 -109.89 -19.71
CA GLY C 82 42.49 -110.61 -16.84
CA ALA C 83 43.05 -112.21 -13.47
CA VAL C 84 43.59 -110.31 -10.22
CA GLN C 85 44.16 -110.98 -6.54
CA TYR C 86 43.00 -109.58 -3.20
CA SER C 87 45.88 -108.71 -0.88
CA GLY C 88 46.00 -106.68 2.32
CA GLY C 89 42.35 -105.79 1.99
CA ARG C 90 43.24 -104.44 -1.46
CA PHE C 91 43.06 -105.53 -5.09
CA THR C 92 46.21 -105.54 -7.21
CA ILE C 93 46.37 -105.90 -10.99
CA PRO C 94 49.30 -106.43 -13.38
CA THR C 95 50.41 -103.22 -15.04
CA GLY C 96 49.17 -102.56 -18.55
CA ALA C 97 45.66 -103.98 -18.32
CA GLY C 98 44.34 -100.62 -17.13
CA LYS C 99 43.37 -98.19 -19.87
CA PRO C 100 41.03 -95.24 -20.43
CA GLY C 101 37.35 -95.84 -21.02
CA ASP C 102 37.36 -99.43 -19.72
CA SER C 103 35.32 -98.51 -16.63
CA GLY C 104 31.92 -100.00 -15.90
CA ARG C 105 33.34 -103.54 -16.09
CA PRO C 106 32.59 -105.58 -12.97
CA ILE C 107 34.83 -107.92 -10.99
CA PHE C 108 33.88 -111.50 -10.19
CA ASP C 109 35.59 -114.70 -9.01
CA ASN C 110 35.78 -118.32 -10.14
CA LYS C 111 32.69 -118.85 -8.00
CA GLY C 112 30.88 -116.88 -10.71
CA ARG C 113 28.99 -114.42 -8.54
CA VAL C 114 30.19 -110.90 -9.26
CA VAL C 115 32.33 -109.43 -6.51
CA ALA C 116 33.15 -105.83 -7.41
CA ILE C 117 32.97 -103.02 -9.97
CA VAL C 118 35.89 -100.97 -11.28
CA LEU C 119 36.44 -97.40 -10.15
CA GLY C 120 39.80 -96.58 -11.73
CA GLY C 121 43.33 -96.75 -10.36
CA ALA C 122 46.88 -95.70 -11.18
CA ASN C 123 49.97 -97.74 -11.95
CA GLU C 124 52.52 -98.81 -9.37
CA GLY C 125 55.20 -100.51 -11.44
CA ALA C 126 55.08 -104.29 -11.80
CA ARG C 127 51.55 -104.13 -10.40
CA THR C 128 48.91 -101.40 -10.52
CA ALA C 129 46.55 -100.03 -7.88
CA LEU C 130 42.92 -100.04 -9.00
CA SER C 131 40.24 -98.18 -7.07
CA VAL C 132 37.12 -100.33 -6.70
CA VAL C 133 33.50 -99.98 -5.60
CA THR C 134 31.81 -102.94 -3.93
CA TRP C 135 28.97 -103.89 -1.60
CA ASN C 136 28.87 -105.73 1.71
CA LYS C 137 26.40 -106.38 4.57
CA ASP C 138 24.30 -103.21 4.43
CA ILE C 139 27.40 -101.27 3.32
CA VAL C 140 29.00 -100.37 0.01
CA THR C 141 32.73 -99.61 -0.17
CA LYS C 142 34.17 -97.32 -2.84
CA ILE C 143 37.79 -98.25 -2.29
CA THR C 144 39.88 -95.28 -3.43
CA PRO C 145 43.60 -95.82 -2.87
CA GLU C 146 45.23 -92.41 -2.79
CA GLY C 147 46.88 -91.37 -6.03
CA ALA C 148 44.86 -93.94 -8.00
CA GLU C 149 42.53 -92.58 -10.68
CA GLU C 150 40.70 -93.53 -13.85
CA TRP C 151 42.91 -93.82 -16.91
CA TYR D 1 31.57 -28.82 36.65
CA GLU D 2 30.12 -26.83 33.79
CA HIS D 3 27.57 -28.72 31.71
CA VAL D 4 27.68 -28.73 27.92
CA THR D 5 24.82 -29.98 25.74
CA VAL D 6 23.46 -29.46 22.26
CA ILE D 7 19.90 -28.17 22.21
CA PRO D 8 17.39 -28.67 19.37
CA ASN D 9 16.83 -25.02 18.51
CA THR D 10 13.06 -25.14 18.96
CA VAL D 11 10.76 -23.24 21.31
CA GLY D 12 7.80 -24.06 23.51
CA VAL D 13 9.38 -27.29 24.75
CA PRO D 14 11.53 -27.00 27.89
CA TYR D 15 14.58 -29.26 27.94
CA LYS D 16 15.14 -30.73 31.38
CA THR D 17 18.85 -31.35 31.96
CA LEU D 18 20.39 -33.41 34.75
CA VAL D 19 23.52 -32.05 36.43
CA ASN D 20 25.01 -34.29 39.11
CA ARG D 21 28.66 -34.82 39.80
CA PRO D 22 29.48 -37.37 42.51
CA GLY D 23 29.19 -36.28 46.12
CA TYR D 24 26.17 -34.13 45.34
CA SER D 25 22.43 -34.68 45.47
CA PRO D 26 21.30 -35.00 41.83
CA MET D 27 20.04 -31.70 40.45
CA VAL D 28 17.87 -31.12 37.40
CA LEU D 29 18.13 -27.92 35.38
CA GLU D 30 15.47 -27.43 32.75
CA MET D 31 15.84 -24.94 29.94
CA GLU D 32 13.28 -23.43 27.58
CA LEU D 33 14.09 -21.37 24.50
CA LEU D 34 12.06 -18.19 24.03
CA SER D 35 13.66 -16.62 20.94
CA VAL D 36 16.82 -16.57 18.84
CA THR D 37 18.54 -13.63 17.15
CA LEU D 38 20.00 -13.92 13.63
CA GLU D 39 21.16 -10.61 12.15
CA PRO D 40 22.92 -11.12 8.80
CA THR D 41 25.63 -8.84 7.50
CA LEU D 42 24.45 -5.67 5.80
CA SER D 43 25.97 -4.02 2.73
CA LEU D 44 24.37 -0.92 1.19
CA ASP D 45 24.53 -1.40 -2.56
CA TYR D 46 22.30 1.45 -3.77
CA ILE D 47 18.98 3.13 -3.05
CA THR D 48 16.20 2.83 -5.59
CA CYS D 49 12.69 4.24 -6.00
CA GLU D 50 10.42 5.77 -8.62
CA TYR D 51 11.68 8.39 -11.04
CA LYS D 52 10.18 11.51 -12.58
CA THR D 53 11.63 13.18 -15.65
CA VAL D 54 11.52 16.83 -16.69
CA ILE D 55 9.30 18.34 -19.36
CA PRO D 56 10.68 21.87 -19.76
CA SER D 57 8.98 24.43 -21.98
CA PRO D 58 9.72 23.55 -25.62
CA TYR D 59 11.56 26.09 -27.71
CA VAL D 60 10.36 27.08 -31.17
CA LYS D 61 12.29 29.58 -33.29
CA CYS D 62 9.73 31.19 -35.57
CA CYS D 63 10.96 31.66 -39.16
CA GLY D 64 14.21 29.90 -38.39
CA THR D 65 16.01 26.57 -37.90
CA ALA D 66 17.07 26.54 -34.25
CA GLU D 67 19.99 24.36 -33.21
CA CYS D 68 20.12 21.96 -30.28
CA LYS D 69 22.88 21.74 -27.67
CA ASP D 70 24.49 18.92 -25.69
CA LYS D 71 24.70 18.58 -21.91
CA ASN D 72 26.09 15.96 -19.54
CA LEU D 73 22.85 14.91 -17.85
CA PRO D 74 21.23 11.46 -17.68
CA ASP D 75 19.52 10.70 -21.01
CA TYR D 76 19.74 14.35 -21.98
CA SER D 77 18.12 13.91 -25.39
CA CYS D 78 16.62 16.36 -27.88
CA LYS D 79 15.15 16.43 -31.36
CA VAL D 80 14.61 19.55 -33.45
CA PHE D 81 11.54 19.37 -35.68
CA THR D 82 11.04 21.29 -38.91
CA GLY D 83 7.93 22.38 -40.78
CA VAL D 84 5.57 22.19 -37.81
CA TYR D 85 3.04 25.03 -37.65
CA PRO D 86 2.00 25.19 -33.99
CA PHE D 87 -0.21 27.87 -32.49
CA MET D 88 -1.97 28.38 -29.16
CA TRP D 89 -5.42 29.74 -28.25
CA GLY D 90 -4.60 33.14 -29.68
CA GLY D 91 -4.88 31.86 -33.22
CA ALA D 92 -1.79 31.43 -35.37
CA TYR D 93 1.61 32.01 -33.77
CA CYS D 94 4.36 31.57 -36.36
CA PHE D 95 4.79 34.08 -39.18
CA CYS D 96 6.60 31.84 -41.63
CA ASP D 97 4.67 28.69 -42.45
CA ALA D 98 7.34 26.50 -44.08
CA GLU D 99 10.74 26.75 -42.38
CA ASN D 100 9.53 27.56 -38.86
CA THR D 101 11.11 24.93 -36.62
CA GLN D 102 10.86 23.70 -33.03
CA LEU D 103 13.21 21.83 -30.71
CA SER D 104 12.49 19.81 -27.60
CA GLU D 105 15.03 18.64 -25.02
CA ALA D 106 14.35 16.78 -21.79
CA HIS D 107 16.06 14.33 -19.47
CA VAL D 108 15.33 12.15 -16.47
CA GLU D 109 15.46 13.30 -12.85
CA LYS D 110 15.02 11.80 -9.41
CA SER D 111 11.39 11.72 -8.36
CA GLU D 112 11.40 14.34 -5.61
CA SER D 113 8.54 12.52 -3.87
CA CYS D 114 10.95 9.63 -3.28
CA LYS D 115 12.50 11.58 -0.36
CA THR D 116 10.56 9.22 1.93
CA GLU D 117 9.71 6.16 -0.15
CA PHE D 118 12.79 4.02 -0.64
CA ALA D 119 13.66 0.49 -1.72
CA SER D 120 16.89 -1.18 -0.70
CA ALA D 121 18.89 -4.32 -1.46
CA TYR D 122 21.95 -5.76 0.21
CA ARG D 123 24.72 -8.32 0.05
CA ALA D 124 24.58 -10.40 3.22
CA HIS D 125 26.62 -13.02 5.05
CA THR D 126 26.60 -14.91 8.35
CA ALA D 127 24.20 -13.63 10.98
CA SER D 128 24.82 -12.36 14.49
CA ALA D 129 23.61 -15.19 16.72
CA SER D 130 21.90 -14.20 19.98
CA ALA D 131 19.00 -15.86 21.77
CA LYS D 132 16.22 -15.51 24.32
CA LEU D 133 15.56 -18.46 26.60
CA ARG D 134 13.90 -19.32 29.91
CA VAL D 135 15.71 -21.18 32.70
CA LEU D 136 14.35 -22.72 35.91
CA TYR D 137 16.57 -23.87 38.77
CA GLN D 138 15.25 -24.06 42.33
CA GLY D 139 11.96 -22.32 41.60
CA ASN D 140 13.48 -19.40 39.69
CA ASN D 141 11.67 -18.23 36.55
CA ILE D 142 14.75 -16.65 34.96
CA THR D 143 15.80 -15.80 31.42
CA VAL D 144 18.64 -14.03 29.65
CA THR D 145 19.58 -12.74 26.20
CA ALA D 146 23.15 -12.80 24.92
CA TYR D 147 25.10 -13.32 21.71
CA ALA D 148 24.96 -17.08 21.22
CA ASN D 149 27.33 -16.85 18.24
CA GLY D 150 30.66 -17.23 20.04
CA ASP D 151 31.62 -17.74 23.66
CA HIS D 152 29.97 -14.55 24.80
CA ALA D 153 29.50 -14.76 28.55
CA VAL D 154 26.79 -13.47 30.87
CA THR D 155 25.89 -14.31 34.45
CA VAL D 156 22.91 -13.85 36.76
CA LYS D 157 22.92 -15.11 40.36
CA ASP D 158 26.50 -16.34 39.92
CA ALA D 159 25.43 -18.64 37.06
CA LYS D 160 27.89 -18.53 34.16
CA PHE D 161 26.34 -18.57 30.67
CA ILE D 162 27.87 -19.26 27.27
CA VAL D 163 25.97 -20.78 24.35
CA GLY D 164 28.41 -21.20 21.49
CA PRO D 165 27.92 -21.64 17.75
CA MET D 166 24.74 -22.98 16.19
CA SER D 167 26.36 -25.97 14.40
CA SER D 168 24.39 -24.97 11.28
CA ALA D 169 25.52 -21.97 9.23
CA TRP D 170 22.43 -22.16 7.01
CA THR D 171 20.55 -18.92 6.40
CA PRO D 172 17.09 -18.07 5.09
CA PHE D 173 18.70 -15.45 2.87
CA ASP D 174 20.61 -15.16 -0.39
CA ASN D 175 23.56 -12.95 -1.22
CA LYS D 176 21.37 -10.70 -3.35
CA ILE D 177 18.30 -9.68 -1.34
CA VAL D 178 16.04 -6.63 -1.59
CA VAL D 179 13.89 -5.00 1.11
CA TYR D 180 10.85 -2.75 0.63
CA LYS D 181 9.54 -0.62 3.48
CA GLY D 182 9.43 -3.23 6.21
CA ASP D 183 9.22 -6.22 3.89
CA VAL D 184 12.06 -7.98 2.09
CA TYR D 185 12.12 -10.17 -1.03
CA ASN D 186 14.58 -12.66 -2.54
CA MET D 187 15.90 -11.90 -6.03
CA ASP D 188 19.11 -11.00 -7.86
CA TYR D 189 18.86 -7.28 -8.50
CA PRO D 190 20.42 -5.79 -11.62
CA PRO D 191 24.01 -4.67 -11.11
CA PHE D 192 24.73 -1.00 -10.55
CA GLY D 193 24.41 1.06 -13.70
CA ALA D 194 22.91 -1.76 -15.75
CA GLY D 195 19.19 -1.88 -14.90
CA ARG D 196 17.88 -1.83 -18.49
CA PRO D 197 14.28 -0.63 -18.61
CA GLY D 198 11.09 -2.46 -17.78
CA GLN D 199 12.19 -4.83 -15.04
CA PHE D 200 13.09 -4.06 -11.44
CA GLY D 201 15.40 -1.20 -10.56
CA ASP D 202 15.30 0.60 -13.88
CA ILE D 203 16.95 3.61 -12.18
CA GLN D 204 20.14 3.74 -10.15
CA SER D 205 21.40 5.84 -7.21
CA ARG D 206 23.39 5.08 -4.05
CA THR D 207 22.15 7.35 -1.26
CA PRO D 208 18.81 9.14 -0.74
CA GLU D 209 20.70 12.40 -1.26
CA SER D 210 23.15 11.13 -3.92
CA LYS D 211 22.79 13.46 -6.91
CA ASP D 212 24.58 10.79 -8.95
CA VAL D 213 21.70 9.23 -10.88
CA TYR D 214 21.62 6.58 -13.59
CA ALA D 215 18.67 5.72 -15.81
CA ASN D 216 18.87 3.42 -18.83
CA THR D 217 15.24 3.93 -19.72
CA GLN D 218 15.19 5.32 -23.32
CA LEU D 219 12.55 8.01 -22.73
CA VAL D 220 13.04 9.10 -26.33
CA LEU D 221 10.85 11.70 -28.01
CA GLN D 222 8.88 11.81 -31.26
CA ARG D 223 7.49 14.57 -33.44
CA PRO D 224 4.64 16.88 -32.39
CA ALA D 225 1.27 16.16 -33.92
CA ALA D 226 -0.41 19.41 -35.01
CA GLY D 227 -1.27 22.90 -33.89
CA THR D 228 -0.85 22.46 -30.15
CA VAL D 229 2.58 22.54 -28.56
CA HIS D 230 3.05 19.46 -26.40
CA VAL D 231 5.60 16.81 -25.43
CA PRO D 232 5.68 13.94 -27.92
CA TYR D 233 7.87 11.46 -26.08
CA SER D 234 8.16 7.72 -25.73
CA GLN D 235 7.01 6.97 -22.20
CA ALA D 236 8.80 4.19 -20.31
CA PRO D 237 8.02 4.69 -16.61
CA SER D 238 9.17 2.94 -13.48
CA GLY D 239 8.79 -0.74 -12.85
CA PHE D 240 8.38 0.07 -9.16
CA LYS D 241 4.60 0.28 -9.30
CA TYR D 242 4.63 -3.02 -11.13
CA TRP D 243 6.94 -4.66 -8.63
CA LEU D 244 4.48 -3.51 -6.00
CA LYS D 245 1.81 -5.20 -8.11
CA GLU D 246 3.49 -8.57 -8.72
CA ARG D 247 5.37 -8.61 -5.44
CA GLY D 248 5.29 -12.40 -5.55
CA ALA D 249 5.22 -12.97 -1.81
CA SER D 250 7.12 -12.03 1.31
CA LEU D 251 10.08 -14.34 1.74
CA GLN D 252 8.64 -14.46 5.25
CA HIS D 253 5.72 -16.23 3.63
CA THR D 254 8.18 -18.34 1.60
CA ALA D 255 10.95 -19.05 4.10
CA PRO D 256 11.16 -22.75 5.03
CA PHE D 257 10.69 -23.33 8.77
CA GLY D 258 8.89 -19.98 8.83
CA CYS D 259 11.01 -17.72 10.99
CA GLN D 260 9.95 -14.10 10.95
CA ILE D 261 11.51 -10.99 9.45
CA ALA D 262 11.74 -7.58 11.10
CA THR D 263 12.26 -3.93 10.16
CA ASN D 264 15.61 -2.11 9.74
CA PRO D 265 16.93 -4.41 12.48
CA VAL D 266 16.59 -7.24 9.98
CA ARG D 267 15.83 -10.36 12.00
CA ALA D 268 15.47 -14.11 11.49
CA MET D 269 13.53 -15.15 14.58
CA ASN D 270 12.78 -18.74 15.61
CA CYS D 271 13.03 -21.14 12.69
CA ALA D 272 14.43 -24.33 14.18
CA VAL D 273 17.31 -25.92 12.28
CA GLY D 274 19.61 -28.49 13.84
CA ASN D 275 20.75 -28.22 17.44
CA MET D 276 22.29 -25.60 19.72
CA PRO D 277 25.33 -26.23 21.92
CA ILE D 278 24.97 -24.59 25.33
CA SER D 279 27.39 -24.27 28.24
CA ILE D 280 26.29 -22.83 31.59
CA ASP D 281 27.54 -23.32 35.12
CA ILE D 282 27.01 -22.13 38.67
CA PRO D 283 29.53 -22.87 41.45
CA ASP D 284 28.78 -25.35 44.16
CA ALA D 285 27.86 -22.29 46.17
CA ALA D 286 24.46 -23.30 44.79
CA PHE D 287 25.04 -26.36 46.95
CA THR D 288 22.75 -29.18 48.02
CA ARG D 289 22.40 -31.76 50.77
CA VAL D 290 25.06 -33.59 48.78
CA VAL D 291 24.52 -36.88 50.63
CA ASP D 292 21.96 -36.09 53.37
CA ALA D 293 19.10 -35.24 51.03
CA PRO D 294 16.01 -37.37 51.77
CA SER D 295 16.40 -40.82 50.24
CA LEU D 296 13.45 -42.91 49.13
CA THR D 297 12.82 -46.55 49.97
CA ASP D 298 10.40 -49.31 48.94
CA MET D 299 9.08 -46.89 46.33
CA SER D 300 6.64 -48.45 43.88
CA CYS D 301 5.36 -46.92 40.63
CA GLU D 302 2.13 -47.61 38.78
CA VAL D 303 0.08 -46.13 35.96
CA PRO D 304 -3.68 -45.46 36.05
CA ALA D 305 -3.74 -44.81 32.30
CA CYS D 306 -1.85 -43.02 29.56
CA THR D 307 -2.56 -41.96 25.98
CA HIS D 308 0.16 -40.75 23.64
CA SER D 309 -0.76 -37.22 22.58
CA SER D 310 0.90 -33.96 21.62
CA ASP D 311 0.64 -33.13 25.32
CA PHE D 312 0.57 -34.93 28.67
CA GLY D 313 -1.96 -37.66 28.01
CA GLY D 314 0.08 -39.87 30.33
CA VAL D 315 -0.09 -39.67 34.13
CA ALA D 316 1.31 -42.18 36.61
CA ILE D 317 1.35 -42.68 40.37
CA ILE D 318 4.21 -43.67 42.66
CA LYS D 319 3.86 -45.22 46.11
CA TYR D 320 6.94 -44.63 48.20
CA ALA D 321 8.63 -44.23 51.56
CA VAL D 322 11.34 -41.69 52.33
CA SER D 323 13.56 -40.72 55.25
CA LYS D 324 12.34 -37.17 55.92
CA LYS D 325 10.28 -34.34 54.48
CA GLY D 326 11.72 -32.31 51.63
CA LYS D 327 11.55 -31.68 47.91
CA CYS D 328 13.88 -33.74 45.72
CA ALA D 329 14.25 -33.76 41.96
CA VAL D 330 12.94 -36.42 39.58
CA HIS D 331 14.01 -37.69 36.18
CA SER D 332 13.39 -40.50 33.72
CA MET D 333 16.78 -41.75 32.57
CA THR D 334 14.93 -43.43 29.70
CA ASN D 335 15.03 -41.30 26.57
CA ALA D 336 11.48 -41.98 25.39
CA VAL D 337 9.47 -40.68 28.34
CA THR D 338 9.48 -37.02 29.30
CA ILE D 339 8.11 -35.11 32.29
CA ARG D 340 6.93 -31.57 33.00
CA GLU D 341 7.13 -31.45 36.80
CA ALA D 342 10.53 -30.94 38.41
CA GLU D 343 10.49 -31.79 42.13
CA ILE D 344 8.01 -32.34 44.94
CA GLU D 345 8.18 -32.79 48.69
CA VAL D 346 7.32 -36.26 49.98
CA GLU D 347 6.96 -35.92 53.81
CA GLY D 348 7.64 -39.53 54.67
CA ASN D 349 5.35 -42.36 53.62
CA SER D 350 2.79 -40.76 51.30
CA GLN D 351 1.56 -40.82 47.70
CA LEU D 352 2.77 -38.87 44.68
CA GLN D 353 1.21 -38.21 41.27
CA ILE D 354 3.31 -37.72 38.13
CA SER D 355 2.33 -36.82 34.58
CA PHE D 356 4.44 -37.45 31.49
CA SER D 357 4.43 -37.77 27.71
CA THR D 358 5.68 -40.07 24.95
CA ALA D 359 4.66 -41.37 21.56
CA LEU D 360 5.63 -44.89 22.58
CA ALA D 361 2.69 -47.26 23.03
CA SER D 362 4.00 -49.17 26.09
CA ALA D 363 5.75 -47.03 28.70
CA GLU D 364 8.15 -49.65 30.02
CA PHE D 365 11.01 -47.50 31.21
CA ARG D 366 13.14 -46.25 34.11
CA VAL D 367 12.96 -43.14 36.29
CA GLN D 368 15.59 -41.83 38.69
CA VAL D 369 13.75 -39.90 41.41
CA CYS D 370 16.44 -37.89 43.24
CA SER D 371 18.84 -40.82 42.86
CA THR D 372 16.16 -43.50 43.29
CA GLN D 373 15.48 -45.87 40.40
CA VAL D 374 12.50 -48.05 39.47
CA HIS D 375 11.07 -49.73 36.40
CA CYS D 376 7.68 -48.39 35.31
CA ALA D 377 5.41 -50.49 33.09
CA ALA D 378 2.47 -48.97 31.25
CA GLU D 379 0.19 -49.22 28.23
CA CYS D 380 -0.67 -46.25 26.04
CA HIS D 381 -3.57 -45.27 23.78
CA PRO D 382 -4.25 -43.03 20.77
CA PRO D 383 -6.66 -40.10 20.67
CA LYS D 384 -8.87 -39.40 17.65
CA ASP D 385 -7.72 -37.58 14.49
CA HIS D 386 -6.52 -34.38 16.12
CA ILE D 387 -4.17 -31.50 15.40
CA VAL D 388 -3.10 -29.44 18.39
CA ASN D 389 -1.78 -25.88 18.24
CA TYR D 390 1.38 -26.78 20.10
CA PRO D 391 3.79 -29.45 18.85
CA ALA D 392 4.38 -32.85 20.45
CA SER D 393 5.88 -32.29 23.88
CA HIS D 394 7.81 -35.56 23.74
CA THR D 395 10.46 -36.45 21.19
CA THR D 396 10.03 -38.66 18.13
CA LEU D 397 9.68 -42.44 18.18
CA GLY D 398 11.87 -42.95 15.14
CA VAL D 399 12.47 -46.61 14.28
CA GLN D 400 13.01 -47.94 17.83
CA ASP D 401 9.96 -50.17 17.17
CA ILE D 402 8.87 -51.26 20.66
CA SER D 403 5.30 -51.75 19.41
CA ALA D 404 3.52 -52.18 22.74
CA THR D 405 1.73 -55.51 22.38
CA ALA D 406 4.07 -56.50 19.58
CA MET D 407 6.66 -56.25 22.30
CA SER D 408 4.76 -59.20 23.75
CA TRP D 409 3.87 -60.39 20.26
CA VAL D 410 7.53 -60.48 19.21
CA GLN D 411 8.05 -62.61 22.26
CA LYS D 412 5.39 -64.62 20.42
CA ILE D 413 6.38 -64.45 16.75
CA THR D 414 10.08 -63.86 17.38
CA GLY D 415 9.52 -66.88 19.56
CA GLY D 416 7.36 -68.30 16.79
CA VAL D 417 10.08 -67.77 14.23
CA GLY D 418 12.41 -68.61 17.11
CA LEU D 419 10.77 -72.02 17.02
CA VAL D 420 11.17 -71.96 13.24
CA VAL D 421 14.80 -70.83 13.28
CA ALA D 422 15.50 -73.27 16.12
CA VAL D 423 14.04 -76.22 14.24
CA ALA D 424 16.00 -75.19 11.15
CA ALA D 425 19.16 -74.90 13.23
CA LEU D 426 19.10 -78.25 14.98
CA ILE D 427 17.89 -80.07 11.87
CA LEU D 428 20.87 -78.61 10.00
CA ILE D 429 23.16 -79.55 12.89
CA VAL D 430 22.02 -83.16 13.15
CA VAL D 431 22.12 -83.70 9.40
CA LEU D 432 25.54 -82.10 9.05
CA CYS D 433 26.79 -84.36 11.84
CA VAL D 434 25.56 -87.55 10.17
CA SER D 435 27.39 -86.59 6.97
CA PHE D 436 30.77 -87.36 8.55
CA SER D 437 29.36 -90.31 10.51
CA ARG D 438 28.40 -92.00 7.24
CA HIS D 439 31.79 -90.97 5.83
CA ASN E 1 2.24 32.50 5.88
CA PHE E 2 3.58 31.68 2.39
CA ASN E 3 4.68 35.26 1.87
CA VAL E 4 5.72 34.41 -1.69
CA TYR E 5 2.43 34.54 -3.62
CA LYS E 6 2.53 38.33 -3.97
CA ALA E 7 4.66 38.78 -7.10
CA THR E 8 3.06 35.65 -8.57
CA ARG E 9 0.24 35.24 -11.06
CA PRO E 10 -2.19 32.63 -12.37
CA TYR E 11 -2.08 31.48 -15.97
CA LEU E 12 -4.56 29.92 -18.34
CA ALA E 13 -3.42 27.08 -20.60
CA HIS E 14 -4.80 24.39 -22.94
CA CYS E 15 -6.69 21.33 -21.73
CA PRO E 16 -6.99 18.28 -24.03
CA ASP E 17 -10.78 18.35 -23.61
CA CYS E 18 -13.51 20.49 -22.09
CA GLY E 19 -16.99 19.03 -21.59
CA GLU E 20 -17.54 18.12 -25.23
CA GLY E 21 -14.29 16.25 -25.83
CA HIS E 22 -12.94 19.14 -27.91
CA SER E 23 -9.41 20.34 -27.28
CA CYS E 24 -9.91 23.83 -25.88
CA HIS E 25 -7.84 26.06 -23.64
CA SER E 26 -8.93 26.13 -20.03
CA PRO E 27 -8.48 28.50 -17.09
CA VAL E 28 -7.63 25.54 -14.85
CA ALA E 29 -6.23 23.23 -17.51
CA LEU E 30 -4.57 20.40 -15.62
CA GLU E 31 -1.01 19.55 -16.45
CA ARG E 32 0.20 16.63 -14.33
CA ILE E 33 -0.59 14.49 -11.31
CA ARG E 34 1.42 12.59 -8.72
CA ASN E 35 0.17 9.42 -7.04
CA GLU E 36 2.90 8.04 -4.79
CA ALA E 37 1.31 7.99 -1.34
CA THR E 38 0.78 4.54 0.14
CA ASP E 39 -2.60 5.72 1.38
CA GLY E 40 -3.78 6.43 -2.14
CA THR E 41 -4.72 10.09 -1.80
CA LEU E 42 -4.45 12.03 -5.05
CA LYS E 43 -2.36 15.17 -5.43
CA ILE E 44 -2.59 17.25 -8.58
CA GLN E 45 -0.89 20.07 -10.46
CA VAL E 46 -3.23 22.74 -11.82
CA SER E 47 -2.81 26.27 -13.16
CA LEU E 48 -5.02 27.75 -10.41
CA GLN E 49 -4.14 29.23 -7.03
CA ILE E 50 -6.55 27.99 -4.36
CA GLY E 51 -7.35 30.07 -1.28
CA ILE E 52 -5.59 33.34 -2.21
CA GLY E 53 -7.02 35.97 -4.53
CA THR E 54 -5.73 39.05 -6.32
CA ASP E 55 -5.46 40.75 -2.93
CA ASP E 56 -2.51 38.39 -2.26
CA SER E 57 -3.82 38.14 1.31
CA HIS E 58 -4.04 35.25 3.79
CA ASP E 59 -7.63 34.57 2.71
CA TRP E 60 -9.10 31.07 2.76
CA THR E 61 -12.15 30.88 0.45
CA LYS E 62 -11.41 33.34 -2.37
CA LEU E 63 -9.85 32.16 -5.64
CA ARG E 64 -7.62 33.70 -8.29
CA TYR E 65 -8.00 32.23 -11.79
CA MET E 66 -6.54 33.62 -15.00
CA ASP E 67 -8.69 34.32 -18.07
CA ASN E 68 -8.51 36.69 -21.05
CA HIS E 69 -4.93 37.59 -20.00
CA ILE E 70 -6.36 39.21 -16.87
CA PRO E 71 -6.72 37.90 -13.32
CA ALA E 72 -10.10 36.77 -12.05
CA ASP E 73 -11.36 35.50 -8.71
CA ALA E 74 -13.96 33.05 -7.44
CA GLY E 75 -14.96 31.00 -4.40
CA ARG E 76 -13.80 27.55 -3.32
CA ALA E 77 -17.30 26.07 -3.33
CA GLY E 78 -17.34 25.47 -7.08
CA LEU E 79 -14.14 23.52 -7.64
CA PHE E 80 -14.35 19.73 -7.72
CA VAL E 81 -12.72 16.62 -9.15
CA ARG E 82 -14.01 13.22 -10.23
CA THR E 83 -12.74 9.88 -11.48
CA SER E 84 -15.93 7.83 -11.52
CA ALA E 85 -18.00 9.53 -8.79
CA PRO E 86 -17.93 12.86 -6.94
CA CYS E 87 -15.06 12.63 -4.46
CA THR E 88 -13.99 14.90 -1.64
CA ILE E 89 -11.16 17.43 -1.62
CA THR E 90 -8.56 16.63 1.05
CA GLY E 91 -6.57 19.81 1.45
CA THR E 92 -5.62 22.70 -0.82
CA MET E 93 -2.69 25.04 -1.35
CA GLY E 94 -2.04 27.26 -4.37
CA HIS E 95 -1.51 25.09 -7.43
CA PHE E 96 -1.62 21.79 -5.55
CA ILE E 97 -4.51 20.15 -3.73
CA LEU E 98 -5.20 16.70 -2.28
CA ALA E 99 -8.38 14.69 -2.58
CA ARG E 100 -9.67 11.26 -1.62
CA CYS E 101 -11.19 9.62 -4.64
CA PRO E 102 -12.27 6.08 -5.57
CA LYS E 103 -11.13 4.04 -8.56
CA GLY E 104 -11.55 5.58 -11.98
CA GLU E 105 -10.06 4.89 -15.40
CA THR E 106 -10.11 8.66 -16.04
CA LEU E 107 -9.94 11.60 -13.64
CA THR E 108 -10.99 15.22 -14.09
CA VAL E 109 -11.35 18.60 -12.43
CA GLY E 110 -14.32 20.95 -12.54
CA PHE E 111 -15.36 24.37 -11.37
CA THR E 112 -17.83 27.05 -12.40
CA ASP E 113 -17.35 30.68 -13.32
CA SER E 114 -18.78 33.44 -11.14
CA ARG E 115 -21.28 33.90 -13.98
CA LYS E 116 -22.15 30.17 -13.76
CA ILE E 117 -19.93 28.79 -16.54
CA SER E 118 -18.91 25.29 -15.46
CA HIS E 119 -15.43 24.76 -16.86
CA SER E 120 -14.40 21.10 -16.98
CA CYS E 121 -10.82 20.01 -17.61
CA THR E 122 -10.43 16.23 -17.84
CA HIS E 123 -7.50 13.88 -18.26
CA PRO E 124 -7.44 10.14 -19.01
CA PHE E 125 -5.62 8.31 -16.24
CA HIS E 126 -6.09 4.78 -14.94
CA HIS E 127 -5.88 4.98 -11.15
CA ASP E 128 -5.37 1.73 -9.27
CA PRO E 129 -5.02 2.20 -5.51
CA PRO E 130 -2.05 0.19 -4.23
CA VAL E 131 -2.82 -3.26 -2.84
CA ILE E 132 -1.87 -2.50 0.74
CA GLY E 133 -1.79 -5.32 3.25
CA ARG E 134 -2.82 -8.79 2.12
CA GLU E 135 -6.62 -8.64 1.85
CA LYS E 136 -8.23 -6.55 -0.89
CA PHE E 137 -10.55 -4.59 1.37
CA HIS E 138 -12.28 -1.40 0.23
CA SER E 139 -12.35 1.37 2.84
CA ARG E 140 -11.69 2.45 6.42
CA PRO E 141 -13.16 -0.13 8.84
CA GLN E 142 -14.09 0.23 12.50
CA HIS E 143 -11.14 -1.77 13.84
CA GLY E 144 -8.17 -3.73 12.54
CA LYS E 145 -4.43 -4.22 12.65
CA GLU E 146 -2.15 -1.27 12.01
CA LEU E 147 0.13 -1.22 8.99
CA PRO E 148 2.71 1.48 8.23
CA CYS E 149 1.90 3.91 5.45
CA SER E 150 2.82 7.33 4.09
CA THR E 151 0.86 10.35 2.91
CA TYR E 152 0.94 14.14 2.74
CA VAL E 153 0.15 16.64 5.49
CA GLN E 154 -0.95 20.26 5.72
CA SER E 155 2.34 21.46 7.23
CA ASN E 156 3.40 24.33 4.97
CA ALA E 157 7.05 23.97 6.10
CA ALA E 158 7.76 21.58 3.20
CA THR E 159 11.26 22.02 1.77
CA ALA E 160 13.87 20.02 -0.16
CA GLU E 161 11.88 20.47 -3.37
CA GLU E 162 11.81 22.72 -6.43
CA ILE E 163 8.94 24.70 -7.96
CA GLU E 164 10.19 26.88 -10.80
CA VAL E 165 9.46 30.61 -10.97
CA HIS E 166 9.84 32.23 -14.39
CA MET E 167 8.52 35.18 -16.42
CA PRO E 168 5.51 35.12 -18.75
CA PRO E 169 5.85 35.08 -22.55
CA ASP E 170 3.77 37.02 -25.08
CA THR E 171 0.10 36.53 -25.95
CA PRO E 172 -1.15 36.94 -29.53
CA ASP E 173 -4.56 38.43 -30.33
CA ARG E 174 -6.53 39.58 -33.36
CA THR E 175 -9.08 41.63 -31.40
CA LEU E 176 -6.73 44.57 -30.78
CA LEU E 177 -5.85 44.72 -34.50
CA SER E 178 -8.33 45.57 -37.27
CA GLN E 179 -8.58 46.73 -40.86
CA GLN E 180 -9.48 50.40 -41.07
CA SER E 181 -9.46 52.78 -44.04
CA GLY E 182 -6.77 50.88 -45.91
CA ASN E 183 -4.03 50.34 -43.34
CA VAL E 184 -4.24 48.25 -40.15
CA LYS E 185 -5.95 49.51 -37.02
CA ILE E 186 -4.21 48.49 -33.80
CA THR E 187 -5.30 49.09 -30.22
CA VAL E 188 -3.31 49.05 -26.98
CA ASN E 189 -5.31 50.36 -24.00
CA GLY E 190 -2.16 50.26 -21.87
CA ARG E 191 -0.43 46.97 -22.72
CA THR E 192 2.54 45.70 -24.69
CA VAL E 193 2.14 44.85 -28.38
CA ARG E 194 5.10 42.94 -29.85
CA TYR E 195 4.24 44.44 -33.22
CA LYS E 196 5.52 42.80 -36.40
CA CYS E 197 4.25 42.72 -39.97
CA ASN E 198 5.29 41.58 -43.44
CA CYS E 199 4.82 44.89 -45.28
CA GLY E 200 7.80 47.07 -46.19
CA GLY E 201 9.81 48.20 -43.17
CA SER E 202 7.03 46.86 -40.94
CA ASN E 203 9.34 45.03 -38.51
CA GLU E 204 9.49 47.64 -35.75
CA GLY E 205 9.01 45.18 -32.88
CA LEU E 206 7.46 45.50 -29.46
CA ILE E 207 5.76 48.81 -28.64
CA THR E 208 3.85 49.94 -25.57
CA THR E 209 1.52 52.61 -27.01
CA ASP E 210 -0.73 52.96 -30.04
CA LYS E 211 1.13 53.11 -33.36
CA VAL E 212 -0.93 52.45 -36.47
CA ILE E 213 1.30 51.67 -39.45
CA ASN E 214 1.18 52.42 -43.19
CA ASN E 215 -1.08 50.75 -45.77
CA CYS E 216 -1.23 47.02 -44.98
CA LYS E 217 -3.90 44.43 -44.24
CA VAL E 218 -4.85 42.28 -41.26
CA ASP E 219 -3.78 38.96 -42.78
CA GLN E 220 -0.35 40.52 -43.21
CA CYS E 221 0.49 41.83 -39.71
CA HIS E 222 0.44 40.15 -36.31
CA ALA E 223 1.21 41.08 -32.71
CA ALA E 224 1.22 39.54 -29.23
CA VAL E 225 0.74 41.35 -25.92
CA THR E 226 3.75 40.46 -23.77
CA ASN E 227 3.07 40.78 -20.06
CA HIS E 228 5.96 41.65 -17.75
CA LYS E 229 4.35 42.78 -14.47
CA LYS E 230 4.77 39.61 -12.41
CA TRP E 231 6.56 36.25 -12.43
CA GLN E 232 5.42 32.95 -13.90
CA TYR E 233 6.20 29.22 -13.84
CA ASN E 234 8.08 26.88 -16.16
CA SER E 235 5.27 24.86 -17.62
CA PRO E 236 5.48 22.30 -20.45
CA LEU E 237 2.37 23.85 -22.06
CA VAL E 238 3.96 27.09 -23.30
CA PRO E 239 7.11 28.15 -25.19
CA ARG E 240 10.14 29.57 -23.39
CA ASN E 241 10.90 33.24 -22.78
CA ALA E 242 11.63 33.53 -26.51
CA GLU E 243 15.25 32.55 -25.85
CA LEU E 244 15.95 30.23 -22.94
CA GLY E 245 14.60 29.50 -19.48
CA ASP E 246 17.07 31.83 -17.79
CA ARG E 247 14.93 33.42 -15.08
CA LYS E 248 15.09 31.37 -11.88
CA GLY E 249 12.99 31.18 -8.75
CA LYS E 250 12.04 28.57 -6.17
CA ILE E 251 8.86 28.23 -4.10
CA ARG E 252 7.84 25.42 -1.78
CA ILE E 253 5.64 22.53 -2.84
CA PRO E 254 2.91 21.87 -0.25
CA PHE E 255 1.92 18.58 1.34
CA PRO E 256 5.15 16.53 1.56
CA LEU E 257 5.50 12.84 2.28
CA ALA E 258 5.33 11.52 5.83
CA ASN E 259 5.61 7.89 6.91
CA VAL E 260 2.32 7.28 8.71
CA THR E 261 0.14 4.47 10.03
CA CYS E 262 -3.02 2.78 8.79
CA MET E 263 -5.41 0.07 9.96
CA VAL E 264 -6.60 -2.95 7.97
CA PRO E 265 -9.54 -5.14 9.06
CA LYS E 266 -8.55 -8.58 10.32
CA ALA E 267 -10.55 -11.36 8.71
CA ARG E 268 -12.77 -13.79 10.55
CA ASN E 269 -11.51 -17.16 11.81
CA PRO E 270 -13.56 -20.00 10.31
CA THR E 271 -13.02 -23.41 11.86
CA VAL E 272 -11.59 -26.54 10.26
CA THR E 273 -12.06 -30.30 10.19
CA TYR E 274 -9.40 -33.00 10.38
CA GLY E 275 -8.97 -35.54 7.63
CA LYS E 276 -7.75 -39.05 8.33
CA ASN E 277 -4.03 -38.29 8.62
CA GLN E 278 -5.14 -35.02 7.04
CA VAL E 279 -7.00 -31.76 7.54
CA ILE E 280 -9.60 -29.93 5.48
CA MET E 281 -10.29 -26.27 6.16
CA LEU E 282 -13.58 -24.43 5.70
CA LEU E 283 -13.27 -20.90 4.37
CA TYR E 284 -15.73 -18.11 4.87
CA PRO E 285 -14.59 -14.67 3.71
CA ASP E 286 -15.83 -11.11 4.02
CA HIS E 287 -14.54 -9.71 0.72
CA PRO E 288 -12.46 -11.16 -2.10
CA THR E 289 -8.98 -11.75 -0.72
CA LEU E 290 -5.85 -13.84 -1.01
CA LEU E 291 -4.53 -16.41 1.43
CA SER E 292 -1.88 -19.08 1.49
CA TYR E 293 -0.21 -21.93 3.37
CA ARG E 294 3.09 -23.77 3.17
CA SER E 295 5.23 -26.39 4.87
CA MET E 296 7.75 -25.79 7.65
CA GLY E 297 10.03 -28.44 6.17
CA GLU E 298 12.95 -27.87 3.86
CA GLU E 299 10.62 -27.37 0.89
CA PRO E 300 7.90 -24.83 1.71
CA ASN E 301 5.73 -26.02 -1.19
CA TYR E 302 4.43 -22.48 -1.04
CA GLN E 303 0.85 -22.16 -2.28
CA GLU E 304 -0.87 -18.75 -2.38
CA GLU E 305 -4.38 -18.22 -3.68
CA TRP E 306 -7.08 -15.57 -3.92
CA VAL E 307 -10.66 -16.26 -2.85
CA THR E 308 -13.98 -14.40 -2.97
CA HIS E 309 -16.49 -16.79 -1.38
CA LYS E 310 -16.52 -19.89 0.82
CA LYS E 311 -13.96 -22.49 -0.21
CA GLU E 312 -13.56 -26.00 1.16
CA VAL E 313 -9.88 -26.83 0.73
CA VAL E 314 -8.15 -29.99 1.86
CA LEU E 315 -4.77 -29.21 3.41
CA THR E 316 -2.22 -31.94 2.78
CA VAL E 317 -0.54 -32.17 6.17
CA PRO E 318 3.19 -32.87 5.89
CA THR E 319 4.83 -35.40 8.17
CA GLU E 320 6.35 -32.64 10.32
CA GLY E 321 3.93 -29.70 10.38
CA LEU E 322 1.55 -27.58 8.30
CA GLU E 323 1.44 -23.77 8.37
CA VAL E 324 -1.30 -21.54 6.97
CA THR E 325 -1.81 -17.94 5.88
CA TRP E 326 -5.01 -15.93 6.28
CA GLY E 327 -5.90 -12.28 6.88
CA ASN E 328 -3.93 -9.86 8.99
CA ASN E 329 -4.16 -12.46 11.75
CA GLU E 330 -0.96 -14.32 12.52
CA PRO E 331 -0.53 -17.72 10.84
CA TYR E 332 -1.44 -20.95 12.58
CA LYS E 333 0.99 -23.75 13.38
CA TYR E 334 -0.22 -27.31 13.04
CA TRP E 335 1.25 -30.68 13.85
CA PRO E 336 0.33 -34.08 12.39
CA GLN E 337 -0.58 -36.12 15.44
CA LEU E 338 -1.15 -39.85 15.30
CA SER E 339 -4.81 -40.28 14.44
CA ALA E 340 -6.15 -43.86 14.80
CA ASN E 341 -9.69 -42.99 13.74
CA GLY E 342 -10.60 -46.57 14.53
CA THR E 343 -7.91 -49.09 15.53
CA ALA E 344 -7.89 -47.94 19.14
CA HIS E 345 -5.24 -50.15 20.65
CA GLY E 346 -6.99 -52.87 22.64
CA HIS E 347 -4.05 -55.24 21.98
CA PRO E 348 -6.04 -57.98 20.17
CA HIS E 349 -4.95 -60.43 17.48
CA GLU E 350 -3.62 -58.95 14.20
CA ILE E 351 -3.46 -55.44 15.68
CA ILE E 352 -0.69 -54.75 13.14
CA LEU E 353 -3.25 -52.50 11.45
CA TYR E 354 -2.55 -50.13 14.35
CA TYR E 355 0.62 -49.49 12.37
CA TYR E 356 -0.92 -50.11 8.95
CA GLU E 357 -2.78 -46.82 9.27
CA LEU E 358 -1.10 -45.01 12.15
CA TYR E 359 2.60 -44.44 11.43
CA PRO E 360 2.07 -46.23 8.11
CA THR E 361 3.97 -47.32 5.01
CA MET E 362 7.25 -47.46 6.93
CA THR E 363 6.84 -50.39 9.31
CA VAL E 364 4.29 -51.82 6.86
CA VAL E 365 6.96 -52.30 4.23
CA VAL E 366 9.32 -53.37 7.01
CA VAL E 367 6.77 -55.99 8.08
CA SER E 368 6.57 -57.09 4.45
CA VAL E 369 10.37 -57.45 4.36
CA ALA E 370 10.25 -59.41 7.62
CA SER E 371 7.67 -61.74 6.08
CA PHE E 372 9.86 -62.12 3.00
CA ILE E 373 12.94 -62.98 5.06
CA LEU E 374 10.85 -65.40 7.11
CA LEU E 375 9.82 -67.11 3.88
CA SER E 376 13.47 -67.12 2.81
CA MET E 377 14.43 -68.83 6.07
CA VAL E 378 11.66 -71.40 5.73
CA GLY E 379 12.69 -72.01 2.12
CA MET E 380 16.25 -72.62 3.30
CA ALA E 381 14.74 -75.03 5.83
CA VAL E 382 12.79 -76.80 3.08
CA GLY E 383 15.89 -77.06 0.90
CA MET E 384 17.81 -78.52 3.82
CA CYS E 385 14.95 -80.96 4.42
CA MET E 386 15.16 -82.05 0.78
CA CYS E 387 18.91 -82.43 1.22
CA ALA E 388 18.06 -84.52 4.29
CA ARG E 389 15.87 -86.73 2.14
CA ARG E 390 18.84 -86.97 -0.24
CA ARG E 391 21.12 -88.11 2.60
CA CYS E 392 18.53 -90.77 3.40
CA ILE E 393 18.59 -91.69 -0.30
CA THR E 394 22.34 -91.17 -0.65
CA PRO E 395 23.67 -94.53 0.64
CA TYR E 396 20.55 -96.67 0.46
CA GLU E 397 18.91 -96.07 -2.95
CA LEU E 398 21.56 -97.98 -4.89
CA THR E 399 21.91 -101.09 -2.78
CA PRO E 400 21.16 -104.46 -4.41
CA GLY E 401 19.80 -105.62 -1.05
CA ALA E 402 17.54 -102.60 -0.45
CA THR E 403 16.52 -103.99 2.93
CA VAL E 404 16.88 -102.21 6.28
CA PRO E 405 13.39 -101.32 7.57
CA PHE E 406 12.17 -100.63 11.11
CA LEU E 407 14.92 -98.06 11.57
CA LEU E 408 15.66 -96.32 8.28
CA SER E 409 12.09 -95.19 7.62
CA LEU E 410 12.39 -93.01 10.73
CA ILE E 411 11.40 -89.97 8.66
CA CYS E 412 10.06 -92.33 5.96
CA CYS E 413 13.18 -92.32 3.82
CA ILE E 414 11.68 -95.39 2.06
CA ARG E 415 8.45 -95.92 0.12
CA THR E 416 7.72 -92.44 -1.22
CA ALA E 417 6.17 -92.05 -4.67
CA LYS E 418 8.12 -88.84 -5.37
CA ALA E 419 11.70 -87.73 -4.66
CA ASN F 1 77.32 -95.60 -35.87
CA ASP F 2 79.99 -94.57 -33.35
CA CYS F 3 80.01 -90.72 -33.15
CA ILE F 4 77.00 -90.84 -30.79
CA PHE F 5 77.12 -88.83 -27.57
CA GLU F 6 74.57 -88.21 -24.83
CA VAL F 7 72.92 -85.21 -23.15
CA LYS F 8 71.95 -85.46 -19.48
CA HIS F 9 70.86 -83.32 -16.52
CA GLU F 10 70.12 -84.11 -12.88
CA GLY F 11 72.10 -87.30 -13.43
CA LYS F 12 69.24 -88.26 -15.75
CA VAL F 13 69.67 -88.98 -19.46
CA THR F 14 67.87 -86.13 -21.23
CA GLY F 15 69.00 -86.32 -24.85
CA TYR F 16 71.66 -87.30 -27.38
CA ALA F 17 74.76 -85.24 -28.12
CA CYS F 18 76.28 -85.00 -31.57
CA LEU F 19 78.73 -82.89 -33.55
CA VAL F 20 78.84 -81.80 -37.19
CA GLY F 21 82.01 -80.87 -39.04
CA ASP F 22 83.97 -78.63 -36.68
CA LYS F 23 81.17 -77.90 -34.21
CA VAL F 24 78.80 -79.55 -31.75
CA MET F 25 75.04 -79.79 -32.22
CA LYS F 26 72.55 -79.05 -29.42
CA PRO F 27 68.75 -79.03 -29.86
CA ALA F 28 67.62 -76.00 -27.89
CA HIS F 29 64.16 -77.50 -27.38
CA VAL F 30 65.60 -80.24 -25.18
CA LYS F 31 67.69 -79.25 -22.19
CA GLY F 32 70.82 -80.85 -20.79
CA THR F 33 74.60 -81.12 -20.93
CA ILE F 34 76.72 -83.55 -22.91
CA ASP F 35 78.39 -86.74 -21.68
CA ASN F 36 81.88 -85.19 -22.01
CA ALA F 37 82.31 -82.59 -19.27
CA ASP F 38 85.62 -81.58 -20.83
CA LEU F 39 83.61 -80.74 -23.95
CA ALA F 40 80.56 -79.66 -21.93
CA LYS F 41 82.59 -76.94 -20.21
CA LEU F 42 83.19 -75.14 -23.51
CA ALA F 43 81.41 -72.00 -24.69
CA PHE F 44 78.07 -72.07 -26.46
CA LYS F 45 75.81 -69.79 -28.51
CA ARG F 46 72.04 -70.22 -28.14
CA SER F 47 69.89 -69.89 -31.27
CA SER F 48 66.57 -69.29 -29.55
CA LYS F 49 64.72 -68.13 -32.66
CA TYR F 50 65.94 -70.89 -34.96
CA ASP F 51 65.30 -73.31 -32.09
CA LEU F 52 68.67 -75.06 -31.72
CA GLU F 53 72.21 -74.61 -30.42
CA CYS F 54 75.75 -75.36 -31.52
CA ALA F 55 79.39 -74.52 -30.80
CA GLN F 56 82.73 -75.30 -32.41
CA ILE F 57 84.86 -78.21 -31.23
CA PRO F 58 88.49 -78.42 -30.02
CA VAL F 59 91.34 -79.69 -32.19
CA HIS F 60 91.66 -83.21 -30.80
CA MET F 61 88.39 -84.95 -31.67
CA LYS F 62 87.89 -84.24 -35.40
CA SER F 63 89.18 -87.77 -35.94
CA ASP F 64 85.60 -88.64 -34.96
CA ALA F 65 84.10 -85.73 -36.90
CA SER F 66 80.76 -86.64 -38.44
CA LYS F 67 80.61 -87.33 -42.17
CA PHE F 68 77.81 -85.27 -43.69
CA THR F 69 76.26 -84.64 -47.08
CA HIS F 70 74.51 -81.74 -48.73
CA GLU F 71 72.47 -83.33 -51.52
CA LYS F 72 68.98 -84.51 -50.54
CA PRO F 73 67.53 -87.39 -52.57
CA GLU F 74 64.26 -89.16 -51.86
CA GLY F 75 63.78 -92.86 -51.22
CA TYR F 76 64.78 -95.29 -48.51
CA TYR F 77 66.59 -93.91 -45.46
CA ASN F 78 67.57 -94.95 -41.95
CA TRP F 79 68.39 -93.63 -38.51
CA HIS F 80 69.69 -94.80 -35.12
CA HIS F 81 67.47 -97.85 -34.63
CA GLY F 82 65.14 -97.73 -37.59
CA ALA F 83 64.70 -97.11 -41.30
CA VAL F 84 62.83 -94.17 -42.80
CA GLN F 85 61.92 -92.73 -46.19
CA TYR F 86 61.74 -89.32 -47.86
CA SER F 87 58.38 -88.66 -49.53
CA GLY F 88 56.82 -85.48 -50.84
CA GLY F 89 59.75 -83.43 -49.61
CA ARG F 90 59.03 -84.92 -46.19
CA PHE F 91 60.33 -87.69 -43.95
CA THR F 92 57.92 -90.33 -42.64
CA ILE F 93 58.63 -92.85 -39.89
CA PRO F 94 56.70 -95.90 -38.66
CA THR F 95 54.66 -95.19 -35.57
CA GLY F 96 56.14 -96.22 -32.24
CA ALA F 97 59.81 -95.48 -32.84
CA GLY F 98 59.34 -91.91 -31.62
CA LYS F 99 59.67 -91.43 -27.88
CA PRO F 100 60.61 -88.71 -25.38
CA GLY F 101 64.24 -87.81 -24.85
CA ASP F 102 65.52 -89.50 -28.02
CA SER F 103 66.36 -86.17 -29.66
CA GLY F 104 69.86 -85.25 -30.73
CA ARG F 105 70.14 -88.39 -32.87
CA PRO F 106 71.09 -87.63 -36.48
CA ILE F 107 69.71 -89.09 -39.70
CA PHE F 108 71.94 -90.63 -42.37
CA ASP F 109 71.55 -92.88 -45.42
CA ASN F 110 73.12 -96.08 -46.72
CA LYS F 111 75.69 -93.81 -48.36
CA GLY F 112 76.97 -93.25 -44.82
CA ARG F 113 77.20 -89.47 -44.83
CA VAL F 114 74.78 -88.02 -42.30
CA VAL F 115 71.75 -86.39 -43.86
CA ALA F 116 69.67 -84.82 -41.09
CA ILE F 117 69.11 -84.32 -37.37
CA VAL F 118 65.90 -84.99 -35.45
CA LEU F 119 63.69 -82.13 -34.26
CA GLY F 120 60.66 -84.01 -32.93
CA GLY F 121 57.34 -84.90 -34.54
CA ALA F 122 53.91 -86.23 -33.70
CA ASN F 123 52.17 -89.45 -34.67
CA GLU F 124 49.89 -89.83 -37.67
CA GLY F 125 48.60 -93.38 -37.35
CA ALA F 126 50.37 -96.10 -39.33
CA ARG F 127 53.18 -93.61 -39.91
CA THR F 128 54.38 -90.65 -37.87
CA ALA F 129 55.41 -87.13 -38.85
CA LEU F 130 58.85 -86.16 -37.54
CA SER F 131 60.08 -82.58 -37.64
CA VAL F 132 63.69 -82.44 -38.83
CA VAL F 133 66.54 -79.95 -39.08
CA THR F 134 68.98 -80.24 -41.96
CA TRP F 135 71.48 -78.26 -44.04
CA ASN F 136 71.74 -77.53 -47.75
CA LYS F 137 73.67 -75.22 -50.11
CA ASP F 138 74.21 -72.21 -47.85
CA ILE F 139 70.85 -72.92 -46.18
CA VAL F 140 69.66 -74.95 -43.21
CA THR F 141 66.07 -76.19 -43.05
CA LYS F 142 64.31 -76.82 -39.74
CA ILE F 143 61.40 -78.76 -41.18
CA THR F 144 58.50 -78.32 -38.74
CA PRO F 145 55.32 -80.03 -39.96
CA GLU F 146 52.42 -78.39 -38.18
CA GLY F 147 51.12 -80.30 -35.18
CA ALA F 148 54.36 -82.30 -34.91
CA GLU F 149 56.35 -81.88 -31.70
CA GLU F 150 58.97 -83.56 -29.54
CA TRP F 151 57.69 -86.52 -27.55
CA TYR G 1 31.43 -5.90 -30.59
CA GLU G 2 32.36 -5.55 -26.94
CA HIS G 3 35.77 -6.94 -26.05
CA VAL G 4 36.31 -9.20 -23.04
CA THR G 5 39.75 -10.06 -21.67
CA VAL G 6 41.31 -11.13 -18.40
CA ILE G 7 43.94 -8.70 -17.12
CA PRO G 8 46.85 -9.60 -14.82
CA ASN G 9 45.93 -7.34 -11.90
CA THR G 10 49.26 -5.52 -11.84
CA VAL G 11 50.10 -1.84 -12.29
CA GLY G 12 52.72 0.17 -14.13
CA VAL G 13 52.49 -2.03 -17.22
CA PRO G 14 49.93 -0.94 -19.86
CA TYR G 15 48.18 -3.81 -21.62
CA LYS G 16 47.73 -3.07 -25.31
CA THR G 17 44.62 -4.79 -26.63
CA LEU G 18 43.66 -5.25 -30.28
CA VAL G 19 40.02 -4.72 -31.23
CA ASN G 20 39.21 -5.35 -34.89
CA ARG G 21 36.07 -6.91 -36.24
CA PRO G 22 35.98 -7.46 -40.01
CA GLY G 23 35.18 -4.49 -42.21
CA TYR G 24 37.08 -2.15 -39.92
CA SER G 25 40.62 -0.81 -39.85
CA PRO G 26 42.35 -2.64 -36.98
CA MET G 27 42.30 -0.63 -33.77
CA VAL G 28 44.48 -1.06 -30.71
CA LEU G 29 43.21 -0.13 -27.25
CA GLU G 30 45.81 -0.15 -24.50
CA MET G 31 44.89 -0.23 -20.85
CA GLU G 32 46.91 0.56 -17.73
CA LEU G 33 45.82 -0.16 -14.17
CA LEU G 34 46.33 2.63 -11.65
CA SER G 35 44.75 1.23 -8.48
CA VAL G 36 42.27 -1.34 -7.21
CA THR G 37 39.77 -1.06 -4.36
CA LEU G 38 39.19 -3.93 -1.92
CA GLU G 39 36.98 -3.03 1.05
CA PRO G 40 36.19 -6.08 3.20
CA THR G 41 33.02 -6.46 5.21
CA LEU G 42 33.00 -4.75 8.59
CA SER G 43 31.44 -6.05 11.81
CA LEU G 44 31.80 -4.11 15.06
CA ASP G 45 32.47 -6.69 17.77
CA TYR G 46 33.45 -4.46 20.69
CA ILE G 47 35.56 -1.43 21.54
CA THR G 48 38.59 -1.90 23.77
CA CYS G 49 41.17 0.37 25.40
CA GLU G 50 42.97 0.91 28.69
CA TYR G 51 41.12 0.75 31.99
CA LYS G 52 41.38 2.66 35.26
CA THR G 53 39.89 1.40 38.50
CA VAL G 54 38.60 3.34 41.48
CA ILE G 55 40.37 3.81 44.80
CA PRO G 56 37.70 5.40 47.02
CA SER G 57 38.49 6.62 50.50
CA PRO G 58 38.81 3.58 52.79
CA TYR G 59 36.43 3.30 55.71
CA VAL G 60 37.66 2.51 59.22
CA LYS G 61 35.22 2.15 62.11
CA CYS G 62 37.18 3.06 65.23
CA CYS G 63 36.48 0.76 68.20
CA GLY G 64 34.21 -1.43 66.12
CA THR G 65 33.95 -4.21 63.53
CA ALA G 66 32.43 -2.59 60.46
CA GLU G 67 30.58 -4.76 57.96
CA CYS G 68 31.01 -4.78 54.18
CA LYS G 69 28.21 -4.62 51.61
CA ASP G 70 27.67 -6.12 48.16
CA LYS G 71 27.01 -4.25 44.92
CA ASN G 72 26.49 -5.29 41.29
CA LEU G 73 29.54 -3.61 39.77
CA PRO G 74 32.42 -5.17 37.82
CA ASP G 75 34.82 -6.87 40.25
CA TYR G 76 33.23 -5.02 43.14
CA SER G 77 35.42 -6.59 45.82
CA CYS G 78 36.12 -5.69 49.45
CA LYS G 79 37.97 -7.02 52.47
CA VAL G 80 37.47 -5.86 56.04
CA PHE G 81 40.63 -5.92 58.13
CA THR G 82 40.81 -6.25 61.90
CA GLY G 83 43.40 -5.23 64.45
CA VAL G 84 45.09 -2.61 62.28
CA TYR G 85 46.10 0.55 64.17
CA PRO G 86 46.36 3.24 61.48
CA PHE G 87 46.92 6.92 62.15
CA MET G 88 47.73 9.97 60.03
CA TRP G 89 50.07 12.94 60.55
CA GLY G 90 48.11 14.10 63.58
CA GLY G 91 49.49 11.28 65.69
CA ALA G 92 47.28 8.39 66.75
CA TYR G 93 43.76 8.23 65.34
CA CYS G 94 41.92 5.21 66.80
CA PHE G 95 40.94 5.12 70.47
CA CYS G 96 40.68 1.36 70.85
CA ASP G 97 43.88 -0.43 69.92
CA ALA G 98 42.71 -4.04 69.58
CA GLU G 99 39.31 -4.38 67.91
CA ASN G 100 39.47 -1.26 65.75
CA THR G 101 38.81 -2.46 62.20
CA GLN G 102 38.95 -1.12 58.65
CA LEU G 103 37.28 -2.08 55.39
CA SER G 104 38.27 -1.35 51.80
CA GLU G 105 36.08 -1.77 48.72
CA ALA G 106 36.95 -0.87 45.14
CA HIS G 107 36.09 -1.98 41.63
CA VAL G 108 37.17 -1.40 38.05
CA GLU G 109 35.97 1.42 35.82
CA LYS G 110 36.42 2.57 32.25
CA SER G 111 39.53 4.72 31.85
CA GLU G 112 37.93 8.10 31.20
CA SER G 113 40.96 9.12 29.12
CA CYS G 114 39.96 6.42 26.62
CA LYS G 115 37.27 8.77 25.23
CA THR G 116 39.63 9.34 22.28
CA GLU G 117 42.03 6.39 22.26
CA PHE G 118 40.28 3.28 20.98
CA ALA G 119 41.19 -0.14 19.64
CA SER G 120 38.87 -2.12 17.42
CA ALA G 121 38.57 -5.59 15.92
CA TYR G 122 36.17 -6.96 13.33
CA ARG G 123 34.83 -10.02 11.57
CA ALA G 124 35.32 -9.54 7.85
CA HIS G 125 34.32 -11.18 4.58
CA THR G 126 34.60 -10.57 0.83
CA ALA G 127 35.76 -7.10 -0.19
CA SER G 128 34.08 -4.47 -2.33
CA ALA G 129 36.00 -4.59 -5.62
CA SER G 130 36.55 -1.27 -7.40
CA ALA G 131 39.54 -0.11 -9.41
CA LYS G 132 41.45 2.83 -10.87
CA LEU G 133 42.92 2.41 -14.33
CA ARG G 134 44.21 4.46 -17.26
CA VAL G 135 42.95 4.02 -20.82
CA LEU G 136 44.26 5.41 -24.11
CA TYR G 137 42.31 5.30 -27.36
CA GLN G 138 42.98 7.81 -30.14
CA GLY G 139 45.28 10.02 -28.10
CA ASN G 140 43.00 10.26 -25.06
CA ASN G 141 44.63 10.04 -21.62
CA ILE G 142 41.48 8.86 -19.84
CA THR G 143 40.77 6.93 -16.66
CA VAL G 144 37.78 5.87 -14.58
CA THR G 145 36.97 4.36 -11.20
CA ALA G 146 34.04 2.00 -10.69
CA TYR G 147 33.05 -1.07 -8.70
CA ALA G 148 34.87 -3.88 -10.50
CA ASN G 149 33.14 -6.48 -8.30
CA GLY G 150 30.05 -7.16 -10.40
CA ASP G 151 28.81 -5.84 -13.72
CA HIS G 152 28.73 -2.25 -12.53
CA ALA G 153 28.62 -0.02 -15.59
CA VAL G 154 30.10 3.41 -16.32
CA THR G 155 30.67 5.29 -19.55
CA VAL G 156 32.73 8.24 -20.73
CA LYS G 157 32.67 9.47 -24.34
CA ASP G 158 30.09 6.80 -25.19
CA ALA G 159 32.49 4.02 -24.11
CA LYS G 160 30.74 1.34 -22.06
CA PHE G 161 32.70 -0.03 -19.10
CA ILE G 162 32.21 -3.13 -16.99
CA VAL G 163 35.02 -5.05 -15.30
CA GLY G 164 33.50 -8.06 -13.59
CA PRO G 165 34.75 -10.31 -10.80
CA MET G 166 38.42 -10.76 -9.91
CA SER G 167 38.54 -14.56 -10.46
CA SER G 168 40.38 -14.82 -7.13
CA ALA G 169 38.43 -14.42 -3.87
CA TRP G 170 41.62 -14.50 -1.80
CA THR G 171 42.02 -11.80 0.83
CA PRO G 172 44.95 -10.46 2.85
CA PHE G 173 42.76 -10.65 5.95
CA ASP G 174 41.48 -13.17 8.46
CA ASN G 175 38.05 -13.43 10.03
CA LYS G 176 39.39 -12.16 13.35
CA ILE G 177 41.35 -8.94 12.75
CA VAL G 178 42.08 -6.00 15.04
CA VAL G 179 42.87 -2.38 14.13
CA TYR G 180 44.70 0.22 16.24
CA LYS G 181 44.48 3.92 15.40
CA GLY G 182 45.23 3.75 11.70
CA ASP G 183 47.09 0.44 11.83
CA VAL G 184 45.60 -3.06 11.85
CA TYR G 185 47.00 -6.40 13.03
CA ASN G 186 46.14 -10.06 12.46
CA MET G 187 45.20 -12.13 15.51
CA ASP G 188 42.28 -13.98 17.07
CA TYR G 189 41.01 -11.69 19.79
CA PRO G 190 39.51 -13.16 22.95
CA PRO G 191 35.74 -13.67 22.73
CA PHE G 192 33.45 -11.14 24.33
CA GLY G 193 33.37 -11.40 28.11
CA ALA G 194 36.25 -13.87 28.29
CA GLY G 195 39.47 -11.83 28.03
CA ARG G 196 41.21 -13.30 31.10
CA PRO G 197 43.92 -10.97 32.39
CA GLY G 198 47.40 -10.36 31.08
CA GLN G 199 46.98 -10.88 27.34
CA PHE G 200 45.26 -8.65 24.80
CA GLY G 201 41.82 -7.19 25.46
CA ASP G 202 41.70 -7.83 29.20
CA ILE G 203 38.67 -5.50 29.39
CA GLN G 204 35.44 -5.63 27.41
CA SER G 205 32.94 -3.05 26.13
CA ARG G 206 30.98 -2.60 22.91
CA THR G 207 30.64 1.11 22.18
CA PRO G 208 32.76 4.10 23.26
CA GLU G 209 29.78 5.22 25.34
CA SER G 210 28.58 1.75 26.39
CA LYS G 211 28.39 1.77 30.19
CA ASP G 212 28.28 -2.03 30.01
CA VAL G 213 31.84 -2.96 31.02
CA TYR G 214 33.48 -6.33 31.63
CA ALA G 215 36.84 -6.91 33.30
CA ASN G 216 38.15 -10.33 34.33
CA THR G 217 41.30 -8.89 35.83
CA GLN G 218 41.34 -10.01 39.52
CA LEU G 219 42.45 -6.67 40.98
CA VAL G 220 42.15 -8.20 44.42
CA LEU G 221 43.26 -6.45 47.60
CA GLN G 222 45.51 -7.39 50.51
CA ARG G 223 45.92 -6.15 54.06
CA PRO G 224 47.28 -2.71 54.97
CA ALA G 225 50.85 -2.61 56.21
CA ALA G 226 51.13 -0.28 59.21
CA GLY G 227 50.23 3.15 60.49
CA THR G 228 49.42 4.84 57.19
CA VAL G 229 46.06 4.31 55.50
CA HIS G 230 46.61 3.24 51.91
CA VAL G 231 45.32 0.87 49.24
CA PRO G 232 46.88 -2.59 49.53
CA TYR G 233 45.69 -4.18 46.31
CA SER G 234 46.97 -6.69 43.78
CA GLN G 235 47.73 -4.65 40.69
CA ALA G 236 47.01 -6.24 37.30
CA PRO G 237 46.88 -3.42 34.74
CA SER G 238 46.09 -3.31 31.07
CA GLY G 239 47.90 -5.31 28.46
CA PHE G 240 47.30 -2.44 26.05
CA LYS G 241 50.59 -0.70 26.78
CA TYR G 242 52.28 -4.06 26.30
CA TRP G 243 50.51 -4.75 23.03
CA LEU G 244 51.78 -1.35 21.94
CA LYS G 245 55.22 -2.56 23.00
CA GLU G 246 55.27 -5.97 21.27
CA ARG G 247 53.07 -4.93 18.37
CA GLY G 248 54.78 -7.56 16.25
CA ALA G 249 54.47 -5.75 12.94
CA SER G 250 51.87 -4.13 10.76
CA LEU G 251 50.13 -6.77 8.65
CA GLN G 252 50.89 -4.18 5.97
CA HIS G 253 54.51 -5.07 6.62
CA THR G 254 53.55 -8.75 6.66
CA ALA G 255 50.98 -9.02 3.88
CA PRO G 256 52.22 -11.12 0.95
CA PHE G 257 52.28 -9.14 -2.32
CA GLY G 258 52.45 -6.01 -0.17
CA CYS G 259 49.23 -4.13 -0.84
CA GLN G 260 48.63 -1.20 1.46
CA ILE G 261 46.16 -0.62 4.28
CA ALA G 262 44.23 2.57 4.94
CA THR G 263 42.37 4.32 7.76
CA ASN G 264 38.68 3.85 8.70
CA PRO G 265 38.02 3.29 4.99
CA VAL G 266 39.97 0.04 5.38
CA ARG G 267 41.63 -0.60 2.04
CA ALA G 268 43.64 -3.32 0.28
CA MET G 269 45.30 -1.39 -2.54
CA ASN G 270 47.32 -2.94 -5.36
CA CYS G 271 48.61 -6.39 -4.47
CA ALA G 272 48.48 -8.32 -7.72
CA VAL G 273 46.91 -11.79 -7.53
CA GLY G 274 45.71 -13.66 -10.59
CA ASN G 275 43.98 -11.87 -13.46
CA MET G 276 41.12 -9.43 -13.94
CA PRO G 277 38.32 -9.92 -16.48
CA ILE G 278 37.38 -6.67 -18.19
CA SER G 279 34.61 -5.81 -20.65
CA ILE G 280 34.42 -2.41 -22.33
CA ASP G 281 32.94 -1.23 -25.59
CA ILE G 282 32.31 1.88 -27.65
CA PRO G 283 29.92 1.87 -30.65
CA ASP G 284 31.21 2.05 -34.17
CA ALA G 285 30.37 5.74 -33.85
CA ALA G 286 34.06 5.72 -32.90
CA PHE G 287 34.49 4.62 -36.48
CA THR G 288 37.56 4.31 -38.69
CA ARG G 289 38.51 4.28 -42.36
CA VAL G 290 37.27 0.71 -42.20
CA VAL G 291 38.84 -0.24 -45.55
CA ASP G 292 40.33 3.00 -46.92
CA ALA G 293 42.89 3.48 -44.18
CA PRO G 294 46.42 3.81 -45.60
CA SER G 295 47.81 0.38 -46.46
CA LEU G 296 51.51 -0.42 -46.41
CA THR G 297 53.48 -2.15 -49.12
CA ASP G 298 56.98 -3.60 -49.61
CA MET G 299 57.55 -2.85 -45.93
CA SER G 300 60.80 -4.29 -44.55
CA CYS G 301 61.81 -4.56 -40.91
CA GLU G 302 65.29 -4.69 -39.40
CA VAL G 303 66.95 -4.41 -36.00
CA PRO G 304 69.98 -2.25 -35.18
CA ALA G 305 70.38 -3.94 -31.79
CA CYS G 306 68.38 -5.13 -28.80
CA THR G 307 69.15 -6.17 -25.24
CA HIS G 308 66.61 -7.88 -23.01
CA SER G 309 66.10 -5.68 -19.97
CA SER G 310 63.39 -4.71 -17.51
CA ASP G 311 62.66 -1.87 -19.94
CA PHE G 312 62.93 -1.14 -23.67
CA GLY G 313 66.46 -2.30 -24.40
CA GLY G 314 65.20 -3.36 -27.83
CA VAL G 315 64.63 -0.95 -30.71
CA ALA G 316 64.06 -1.85 -34.36
CA ILE G 317 63.62 -0.02 -37.67
CA ILE G 318 61.11 -0.63 -40.45
CA LYS G 319 61.52 0.45 -44.07
CA TYR G 320 58.19 0.71 -45.80
CA ALA G 321 55.96 2.20 -48.48
CA VAL G 322 52.33 3.21 -47.96
CA SER G 323 49.46 4.60 -50.01
CA LYS G 324 48.93 7.95 -48.31
CA LYS G 325 49.79 9.96 -45.22
CA GLY G 326 48.10 9.07 -41.94
CA LYS G 327 48.60 7.43 -38.58
CA CYS G 328 47.77 3.72 -38.36
CA ALA G 329 48.09 1.37 -35.41
CA VAL G 330 50.76 -1.27 -34.90
CA HIS G 331 50.91 -4.58 -33.08
CA SER G 332 53.08 -7.66 -32.67
CA MET G 333 50.79 -10.67 -32.95
CA THR G 334 53.63 -12.68 -31.40
CA ASN G 335 53.15 -13.07 -27.66
CA ALA G 336 56.78 -12.66 -26.64
CA VAL G 337 57.53 -9.19 -27.97
CA THR G 338 55.79 -6.12 -26.59
CA ILE G 339 55.70 -2.47 -27.66
CA ARG G 340 55.14 0.89 -26.00
CA GLU G 341 54.28 3.09 -28.99
CA ALA G 342 50.77 2.88 -30.43
CA GLU G 343 50.55 4.47 -33.89
CA ILE G 344 52.53 6.81 -36.13
CA GLU G 345 51.95 8.59 -39.40
CA VAL G 346 53.98 7.34 -42.35
CA GLU G 347 53.52 9.94 -45.16
CA GLY G 348 54.31 7.66 -48.07
CA ASN G 349 57.73 6.12 -48.59
CA SER G 350 59.70 6.99 -45.45
CA GLN G 351 61.42 5.41 -42.45
CA LEU G 352 60.02 4.46 -39.05
CA GLN G 353 61.68 3.63 -35.73
CA ILE G 354 60.13 1.21 -33.22
CA SER G 355 61.21 0.21 -29.72
CA PHE G 356 60.10 -2.94 -27.93
CA SER G 357 60.87 -5.35 -25.09
CA THR G 358 61.20 -9.06 -24.40
CA ALA G 359 63.22 -11.48 -22.32
CA LEU G 360 63.70 -13.74 -25.34
CA ALA G 361 67.25 -13.81 -26.69
CA SER G 362 66.39 -13.92 -30.43
CA ALA G 363 63.49 -11.71 -31.49
CA GLU G 364 62.26 -13.80 -34.41
CA PHE G 365 58.59 -12.89 -34.48
CA ARG G 366 55.69 -11.28 -36.34
CA VAL G 367 54.17 -7.80 -36.23
CA GLN G 368 50.87 -6.66 -37.72
CA VAL G 369 51.23 -2.96 -38.51
CA CYS G 370 47.68 -1.70 -39.15
CA SER G 371 46.86 -4.98 -40.90
CA THR G 372 50.31 -5.38 -42.46
CA GLN G 373 52.41 -8.40 -41.45
CA VAL G 374 56.13 -9.12 -41.60
CA HIS G 375 58.64 -11.44 -39.93
CA CYS G 376 61.25 -9.67 -37.82
CA ALA G 377 64.55 -11.40 -36.99
CA ALA G 378 66.81 -10.13 -34.22
CA GLU G 379 69.45 -11.05 -31.67
CA CYS G 380 69.32 -9.90 -28.06
CA HIS G 381 71.84 -9.28 -25.28
CA PRO G 382 71.99 -9.18 -21.48
CA PRO G 383 72.89 -6.17 -19.35
CA LYS G 384 75.05 -6.48 -16.24
CA ASP G 385 73.78 -7.54 -12.80
CA HIS G 386 71.07 -4.94 -12.38
CA ILE G 387 67.88 -4.40 -10.42
CA VAL G 388 65.55 -1.71 -11.74
CA ASN G 389 62.89 0.05 -9.71
CA TYR G 390 60.16 -0.87 -12.15
CA PRO G 391 59.36 -4.48 -13.05
CA ALA G 392 60.02 -6.14 -16.39
CA SER G 393 57.87 -4.43 -19.00
CA HIS G 394 57.59 -7.60 -21.06
CA THR G 395 56.03 -10.86 -19.91
CA THR G 396 57.86 -13.96 -18.72
CA LEU G 397 59.76 -16.37 -20.92
CA GLY G 398 58.55 -19.45 -19.10
CA VAL G 399 59.73 -22.72 -20.64
CA GLN G 400 59.22 -21.82 -24.32
CA ASP G 401 62.99 -22.39 -24.71
CA ILE G 402 63.86 -20.65 -27.98
CA SER G 403 67.45 -20.14 -26.78
CA ALA G 404 68.65 -17.74 -29.47
CA THR G 405 71.73 -19.45 -30.89
CA ALA G 406 70.54 -22.77 -29.55
CA MET G 407 67.69 -22.15 -31.92
CA SER G 408 70.40 -22.52 -34.56
CA TRP G 409 72.25 -24.96 -32.36
CA VAL G 410 69.21 -27.23 -32.06
CA GLN G 411 69.15 -27.16 -35.81
CA LYS G 412 72.69 -28.44 -35.18
CA ILE G 413 72.35 -30.89 -32.27
CA THR G 414 68.70 -31.74 -32.93
CA GLY G 415 70.12 -32.31 -36.37
CA GLY G 416 73.11 -33.94 -34.70
CA VAL G 417 70.88 -36.24 -32.72
CA GLY G 418 68.71 -36.17 -35.82
CA LEU G 419 71.63 -37.85 -37.53
CA VAL G 420 71.87 -40.20 -34.53
CA VAL G 421 68.16 -40.97 -34.38
CA ALA G 422 68.10 -41.31 -38.18
CA VAL G 423 70.98 -43.79 -38.22
CA ALA G 424 69.30 -45.73 -35.40
CA ALA G 425 66.02 -45.70 -37.31
CA LEU G 426 67.22 -46.96 -40.68
CA ILE G 427 69.58 -49.49 -39.10
CA LEU G 428 66.63 -50.87 -37.15
CA ILE G 429 64.52 -50.86 -40.32
CA VAL G 430 67.03 -52.68 -42.49
CA VAL G 431 67.79 -55.27 -39.83
CA LEU G 432 64.11 -55.88 -39.07
CA CYS G 433 63.51 -56.35 -42.79
CA VAL G 434 66.25 -58.97 -43.17
CA SER G 435 64.75 -60.98 -40.29
CA PHE G 436 61.81 -62.07 -42.46
CA SER G 437 63.99 -62.35 -45.56
CA ARG G 438 66.11 -64.97 -43.83
CA HIS G 439 62.90 -66.56 -42.54
CA ASN H 1 37.53 31.23 34.42
CA PHE H 2 37.20 28.03 36.50
CA ASN H 3 34.81 29.73 38.90
CA VAL H 4 34.77 26.60 41.06
CA TYR H 5 37.95 26.92 43.12
CA LYS H 6 36.35 29.28 45.64
CA ALA H 7 34.73 26.85 48.08
CA THR H 8 37.68 24.48 47.61
CA ARG H 9 40.75 23.90 49.72
CA PRO H 10 44.22 22.33 49.56
CA TYR H 11 45.14 19.36 51.69
CA LEU H 12 48.36 17.92 52.99
CA ALA H 13 48.86 14.14 52.92
CA HIS H 14 51.56 11.48 53.36
CA CYS H 15 54.34 10.87 50.84
CA PRO H 16 56.22 7.55 50.89
CA ASP H 17 59.53 9.41 51.13
CA CYS H 18 60.87 12.93 51.59
CA GLY H 19 64.51 13.67 50.82
CA GLU H 20 65.94 11.10 53.23
CA GLY H 21 63.89 8.11 52.13
CA HIS H 22 61.80 8.30 55.32
CA SER H 23 58.03 8.02 55.02
CA CYS H 24 56.83 11.47 56.08
CA HIS H 25 53.71 13.47 55.34
CA SER H 26 54.11 16.12 52.68
CA PRO H 27 52.28 19.31 51.71
CA VAL H 28 52.40 18.26 48.05
CA ALA H 29 52.51 14.49 48.58
CA LEU H 30 51.89 12.98 45.16
CA GLU H 31 49.18 10.42 44.82
CA ARG H 32 48.98 9.16 41.23
CA ILE H 33 50.11 9.81 37.67
CA ARG H 34 48.70 9.21 34.20
CA ASN H 35 50.88 8.54 31.17
CA GLU H 36 48.66 7.78 28.19
CA ALA H 37 49.59 10.47 25.64
CA THR H 38 51.26 9.18 22.50
CA ASP H 39 53.63 12.15 22.70
CA GLY H 40 54.93 11.04 26.07
CA THR H 41 54.20 14.15 28.12
CA LEU H 42 53.65 13.44 31.80
CA LYS H 43 50.53 14.50 33.68
CA ILE H 44 50.36 14.17 37.45
CA GLN H 45 47.95 14.28 40.36
CA VAL H 46 49.16 16.29 43.36
CA SER H 47 47.52 17.76 46.46
CA LEU H 48 48.47 21.32 45.49
CA GLN H 49 46.56 23.97 43.58
CA ILE H 50 48.84 25.72 41.07
CA GLY H 51 48.24 29.31 39.99
CA ILE H 52 45.46 30.27 42.41
CA GLY H 53 45.98 31.30 46.03
CA THR H 54 43.82 31.82 49.10
CA ASP H 55 42.37 34.90 47.40
CA ASP H 56 40.61 32.44 45.04
CA SER H 57 41.34 34.93 42.26
CA HIS H 58 42.35 34.50 38.60
CA ASP H 59 46.02 34.88 39.56
CA TRP H 60 48.78 33.13 37.65
CA THR H 61 51.95 32.88 39.78
CA LYS H 62 50.69 32.60 43.37
CA LEU H 63 50.27 29.19 45.03
CA ARG H 64 48.04 27.75 47.73
CA TYR H 65 49.51 24.82 49.67
CA MET H 66 48.11 23.28 52.84
CA ASP H 67 50.22 22.81 55.98
CA ASN H 68 49.53 22.61 59.72
CA HIS H 69 45.78 22.36 58.92
CA ILE H 70 45.93 25.95 57.62
CA PRO H 71 46.25 27.29 54.09
CA ALA H 72 49.57 28.68 52.88
CA ASP H 73 50.71 30.30 49.67
CA ALA H 74 53.87 30.45 47.57
CA GLY H 75 55.15 31.26 44.08
CA ARG H 76 55.37 29.05 41.01
CA ALA H 77 59.13 29.48 40.62
CA GLY H 78 59.98 26.86 43.24
CA LEU H 79 58.00 23.85 42.07
CA PHE H 80 59.76 21.29 39.90
CA VAL H 81 59.81 17.62 38.94
CA ARG H 82 62.53 15.16 37.97
CA THR H 83 62.95 11.60 36.78
CA SER H 84 66.68 11.50 36.04
CA ALA H 85 67.42 15.15 35.19
CA PRO H 86 65.70 18.51 35.70
CA CYS H 87 62.85 18.63 33.19
CA THR H 88 60.51 21.41 32.17
CA ILE H 89 56.93 21.99 33.25
CA THR H 90 54.52 21.95 30.31
CA GLY H 91 51.36 23.55 31.60
CA THR H 92 49.66 23.79 34.99
CA MET H 93 46.13 23.85 36.39
CA GLY H 94 45.09 23.32 40.00
CA HIS H 95 45.97 19.78 41.06
CA PHE H 96 47.15 18.69 37.62
CA ILE H 97 50.15 19.85 35.60
CA LEU H 98 51.97 18.61 32.51
CA ALA H 99 55.70 18.37 31.99
CA ARG H 100 58.13 17.12 29.37
CA CYS H 101 60.63 14.83 30.99
CA PRO H 102 63.21 12.30 29.78
CA LYS H 103 63.47 8.65 30.76
CA GLY H 104 63.73 7.84 34.44
CA GLU H 105 63.19 4.72 36.52
CA THR H 106 61.79 6.95 39.27
CA LEU H 107 60.06 10.33 39.12
CA THR H 108 59.58 12.99 41.78
CA VAL H 109 58.25 16.46 42.52
CA GLY H 110 59.96 19.24 44.43
CA PHE H 111 59.30 22.74 45.69
CA THR H 112 60.57 24.99 48.46
CA ASP H 113 58.78 26.76 51.28
CA SER H 114 58.59 30.54 51.40
CA ARG H 115 61.08 30.21 54.28
CA LYS H 116 63.36 28.13 52.01
CA ILE H 117 62.38 24.61 53.06
CA SER H 118 62.74 22.41 49.98
CA HIS H 119 60.03 19.76 50.28
CA SER H 120 60.65 16.75 48.04
CA CYS H 121 57.98 14.13 47.38
CA THR H 122 59.22 11.23 45.26
CA HIS H 123 57.63 8.15 43.78
CA PRO H 124 59.22 5.09 42.13
CA PHE H 125 57.93 4.72 38.60
CA HIS H 126 59.61 3.25 35.53
CA HIS H 127 58.78 5.55 32.62
CA ASP H 128 59.36 4.24 29.13
CA PRO H 129 58.28 6.64 26.38
CA PRO H 130 56.27 4.77 23.75
CA VAL H 131 58.17 3.55 20.70
CA ILE H 132 56.47 5.81 18.20
CA GLY H 133 57.18 5.31 14.52
CA ARG H 134 59.70 2.69 13.49
CA GLU H 135 63.10 4.22 14.33
CA LYS H 136 64.10 4.70 17.97
CA PHE H 137 65.03 8.35 17.68
CA HIS H 138 65.43 10.60 20.73
CA SER H 139 63.97 14.08 20.33
CA ARG H 140 62.38 16.68 18.04
CA PRO H 141 64.40 16.95 14.81
CA GLN H 142 64.53 19.75 12.26
CA HIS H 143 62.50 17.96 9.59
CA GLY H 144 60.85 14.58 9.03
CA LYS H 145 57.67 12.76 8.13
CA GLU H 146 54.50 13.47 10.07
CA LEU H 147 52.89 10.75 12.16
CA PRO H 148 49.57 11.08 14.00
CA CYS H 149 49.72 11.44 17.77
CA SER H 150 47.68 12.60 20.75
CA THR H 151 48.37 14.80 23.77
CA TYR H 152 46.77 17.28 26.15
CA VAL H 153 46.02 20.96 25.57
CA GLN H 154 45.48 24.04 27.71
CA SER H 155 41.80 24.39 26.76
CA ASN H 156 40.00 24.59 30.11
CA ALA H 157 36.70 23.49 28.49
CA ALA H 158 37.49 19.84 29.26
CA THR H 159 34.38 17.83 30.15
CA ALA H 160 33.16 14.21 30.11
CA GLU H 161 35.25 13.45 33.21
CA GLU H 162 34.84 13.22 36.97
CA ILE H 163 36.83 14.86 39.77
CA GLU H 164 35.24 14.15 43.13
CA VAL H 165 34.38 16.92 45.59
CA HIS H 166 33.89 15.86 49.22
CA MET H 167 34.16 17.22 52.77
CA PRO H 168 37.23 17.05 54.99
CA PRO H 169 37.53 14.63 57.92
CA ASP H 170 38.97 15.33 61.37
CA THR H 171 42.60 16.00 62.29
CA PRO H 172 44.10 14.69 65.55
CA ASP H 173 46.66 16.65 67.53
CA ARG H 174 48.43 16.46 70.89
CA THR H 175 49.57 20.11 70.93
CA LEU H 176 46.15 21.51 71.87
CA LEU H 177 45.85 19.04 74.77
CA SER H 178 48.14 19.02 77.81
CA GLN H 179 48.44 17.79 81.37
CA GLN H 180 47.76 20.56 83.86
CA SER H 181 47.21 20.43 87.62
CA GLY H 182 45.87 16.89 87.59
CA ASN H 183 43.24 16.91 84.84
CA VAL H 184 43.81 17.45 81.11
CA LYS H 185 44.35 20.89 79.62
CA ILE H 186 42.71 21.37 76.23
CA THR H 187 42.90 24.37 73.91
CA VAL H 188 40.65 25.43 71.05
CA ASN H 189 41.45 28.94 69.75
CA GLY H 190 38.34 28.82 67.56
CA ARG H 191 38.27 25.34 66.03
CA THR H 192 36.43 22.04 66.41
CA VAL H 193 37.70 19.43 68.87
CA ARG H 194 36.05 16.02 68.48
CA TYR H 195 36.71 15.41 72.16
CA LYS H 196 36.73 11.86 73.51
CA CYS H 197 38.43 10.21 76.47
CA ASN H 198 38.50 6.93 78.38
CA CYS H 199 37.83 8.32 81.88
CA GLY H 200 34.40 8.04 83.48
CA GLY H 201 31.66 9.76 81.48
CA SER H 202 34.38 11.32 79.30
CA ASN H 203 32.70 10.55 75.97
CA GLU H 204 31.06 13.93 75.32
CA GLY H 205 32.07 14.13 71.67
CA LEU H 206 32.82 17.03 69.38
CA ILE H 207 32.85 20.50 70.94
CA THR H 208 33.64 23.90 69.45
CA THR H 209 34.85 25.85 72.51
CA ASP H 210 37.18 25.23 75.43
CA LYS H 211 35.94 22.58 77.87
CA VAL H 212 38.54 21.14 80.24
CA ILE H 213 37.31 17.90 81.81
CA ASN H 214 37.67 16.25 85.23
CA ASN H 215 40.78 14.51 86.58
CA CYS H 216 42.33 12.48 83.77
CA LYS H 217 45.70 12.25 82.02
CA VAL H 218 46.99 12.93 78.51
CA ASP H 219 47.62 9.30 77.58
CA GLN H 220 43.97 8.69 78.36
CA CYS H 221 42.15 11.32 76.26
CA HIS H 222 42.37 12.21 72.59
CA ALA H 223 40.74 14.66 70.18
CA ALA H 224 40.84 15.67 66.52
CA VAL H 225 40.03 19.07 65.04
CA THR H 226 37.38 18.48 62.39
CA ASN H 227 37.28 21.19 59.74
CA HIS H 228 33.99 21.96 58.03
CA LYS H 229 34.47 25.35 56.34
CA LYS H 230 35.09 24.21 52.75
CA TRP H 231 34.88 21.16 50.52
CA GLN H 232 37.48 18.47 49.87
CA TYR H 233 38.32 15.63 47.49
CA ASN H 234 37.94 11.84 47.67
CA SER H 235 41.53 10.76 48.02
CA PRO H 236 42.82 7.24 48.69
CA LEU H 237 45.21 8.63 51.33
CA VAL H 238 42.63 9.47 54.02
CA PRO H 239 39.64 7.76 55.69
CA ARG H 240 36.07 8.55 54.70
CA ASN H 241 33.78 11.12 56.29
CA ALA H 242 33.57 8.80 59.31
CA GLU H 243 30.63 7.01 57.70
CA LEU H 244 30.51 6.85 53.91
CA GLY H 245 31.50 8.97 50.94
CA ASP H 246 28.07 10.54 50.63
CA ARG H 247 28.93 14.14 49.75
CA LYS H 248 29.14 14.55 45.98
CA GLY H 249 30.64 17.16 43.68
CA LYS H 250 32.18 17.29 40.23
CA ILE H 251 34.87 19.61 38.83
CA ARG H 252 36.59 19.48 35.47
CA ILE H 253 39.92 17.78 34.89
CA PRO H 254 42.26 20.00 32.84
CA PHE H 255 44.26 19.09 29.76
CA PRO H 256 42.17 16.47 27.91
CA LEU H 257 43.27 14.21 25.09
CA ALA H 258 43.44 15.48 21.52
CA ASN H 259 44.52 13.50 18.46
CA VAL H 260 47.44 15.53 17.15
CA THR H 261 50.37 15.27 14.73
CA CYS H 262 54.10 14.70 15.14
CA MET H 263 57.18 14.53 12.94
CA VAL H 264 59.79 11.75 12.87
CA PRO H 265 63.18 12.12 11.12
CA LYS H 266 63.53 10.10 7.94
CA ALA H 267 66.71 8.05 7.86
CA ARG H 268 69.43 8.39 5.25
CA ASN H 269 69.50 6.29 2.08
CA PRO H 270 72.73 4.31 1.85
CA THR H 271 73.43 2.66 -1.47
CA VAL H 272 73.68 -1.05 -2.29
CA THR H 273 75.67 -3.48 -4.40
CA TYR H 274 74.37 -6.32 -6.54
CA GLY H 275 75.44 -9.90 -5.94
CA LYS H 276 75.70 -12.41 -8.75
CA ASN H 277 72.00 -13.25 -9.06
CA GLN H 278 71.89 -11.48 -5.70
CA VAL H 279 72.13 -8.16 -3.89
CA ILE H 280 74.02 -7.04 -0.80
CA MET H 281 73.03 -3.83 0.94
CA LEU H 282 75.30 -1.47 2.86
CA LEU H 283 73.76 0.05 5.96
CA TYR H 284 74.74 3.27 7.59
CA PRO H 285 72.46 4.49 10.40
CA ASP H 286 72.06 7.65 12.44
CA HIS H 287 70.83 6.12 15.72
CA PRO H 288 69.97 2.56 16.77
CA THR H 289 66.89 1.53 14.84
CA LEU H 290 64.99 -1.39 13.39
CA LEU H 291 64.50 -2.26 9.74
CA SER H 292 63.20 -5.15 7.72
CA TYR H 293 62.60 -6.70 4.29
CA ARG H 294 60.43 -9.47 2.89
CA SER H 295 59.32 -11.15 -0.32
CA MET H 296 56.40 -10.13 -2.51
CA GLY H 297 55.68 -13.79 -3.25
CA GLU H 298 53.17 -15.99 -1.48
CA GLU H 299 55.50 -16.44 1.48
CA PRO H 300 56.77 -13.06 2.74
CA ASN H 301 59.64 -14.70 4.64
CA TYR H 302 59.33 -11.63 6.81
CA GLN H 303 62.60 -10.65 8.50
CA GLU H 304 62.75 -7.65 10.84
CA GLU H 305 65.89 -6.60 12.67
CA TRP H 306 67.24 -3.79 14.82
CA VAL H 307 70.59 -2.13 14.07
CA THR H 308 72.81 0.46 15.74
CA HIS H 309 75.82 0.80 13.42
CA LYS H 310 76.79 -0.02 9.84
CA LYS H 311 75.72 -3.49 8.75
CA GLU H 312 76.62 -5.26 5.51
CA VAL H 313 73.72 -7.62 4.84
CA VAL H 314 73.29 -9.85 1.82
CA LEU H 315 69.70 -9.79 0.58
CA THR H 316 68.64 -13.11 -0.92
CA VAL H 317 66.71 -11.95 -3.97
CA PRO H 318 63.68 -14.16 -4.69
CA THR H 319 62.90 -15.23 -8.22
CA GLU H 320 60.08 -12.69 -8.50
CA GLY H 321 61.03 -9.62 -6.45
CA LEU H 322 62.60 -8.40 -3.22
CA GLU H 323 61.13 -5.69 -0.98
CA VAL H 324 62.88 -3.84 1.85
CA THR H 325 62.01 -1.80 4.92
CA TRP H 326 63.99 1.16 6.26
CA GLY H 327 63.19 4.39 8.09
CA ASN H 328 60.11 6.49 7.59
CA ASN H 329 60.97 6.44 3.89
CA GLU H 330 58.74 4.29 1.72
CA PRO H 331 60.02 0.77 0.95
CA TYR H 332 61.91 -0.05 -2.22
CA LYS H 333 60.76 -2.50 -4.86
CA TYR H 334 63.37 -4.66 -6.54
CA TRP H 335 63.32 -7.11 -9.40
CA PRO H 336 65.77 -9.93 -10.15
CA GLN H 337 66.97 -9.15 -13.64
CA LEU H 338 69.04 -11.56 -15.68
CA SER H 339 72.64 -10.84 -14.74
CA ALA H 340 75.27 -12.54 -16.97
CA ASN H 341 78.26 -11.09 -15.11
CA GLY H 342 80.43 -12.70 -17.74
CA THR H 343 78.89 -14.98 -20.41
CA ALA H 344 77.86 -12.04 -22.58
CA HIS H 345 76.16 -13.77 -25.47
CA GLY H 346 78.56 -13.74 -28.41
CA HIS H 347 77.00 -16.99 -29.72
CA PRO H 348 80.18 -19.13 -29.65
CA HIS H 349 80.63 -22.86 -29.13
CA GLU H 350 79.32 -24.33 -25.84
CA ILE H 351 77.51 -21.10 -24.95
CA ILE H 352 75.11 -23.30 -22.91
CA LEU H 353 76.73 -21.68 -19.88
CA TYR H 354 74.69 -18.62 -20.86
CA TYR H 355 71.87 -20.67 -19.36
CA TYR H 356 74.03 -22.50 -16.81
CA GLU H 357 74.30 -19.26 -14.83
CA LEU H 358 71.60 -17.01 -16.27
CA TYR H 359 68.16 -18.59 -15.88
CA PRO H 360 69.89 -21.56 -14.25
CA THR H 361 69.10 -24.95 -12.72
CA MET H 362 65.92 -25.27 -14.79
CA THR H 363 67.14 -25.71 -18.36
CA VAL H 364 70.38 -27.09 -16.92
CA VAL H 365 68.58 -30.09 -15.49
CA VAL H 366 66.48 -30.16 -18.67
CA VAL H 367 69.69 -30.25 -20.71
CA SER H 368 70.87 -33.09 -18.47
CA VAL H 369 67.63 -34.98 -19.15
CA ALA H 370 68.05 -34.34 -22.87
CA SER H 371 71.56 -35.78 -22.67
CA PHE H 372 70.23 -38.79 -20.79
CA ILE H 373 67.50 -39.44 -23.36
CA LEU H 374 70.06 -39.02 -26.15
CA LEU H 375 72.18 -41.67 -24.45
CA SER H 376 69.08 -43.85 -24.13
CA MET H 377 68.42 -43.48 -27.86
CA VAL H 378 72.02 -44.30 -28.74
CA GLY H 379 71.90 -47.30 -26.39
CA MET H 380 68.78 -48.49 -28.18
CA ALA H 381 70.74 -48.03 -31.42
CA VAL H 382 73.64 -50.07 -30.01
CA GLY H 383 71.30 -52.83 -28.88
CA MET H 384 69.73 -52.91 -32.33
CA CYS H 385 73.22 -53.04 -33.86
CA MET H 386 74.03 -56.03 -31.67
CA CYS H 387 70.75 -57.60 -32.76
CA ALA H 388 71.91 -56.86 -36.32
CA ARG H 389 75.12 -58.74 -35.62
CA ARG H 390 72.92 -61.55 -34.31
CA ARG H 391 70.90 -61.61 -37.55
CA CYS H 392 74.21 -61.88 -39.40
CA ILE H 393 75.09 -64.74 -37.04
CA THR H 394 71.56 -66.16 -36.98
CA PRO H 395 71.57 -68.25 -40.21
CA TYR H 396 75.28 -68.53 -40.89
CA GLU H 397 77.02 -69.46 -37.61
CA LEU H 398 75.72 -73.02 -37.58
CA THR H 399 76.37 -74.06 -41.16
CA PRO H 400 78.69 -77.04 -41.77
CA GLY H 401 79.88 -75.28 -44.92
CA ALA H 402 80.57 -71.90 -43.29
CA THR H 403 81.55 -70.42 -46.64
CA VAL H 404 79.99 -67.36 -48.27
CA PRO H 405 82.56 -64.53 -48.26
CA PHE H 406 82.84 -61.45 -50.49
CA LEU H 407 79.22 -60.54 -49.70
CA LEU H 408 78.34 -61.62 -46.17
CA SER H 409 81.18 -59.73 -44.47
CA LEU H 410 79.55 -56.52 -45.67
CA ILE H 411 79.47 -55.24 -42.08
CA CYS H 412 82.06 -57.90 -41.16
CA CYS H 413 79.60 -60.47 -39.91
CA ILE H 414 82.48 -63.00 -40.13
CA ARG H 415 85.88 -63.18 -38.46
CA THR H 416 85.30 -61.27 -35.23
CA ALA H 417 87.06 -62.39 -32.05
CA LYS H 418 84.08 -61.42 -29.85
CA ALA H 419 80.32 -61.73 -30.27
CA ASN I 1 7.36 -114.76 -44.84
CA ASP I 2 9.74 -111.80 -44.62
CA CYS I 3 7.64 -108.57 -44.71
CA ILE I 4 6.88 -108.98 -40.99
CA PHE I 5 7.38 -105.98 -38.68
CA GLU I 6 6.71 -105.45 -34.99
CA VAL I 7 4.72 -103.01 -32.83
CA LYS I 8 6.03 -102.14 -29.36
CA HIS I 9 5.53 -99.67 -26.52
CA GLU I 10 7.28 -99.15 -23.18
CA GLY I 11 10.14 -101.15 -24.67
CA LYS I 12 7.70 -104.05 -24.61
CA VAL I 13 6.58 -105.95 -27.71
CA THR I 14 2.89 -105.10 -28.09
CA GLY I 15 1.97 -106.24 -31.60
CA TYR I 16 3.03 -106.95 -35.18
CA ALA I 17 3.50 -104.27 -37.83
CA CYS I 18 2.66 -104.83 -41.48
CA LEU I 19 2.08 -102.89 -44.67
CA VAL I 20 -0.26 -103.43 -47.61
CA GLY I 21 0.36 -102.09 -51.10
CA ASP I 22 1.51 -98.50 -50.65
CA LYS I 23 0.47 -98.08 -47.02
CA VAL I 24 1.08 -99.43 -43.52
CA MET I 25 -1.49 -101.37 -41.49
CA LYS I 26 -2.16 -100.69 -37.81
CA PRO I 27 -4.86 -102.43 -35.74
CA ALA I 28 -6.38 -99.63 -33.69
CA HIS I 29 -7.53 -102.10 -31.02
CA VAL I 30 -3.93 -102.84 -30.07
CA LYS I 31 -1.67 -99.95 -29.14
CA GLY I 32 1.98 -99.39 -29.92
CA THR I 33 4.54 -98.10 -32.42
CA ILE I 34 6.35 -99.98 -35.14
CA ASP I 35 9.89 -101.39 -35.06
CA ASN I 36 11.11 -98.80 -37.60
CA ALA I 37 11.24 -95.41 -35.91
CA ASP I 38 12.05 -93.82 -39.27
CA LEU I 39 8.73 -95.23 -40.45
CA ALA I 40 7.10 -94.83 -37.04
CA LYS I 41 7.70 -91.06 -37.15
CA LEU I 42 5.43 -90.67 -40.18
CA ALA I 43 1.89 -89.34 -40.15
CA PHE I 44 -1.14 -91.50 -39.40
CA LYS I 45 -4.93 -91.41 -39.69
CA ARG I 46 -6.96 -93.18 -37.02
CA SER I 47 -10.08 -95.08 -38.09
CA SER I 48 -11.76 -95.28 -34.70
CA LYS I 49 -15.17 -96.35 -36.00
CA TYR I 50 -13.90 -99.03 -38.39
CA ASP I 51 -11.51 -100.11 -35.62
CA LEU I 52 -8.12 -99.98 -37.36
CA GLU I 53 -5.43 -97.61 -38.62
CA CYS I 54 -3.22 -97.18 -41.67
CA ALA I 55 -0.98 -94.70 -43.46
CA GLN I 56 0.86 -94.57 -46.76
CA ILE I 57 4.52 -95.60 -47.02
CA PRO I 58 7.60 -93.75 -48.37
CA VAL I 59 9.13 -94.48 -51.77
CA HIS I 60 12.06 -96.64 -50.70
CA MET I 61 10.48 -99.79 -49.20
CA LYS I 62 7.92 -100.91 -51.81
CA SER I 63 10.54 -103.46 -52.84
CA ASP I 64 9.19 -105.27 -49.76
CA ALA I 65 5.57 -104.31 -50.48
CA SER I 66 3.18 -107.07 -49.51
CA LYS I 67 1.64 -109.19 -52.25
CA PHE I 68 -2.12 -109.30 -51.79
CA THR I 69 -5.16 -110.80 -53.47
CA HIS I 70 -8.79 -109.83 -53.81
CA GLU I 71 -10.55 -113.10 -54.58
CA LYS I 72 -11.68 -115.13 -51.55
CA PRO I 73 -11.97 -118.90 -52.03
CA GLU I 74 -12.73 -121.43 -49.31
CA GLY I 75 -10.59 -124.37 -48.30
CA TYR I 76 -7.20 -124.85 -46.69
CA TYR I 77 -5.33 -121.74 -45.57
CA ASN I 78 -2.37 -120.76 -43.42
CA TRP I 79 -0.90 -117.95 -41.34
CA HIS I 80 2.28 -117.00 -39.48
CA HIS I 81 2.83 -120.21 -37.51
CA GLY I 82 -0.22 -122.28 -38.35
CA ALA I 83 -2.68 -123.45 -40.96
CA VAL I 84 -6.33 -122.44 -41.12
CA GLN I 85 -9.42 -123.01 -43.23
CA TYR I 86 -12.32 -120.99 -44.62
CA SER I 87 -15.71 -122.52 -43.83
CA GLY I 88 -19.22 -121.11 -44.06
CA GLY I 89 -17.88 -117.73 -45.07
CA ARG I 90 -15.82 -117.86 -41.88
CA PHE I 91 -12.27 -118.68 -40.80
CA THR I 92 -11.67 -121.31 -38.12
CA ILE I 93 -8.41 -121.95 -36.29
CA PRO I 94 -7.31 -124.75 -33.94
CA THR I 95 -7.54 -123.76 -30.31
CA GLY I 96 -4.34 -122.65 -28.60
CA ALA I 97 -2.67 -120.75 -31.43
CA GLY I 98 -4.43 -117.56 -30.40
CA LYS I 99 -2.66 -115.51 -27.75
CA PRO I 100 -2.41 -111.90 -26.56
CA GLY I 101 -0.29 -109.45 -28.50
CA ASP I 102 -0.03 -111.56 -31.66
CA SER I 103 -2.21 -109.16 -33.65
CA GLY I 104 -0.99 -107.38 -36.75
CA ARG I 105 -0.02 -110.68 -38.39
CA PRO I 106 -1.61 -111.12 -41.83
CA ILE I 107 -3.25 -114.18 -43.37
CA PHE I 108 -2.22 -115.59 -46.75
CA ASP I 109 -2.66 -118.80 -48.73
CA ASN I 110 -0.43 -121.29 -50.53
CA LYS I 111 -0.87 -119.02 -53.56
CA GLY I 112 1.39 -116.61 -51.66
CA ARG I 113 -0.65 -113.44 -52.05
CA VAL I 114 -1.83 -112.25 -48.65
CA VAL I 115 -5.52 -112.81 -48.03
CA ALA I 116 -6.41 -111.29 -44.67
CA ILE I 117 -5.25 -109.61 -41.46
CA VAL I 118 -6.03 -110.72 -37.91
CA LEU I 119 -8.53 -108.84 -35.77
CA GLY I 120 -8.78 -111.10 -32.72
CA GLY I 121 -11.23 -113.86 -31.81
CA ALA I 122 -12.28 -116.04 -28.90
CA ASN I 123 -12.03 -119.78 -28.38
CA GLU I 124 -14.78 -122.24 -29.22
CA GLY I 125 -13.41 -125.55 -27.97
CA ALA I 126 -11.66 -127.82 -30.45
CA ARG I 127 -11.54 -124.85 -32.82
CA THR I 128 -11.46 -121.11 -32.18
CA ALA I 129 -13.30 -118.23 -33.79
CA LEU I 130 -10.98 -115.47 -35.00
CA SER I 131 -12.29 -112.08 -36.07
CA VAL I 132 -10.60 -110.93 -39.28
CA VAL I 133 -10.29 -107.81 -41.42
CA THR I 134 -9.94 -108.19 -45.18
CA TRP I 135 -10.47 -106.38 -48.47
CA ASN I 136 -12.54 -107.18 -51.54
CA LYS I 137 -13.77 -105.44 -54.73
CA ASP I 138 -14.06 -101.84 -53.50
CA ILE I 139 -15.02 -103.15 -50.05
CA VAL I 140 -13.17 -104.10 -46.88
CA THR I 141 -14.72 -106.55 -44.42
CA LYS I 142 -13.88 -106.47 -40.71
CA ILE I 143 -15.37 -109.84 -39.87
CA THR I 144 -16.32 -109.71 -36.17
CA PRO I 145 -18.01 -112.91 -35.01
CA GLU I 146 -19.97 -112.08 -31.89
CA GLY I 147 -18.25 -112.97 -28.64
CA ALA I 148 -14.86 -113.13 -30.37
CA GLU I 149 -12.22 -110.67 -29.16
CA GLU I 150 -8.48 -110.08 -29.05
CA TRP I 151 -6.63 -112.22 -26.53
CA TYR J 1 -69.66 -54.81 -16.69
CA GLU J 2 -67.15 -52.39 -15.24
CA HIS J 3 -63.98 -52.02 -17.29
CA VAL J 4 -60.53 -52.13 -15.71
CA THR J 5 -57.36 -51.09 -17.51
CA VAL J 6 -53.90 -49.80 -16.68
CA ILE J 7 -53.16 -46.39 -18.19
CA PRO J 8 -49.68 -45.06 -19.02
CA ASN J 9 -49.72 -42.04 -16.73
CA THR J 10 -48.97 -39.52 -19.47
CA VAL J 11 -50.97 -36.53 -20.71
CA GLY J 12 -51.89 -35.06 -24.07
CA VAL J 13 -52.62 -38.47 -25.59
CA PRO J 14 -56.21 -39.72 -25.24
CA TYR J 15 -56.54 -43.46 -24.69
CA LYS J 16 -59.46 -44.88 -26.63
CA THR J 17 -60.91 -47.89 -24.82
CA LEU J 18 -63.36 -50.41 -26.23
CA VAL J 19 -66.19 -51.58 -23.97
CA ASN J 20 -68.49 -54.20 -25.49
CA ARG J 21 -70.06 -57.10 -23.70
CA PRO J 22 -72.09 -59.49 -25.86
CA GLY J 23 -75.60 -58.47 -26.80
CA TYR J 24 -74.58 -54.83 -27.11
CA SER J 25 -73.44 -52.64 -29.99
CA PRO J 26 -69.70 -52.12 -29.47
CA MET J 27 -68.95 -48.89 -27.65
CA VAL J 28 -65.67 -47.00 -27.49
CA LEU J 29 -64.77 -44.88 -24.47
CA GLU J 30 -61.70 -42.70 -24.86
CA MET J 31 -59.90 -41.20 -21.91
CA GLU J 32 -57.40 -38.35 -21.70
CA LEU J 33 -55.38 -37.46 -18.61
CA LEU J 34 -55.21 -33.75 -17.73
CA SER J 35 -53.28 -33.76 -14.44
CA VAL J 36 -52.30 -35.93 -11.49
CA THR J 37 -52.05 -35.01 -7.81
CA LEU J 38 -49.19 -36.26 -5.63
CA GLU J 39 -49.08 -34.69 -2.16
CA PRO J 40 -46.38 -36.30 0.03
CA THR J 41 -46.60 -36.54 3.78
CA LEU J 42 -45.56 -33.45 5.70
CA SER J 43 -43.65 -33.33 8.99
CA LEU J 44 -42.61 -30.00 10.51
CA ASP J 45 -39.09 -30.50 11.83
CA TYR J 46 -38.09 -26.91 12.64
CA ILE J 47 -38.22 -23.40 11.25
CA THR J 48 -34.99 -21.71 10.23
CA CYS J 49 -33.96 -18.28 8.98
CA GLU J 50 -31.32 -15.63 9.50
CA TYR J 51 -30.17 -14.62 12.98
CA LYS J 52 -29.17 -11.34 14.58
CA THR J 53 -27.23 -11.16 17.84
CA VAL J 54 -27.24 -8.46 20.51
CA ILE J 55 -24.55 -5.87 21.08
CA PRO J 56 -25.53 -4.28 24.40
CA SER J 57 -23.71 -1.27 25.78
CA PRO J 58 -20.35 -2.44 27.16
CA TYR J 59 -19.66 -1.92 30.84
CA VAL J 60 -16.40 -0.40 32.06
CA LYS J 61 -15.72 0.06 35.77
CA CYS J 62 -13.30 2.97 36.04
CA CYS J 63 -10.51 2.43 38.57
CA GLY J 64 -11.69 -1.09 39.29
CA THR J 65 -11.78 -4.73 38.16
CA ALA J 66 -15.42 -5.45 37.38
CA GLU J 67 -16.65 -9.04 37.51
CA CYS J 68 -18.73 -10.84 34.89
CA LYS J 69 -21.87 -12.88 35.51
CA ASP J 70 -23.38 -16.01 33.99
CA LYS J 71 -26.82 -16.36 32.40
CA ASN J 72 -28.70 -19.19 30.69
CA LEU J 73 -29.00 -17.70 27.22
CA PRO J 74 -27.75 -19.07 23.89
CA ASP J 75 -23.98 -18.47 23.60
CA TYR J 76 -24.15 -15.99 26.47
CA SER J 77 -20.42 -15.22 26.49
CA CYS J 78 -18.36 -12.44 28.04
CA LYS J 79 -14.75 -11.40 28.53
CA VAL J 80 -13.53 -8.79 30.98
CA PHE J 81 -10.54 -6.82 29.75
CA THR J 82 -7.95 -5.11 31.92
CA GLY J 83 -5.62 -2.19 31.33
CA VAL J 84 -7.59 -0.68 28.46
CA TYR J 85 -7.76 3.13 28.53
CA PRO J 86 -10.85 4.00 26.48
CA PHE J 87 -12.29 7.47 26.14
CA MET J 88 -14.95 9.09 23.96
CA TRP J 89 -15.14 12.46 22.17
CA GLY J 90 -15.00 14.34 25.46
CA GLY J 91 -11.32 13.58 25.88
CA ALA J 92 -10.16 11.12 28.51
CA TYR J 93 -12.78 9.19 30.47
CA CYS J 94 -11.10 6.95 33.06
CA PHE J 95 -9.32 8.45 36.06
CA CYS J 96 -7.01 5.54 36.81
CA ASP J 97 -4.83 4.59 33.86
CA ALA J 98 -3.54 1.16 34.88
CA GLU J 99 -6.16 -1.00 36.59
CA ASN J 100 -9.24 0.46 34.90
CA THR J 101 -11.05 -2.52 33.37
CA GLN J 102 -13.93 -3.20 31.00
CA LEU J 103 -16.25 -6.15 30.42
CA SER J 104 -18.34 -7.09 27.41
CA GLU J 105 -21.14 -9.66 27.31
CA ALA J 106 -23.39 -10.50 24.38
CA HIS J 107 -25.35 -13.44 23.03
CA VAL J 108 -27.30 -14.48 19.96
CA GLU J 109 -30.96 -13.70 19.31
CA LYS J 110 -33.58 -14.46 16.71
CA SER J 111 -33.44 -11.99 13.83
CA GLU J 112 -36.68 -10.09 14.41
CA SER J 113 -36.94 -9.40 10.67
CA CYS J 114 -37.41 -13.16 10.18
CA LYS J 115 -41.07 -12.78 11.27
CA THR J 116 -41.95 -13.11 7.57
CA GLU J 117 -38.96 -14.77 5.90
CA PHE J 118 -38.84 -18.45 6.76
CA ALA J 119 -37.17 -21.60 5.52
CA SER J 120 -38.59 -25.04 6.18
CA ALA J 121 -37.63 -28.69 5.80
CA TYR J 122 -39.67 -31.84 6.24
CA ARG J 123 -39.66 -35.61 6.49
CA ALA J 124 -41.96 -36.98 3.81
CA HIS J 125 -43.53 -40.27 2.76
CA THR J 126 -46.03 -41.60 0.22
CA ALA J 127 -48.07 -38.98 -1.60
CA SER J 128 -51.82 -38.46 -1.80
CA ALA J 129 -52.75 -39.65 -5.29
CA SER J 130 -55.49 -37.71 -7.08
CA ALA J 131 -55.83 -36.90 -10.77
CA LYS J 132 -57.43 -34.69 -13.41
CA LEU J 133 -58.52 -36.35 -16.62
CA ARG J 134 -60.83 -35.79 -19.59
CA VAL J 135 -63.42 -38.35 -20.71
CA LEU J 136 -65.55 -38.50 -23.86
CA TYR J 137 -68.50 -40.84 -24.28
CA GLN J 138 -71.34 -40.03 -26.70
CA GLY J 139 -70.16 -36.51 -27.47
CA ASN J 140 -69.64 -35.47 -23.84
CA ASN J 141 -66.56 -33.40 -23.03
CA ILE J 142 -66.44 -34.41 -19.37
CA THR J 143 -63.74 -34.54 -16.71
CA VAL J 144 -63.42 -35.25 -13.00
CA THR J 145 -60.90 -35.00 -10.18
CA ALA J 146 -60.77 -37.53 -7.36
CA TYR J 147 -58.26 -39.28 -5.12
CA ALA J 148 -56.76 -41.90 -7.41
CA ASN J 149 -54.79 -43.40 -4.50
CA GLY J 150 -57.31 -45.96 -3.27
CA ASP J 151 -60.77 -46.96 -4.40
CA HIS J 152 -62.20 -43.50 -3.92
CA ALA J 153 -65.43 -43.30 -5.87
CA VAL J 154 -67.12 -40.47 -7.76
CA THR J 155 -69.90 -40.42 -10.32
CA VAL J 156 -71.26 -38.02 -12.93
CA LYS J 157 -74.22 -38.89 -15.17
CA ASP J 158 -74.53 -42.26 -13.41
CA ALA J 159 -70.98 -43.21 -14.43
CA LYS J 160 -69.07 -44.86 -11.58
CA PHE J 161 -65.41 -43.85 -11.23
CA ILE J 162 -62.56 -45.42 -9.30
CA VAL J 163 -58.92 -45.24 -10.34
CA GLY J 164 -56.90 -47.26 -7.85
CA PRO J 165 -53.22 -47.27 -6.97
CA MET J 166 -50.47 -46.06 -9.28
CA SER J 167 -48.50 -49.36 -9.40
CA SER J 168 -45.34 -47.31 -8.81
CA ALA J 169 -44.61 -45.93 -5.34
CA TRP J 170 -41.61 -43.95 -6.60
CA THR J 171 -41.37 -40.32 -5.54
CA PRO J 172 -39.38 -37.32 -6.76
CA PHE J 173 -38.53 -36.57 -3.14
CA ASP J 174 -36.19 -37.71 -0.39
CA ASN J 175 -36.90 -38.17 3.29
CA LYS J 176 -34.91 -35.03 4.14
CA ILE J 177 -36.12 -32.16 1.96
CA VAL J 178 -36.07 -28.40 2.51
CA VAL J 179 -38.33 -25.71 1.05
CA TYR J 180 -37.60 -21.99 0.66
CA LYS J 181 -40.41 -19.51 0.01
CA GLY J 182 -42.16 -21.29 -2.81
CA ASP J 183 -39.16 -23.33 -3.92
CA VAL J 184 -37.88 -26.59 -2.44
CA TYR J 185 -34.46 -28.24 -2.55
CA ASN J 186 -33.11 -31.74 -1.91
CA MET J 187 -30.52 -32.14 0.84
CA ASP J 188 -30.02 -33.74 4.26
CA TYR J 189 -30.38 -30.88 6.72
CA PRO J 190 -28.39 -30.91 9.95
CA PRO J 191 -30.21 -32.59 12.83
CA PHE J 192 -31.93 -30.43 15.40
CA GLY J 193 -29.51 -28.74 17.77
CA ALA J 194 -26.43 -29.77 15.81
CA GLY J 195 -26.07 -27.27 12.94
CA ARG J 196 -22.41 -26.36 13.54
CA PRO J 197 -21.57 -23.00 11.99
CA GLY J 198 -20.89 -22.12 8.38
CA GLN J 199 -23.08 -24.56 6.50
CA PHE J 200 -26.86 -24.59 6.14
CA GLY J 201 -29.13 -24.12 9.14
CA ASP J 202 -26.53 -22.78 11.56
CA ILE J 203 -29.39 -21.72 13.87
CA GLN J 204 -32.24 -23.82 15.24
CA SER J 205 -35.86 -23.15 16.23
CA ARG J 206 -39.13 -25.04 15.79
CA THR J 207 -41.94 -22.52 15.30
CA PRO J 208 -41.91 -18.92 14.02
CA GLU J 209 -42.89 -17.88 17.56
CA SER J 210 -40.82 -20.50 19.43
CA LYS J 211 -38.62 -18.60 21.88
CA ASP J 212 -36.56 -21.79 22.17
CA VAL J 213 -33.51 -20.94 20.04
CA TYR J 214 -30.29 -22.83 19.40
CA ALA J 215 -27.14 -21.42 17.80
CA ASN J 216 -23.82 -23.26 17.68
CA THR J 217 -22.07 -20.38 15.97
CA GLN J 218 -19.13 -19.38 18.26
CA LEU J 219 -19.62 -15.61 17.99
CA VAL J 220 -16.77 -15.18 20.45
CA LEU J 221 -15.27 -11.81 21.34
CA GLN J 222 -11.75 -10.40 21.41
CA ARG J 223 -10.09 -7.47 23.12
CA PRO J 224 -10.83 -3.82 22.31
CA ALA J 225 -8.23 -2.03 20.23
CA ALA J 226 -7.62 1.47 21.62
CA GLY J 227 -9.35 4.60 22.84
CA THR J 228 -12.78 4.04 21.33
CA VAL J 229 -15.27 1.73 23.00
CA HIS J 230 -16.57 -0.80 20.49
CA VAL J 231 -17.47 -4.46 20.09
CA PRO J 232 -14.44 -6.62 19.32
CA TYR J 233 -16.11 -9.91 18.45
CA SER J 234 -15.49 -12.81 16.11
CA GLN J 235 -18.18 -12.51 13.47
CA ALA J 236 -19.70 -15.75 12.12
CA PRO J 237 -22.98 -14.82 10.44
CA SER J 238 -25.73 -16.84 8.83
CA GLY J 239 -25.18 -19.23 5.98
CA PHE J 240 -28.67 -18.33 4.76
CA LYS J 241 -27.49 -15.56 2.45
CA TYR J 242 -24.92 -17.99 1.11
CA TRP J 243 -27.45 -20.76 0.59
CA LEU J 244 -29.44 -18.18 -1.36
CA LYS J 245 -26.26 -17.58 -3.35
CA GLU J 246 -25.28 -21.19 -4.14
CA ARG J 247 -28.84 -22.48 -4.24
CA GLY J 248 -27.68 -25.17 -6.66
CA ALA J 249 -30.93 -25.50 -8.57
CA SER J 250 -34.60 -26.10 -7.97
CA LEU J 251 -35.26 -29.82 -7.66
CA GLN J 252 -38.01 -28.87 -10.09
CA HIS J 253 -35.18 -28.15 -12.49
CA THR J 254 -33.48 -31.39 -11.40
CA ALA J 255 -36.40 -33.80 -11.03
CA PRO J 256 -36.30 -36.61 -13.61
CA PHE J 257 -39.43 -36.67 -15.79
CA GLY J 258 -39.87 -33.01 -14.88
CA CYS J 259 -43.08 -32.81 -12.91
CA GLN J 260 -43.72 -29.46 -11.29
CA ILE J 261 -43.65 -28.32 -7.68
CA ALA J 262 -46.15 -26.00 -6.01
CA THR J 263 -46.42 -23.72 -2.98
CA ASN J 264 -47.53 -24.74 0.56
CA PRO J 265 -49.81 -27.29 -1.12
CA VAL J 266 -46.65 -29.11 -2.16
CA ARG J 267 -47.43 -30.82 -5.44
CA ALA J 268 -45.84 -33.29 -7.86
CA MET J 269 -47.81 -32.67 -11.06
CA ASN J 270 -47.56 -34.73 -14.23
CA CYS J 271 -44.30 -36.66 -14.42
CA ALA J 272 -45.22 -39.93 -16.13
CA VAL J 273 -43.91 -43.09 -14.49
CA GLY J 274 -45.31 -46.52 -15.24
CA ASN J 275 -49.02 -47.07 -15.75
CA MET J 276 -52.28 -46.22 -13.97
CA PRO J 277 -55.03 -48.76 -13.26
CA ILE J 278 -58.49 -47.30 -13.82
CA SER J 279 -61.96 -48.71 -13.19
CA ILE J 280 -65.08 -46.88 -14.33
CA ASP J 281 -68.56 -48.06 -15.25
CA ILE J 282 -71.97 -46.80 -16.25
CA PRO J 283 -75.07 -49.06 -16.18
CA ASP J 284 -76.66 -50.31 -19.34
CA ALA J 285 -79.06 -47.43 -18.80
CA ALA J 286 -76.51 -45.83 -21.13
CA PHE J 287 -77.83 -48.41 -23.56
CA THR J 288 -77.37 -48.86 -27.30
CA ARG J 289 -79.09 -50.46 -30.27
CA VAL J 290 -77.55 -53.64 -28.89
CA VAL J 291 -78.20 -55.63 -32.08
CA ASP J 292 -80.16 -53.27 -34.36
CA ALA J 293 -77.41 -50.70 -34.77
CA PRO J 294 -76.60 -50.09 -38.45
CA SER J 295 -74.38 -52.87 -39.78
CA LEU J 296 -71.92 -52.34 -42.61
CA THR J 297 -71.51 -54.53 -45.67
CA ASP J 298 -69.10 -54.86 -48.61
CA MET J 299 -66.99 -52.22 -46.89
CA SER J 300 -63.59 -51.68 -48.52
CA CYS J 301 -60.66 -49.73 -47.09
CA GLU J 302 -57.82 -48.01 -48.91
CA VAL J 303 -55.02 -45.55 -48.20
CA PRO J 304 -54.19 -42.47 -50.27
CA ALA J 305 -50.91 -41.98 -48.41
CA CYS J 306 -49.45 -42.02 -44.91
CA THR J 307 -46.25 -40.80 -43.29
CA HIS J 308 -45.23 -41.83 -39.78
CA SER J 309 -44.94 -38.66 -37.71
CA SER J 310 -45.44 -37.46 -34.16
CA ASP J 311 -48.97 -36.63 -35.29
CA PHE J 312 -51.54 -37.87 -37.82
CA GLY J 313 -49.44 -38.08 -40.96
CA GLY J 314 -51.57 -41.07 -41.96
CA VAL J 315 -55.06 -40.78 -43.45
CA ALA J 316 -57.07 -43.54 -45.13
CA ILE J 317 -60.39 -43.88 -46.94
CA ILE J 318 -63.06 -46.56 -46.59
CA LYS J 319 -65.69 -47.41 -49.19
CA TYR J 320 -68.67 -49.10 -47.63
CA ALA J 321 -72.36 -49.94 -47.60
CA VAL J 322 -74.57 -49.97 -44.51
CA SER J 323 -78.15 -50.78 -43.59
CA LYS J 324 -79.37 -47.36 -42.42
CA LYS J 325 -78.20 -43.91 -41.39
CA GLY J 326 -76.57 -43.47 -38.01
CA LYS J 327 -73.28 -42.93 -36.23
CA CYS J 328 -71.41 -46.05 -35.13
CA ALA J 329 -68.07 -46.34 -33.39
CA VAL J 330 -64.78 -47.39 -34.98
CA HIS J 331 -61.64 -49.08 -33.73
CA SER J 332 -58.43 -50.70 -34.94
CA MET J 333 -58.04 -53.96 -33.04
CA THR J 334 -54.42 -53.93 -34.17
CA ASN J 335 -52.15 -52.48 -31.50
CA ALA J 336 -49.84 -50.52 -33.79
CA VAL J 337 -52.30 -48.18 -35.48
CA THR J 338 -54.18 -45.53 -33.53
CA ILE J 339 -57.03 -43.16 -34.41
CA ARG J 340 -58.30 -39.79 -33.23
CA GLU J 341 -61.87 -39.81 -34.55
CA ALA J 342 -64.48 -41.77 -32.62
CA GLU J 343 -67.65 -42.33 -34.68
CA ILE J 344 -69.34 -40.99 -37.79
CA GLU J 345 -72.70 -41.40 -39.47
CA VAL J 346 -72.69 -43.29 -42.77
CA GLU J 347 -76.18 -42.76 -44.31
CA GLY J 348 -76.20 -45.83 -46.51
CA ASN J 349 -73.80 -46.30 -49.40
CA SER J 350 -71.35 -43.40 -49.13
CA GLN J 351 -67.67 -42.61 -48.54
CA LEU J 352 -65.78 -42.08 -45.30
CA GLN J 353 -62.37 -40.56 -44.54
CA ILE J 354 -60.25 -41.69 -41.58
CA SER J 355 -56.95 -40.39 -40.24
CA PHE J 356 -54.58 -42.34 -38.01
CA SER J 357 -51.03 -42.59 -36.70
CA THR J 358 -48.25 -45.14 -36.24
CA ALA J 359 -44.48 -45.41 -36.38
CA LEU J 360 -44.75 -48.61 -38.39
CA ALA J 361 -43.65 -48.28 -42.00
CA SER J 362 -46.32 -50.54 -43.58
CA ALA J 363 -49.81 -50.19 -42.11
CA GLU J 364 -51.02 -53.73 -42.73
CA PHE J 365 -53.54 -54.15 -39.95
CA ARG J 366 -57.16 -54.68 -38.91
CA VAL J 367 -59.94 -52.29 -37.93
CA GLN J 368 -63.28 -53.14 -36.33
CA VAL J 369 -65.76 -50.45 -37.39
CA CYS J 370 -68.76 -50.85 -35.08
CA SER J 371 -68.33 -54.62 -35.21
CA THR J 372 -67.21 -54.70 -38.86
CA GLN J 373 -63.72 -55.97 -39.65
CA VAL J 374 -61.40 -55.49 -42.64
CA HIS J 375 -57.70 -55.74 -43.41
CA CYS J 376 -56.07 -52.44 -44.35
CA ALA J 377 -52.80 -52.41 -46.31
CA ALA J 378 -50.65 -49.29 -46.53
CA GLU J 379 -47.15 -47.92 -46.99
CA CYS J 380 -45.68 -45.20 -44.80
CA HIS J 381 -43.02 -42.51 -45.17
CA PRO J 382 -40.68 -40.45 -42.99
CA PRO J 383 -40.66 -36.67 -42.68
CA LYS J 384 -37.44 -34.67 -42.47
CA ASP J 385 -35.37 -34.17 -39.29
CA HIS J 386 -38.10 -32.68 -37.12
CA ILE J 387 -38.91 -32.23 -33.45
CA VAL J 388 -42.52 -31.45 -32.63
CA ASN J 389 -43.74 -29.80 -29.44
CA TYR J 390 -46.13 -32.61 -28.67
CA PRO J 391 -44.97 -36.23 -28.28
CA ALA J 392 -45.69 -39.07 -30.70
CA SER J 393 -49.43 -39.68 -30.72
CA HIS J 394 -48.98 -43.37 -31.48
CA THR J 395 -47.19 -45.87 -29.28
CA THR J 396 -43.66 -47.20 -29.74
CA LEU J 397 -42.58 -49.68 -32.38
CA GLY J 398 -40.31 -51.60 -30.04
CA VAL J 399 -38.70 -54.66 -31.64
CA GLN J 400 -41.75 -55.96 -33.55
CA ASP J 401 -39.65 -55.46 -36.72
CA ILE J 402 -42.21 -55.47 -39.53
CA SER J 403 -39.89 -53.36 -41.70
CA ALA J 404 -42.30 -52.42 -44.47
CA THR J 405 -40.54 -53.59 -47.63
CA ALA J 406 -38.39 -55.93 -45.60
CA MET J 407 -41.72 -57.53 -44.83
CA SER J 408 -41.68 -58.33 -48.54
CA TRP J 409 -37.92 -58.61 -48.47
CA VAL J 410 -38.00 -61.22 -45.69
CA GLN J 411 -40.37 -63.09 -47.92
CA LYS J 412 -37.36 -62.72 -50.23
CA ILE J 413 -34.32 -63.32 -47.99
CA THR J 414 -36.16 -65.44 -45.44
CA GLY J 415 -37.18 -67.22 -48.60
CA GLY J 416 -33.61 -66.77 -49.82
CA VAL J 417 -32.22 -68.29 -46.66
CA GLY J 418 -35.32 -70.49 -46.81
CA LEU J 419 -33.82 -71.82 -50.03
CA VAL J 420 -30.49 -72.10 -48.21
CA VAL J 421 -31.91 -73.77 -45.12
CA ALA J 422 -34.06 -76.01 -47.34
CA VAL J 423 -31.10 -77.14 -49.43
CA ALA J 424 -29.13 -77.78 -46.25
CA ALA J 425 -32.05 -79.73 -44.82
CA LEU J 426 -32.73 -82.09 -47.68
CA ILE J 427 -29.02 -82.60 -48.39
CA LEU J 428 -28.60 -83.62 -44.75
CA ILE J 429 -31.66 -85.86 -44.99
CA VAL J 430 -30.58 -87.67 -48.16
CA VAL J 431 -27.03 -88.17 -46.92
CA LEU J 432 -28.15 -89.39 -43.50
CA CYS J 433 -30.47 -91.86 -45.24
CA VAL J 434 -27.70 -93.31 -47.41
CA SER J 435 -25.57 -93.92 -44.31
CA PHE J 436 -27.81 -96.80 -43.22
CA SER J 437 -28.39 -97.94 -46.80
CA ARG J 438 -24.65 -98.53 -47.20
CA HIS J 439 -24.65 -100.13 -43.75
CA ASN K 1 -49.48 8.96 15.13
CA PHE K 2 -46.44 7.44 16.89
CA ASN K 3 -47.30 9.25 20.10
CA VAL K 4 -44.09 7.93 21.67
CA TYR K 5 -41.43 10.32 20.38
CA LYS K 6 -42.20 12.95 22.99
CA ALA K 7 -40.08 11.81 25.94
CA THR K 8 -37.38 10.69 23.48
CA ARG K 9 -34.19 12.37 22.37
CA PRO K 10 -31.54 12.20 19.64
CA TYR K 11 -27.96 11.31 20.43
CA LEU K 12 -24.64 11.92 18.77
CA ALA K 13 -22.09 9.11 18.62
CA HIS K 14 -18.80 8.15 16.94
CA CYS K 15 -18.51 7.26 13.25
CA PRO K 16 -15.45 5.29 12.04
CA ASP K 17 -14.76 7.98 9.43
CA CYS K 18 -15.97 11.41 8.37
CA GLY K 19 -15.02 12.78 4.97
CA GLU K 20 -11.28 12.53 5.49
CA GLY K 21 -11.13 8.93 6.67
CA HIS K 22 -10.42 10.07 10.23
CA SER K 23 -12.35 8.46 13.08
CA CYS K 24 -14.48 11.31 14.41
CA HIS K 25 -17.75 11.46 16.29
CA SER K 26 -20.77 12.26 14.15
CA PRO K 27 -24.26 13.64 14.78
CA VAL K 28 -25.72 10.91 12.55
CA ALA K 29 -23.03 8.28 13.07
CA LEU K 30 -24.43 5.10 11.59
CA GLU K 31 -24.45 2.01 13.74
CA ARG K 32 -25.92 -0.94 11.82
CA ILE K 33 -27.85 -1.94 8.70
CA ARG K 34 -30.26 -4.70 7.78
CA ASN K 35 -30.54 -6.12 4.27
CA GLU K 36 -32.99 -9.01 4.28
CA ALA K 37 -35.68 -7.95 1.80
CA THR K 38 -35.90 -10.07 -1.33
CA ASP K 39 -36.41 -6.86 -3.31
CA GLY K 40 -33.05 -5.51 -2.21
CA THR K 41 -34.13 -2.25 -0.62
CA LEU K 42 -31.77 -1.03 2.09
CA LYS K 43 -32.91 -0.24 5.62
CA ILE K 44 -30.56 1.44 8.06
CA GLN K 45 -30.11 2.27 11.73
CA VAL K 46 -28.95 5.83 12.43
CA SER K 47 -28.86 8.07 15.50
CA LEU K 48 -31.16 10.66 13.88
CA GLN K 49 -34.92 11.10 14.05
CA ILE K 50 -36.32 11.89 10.59
CA GLY K 51 -39.49 13.92 10.15
CA ILE K 52 -40.07 15.03 13.75
CA GLY K 53 -38.28 17.94 15.44
CA THR K 54 -37.88 19.25 18.98
CA ASP K 55 -41.55 20.27 18.87
CA ASP K 56 -42.34 16.52 19.03
CA SER K 57 -45.16 17.23 16.57
CA HIS K 58 -46.54 15.31 13.59
CA ASP K 59 -44.34 17.33 11.24
CA TRP K 60 -42.98 15.84 8.02
CA THR K 61 -39.93 17.83 6.82
CA LYS K 62 -38.26 19.10 10.00
CA LEU K 63 -35.39 17.16 11.60
CA ARG K 64 -34.02 16.74 15.11
CA TYR K 65 -30.30 15.96 15.33
CA MET K 66 -28.17 15.96 18.47
CA ASP K 67 -24.94 17.95 18.73
CA ASN K 68 -22.95 19.54 21.57
CA HIS K 69 -25.18 17.70 24.07
CA ILE K 70 -28.10 19.85 22.90
CA PRO K 71 -30.87 19.13 20.41
CA ALA K 72 -30.74 20.68 16.95
CA ASP K 73 -33.09 20.64 13.97
CA ALA K 74 -32.81 20.68 10.18
CA GLY K 75 -34.72 19.89 7.00
CA ARG K 76 -35.06 16.61 5.13
CA ALA K 77 -33.65 17.99 1.89
CA GLY K 78 -30.03 17.60 2.99
CA LEU K 79 -29.87 13.97 4.08
CA PHE K 80 -28.68 11.41 1.56
CA VAL K 81 -26.96 8.04 1.22
CA ARG K 82 -24.62 6.51 -1.35
CA THR K 83 -22.91 3.23 -2.13
CA SER K 84 -21.38 3.98 -5.53
CA ALA K 85 -23.76 6.64 -6.90
CA PRO K 86 -26.42 8.97 -5.49
CA CYS K 87 -29.44 6.81 -4.75
CA THR K 88 -32.97 7.66 -3.72
CA ILE K 89 -34.52 7.51 -0.27
CA THR K 90 -37.48 5.12 -0.14
CA GLY K 91 -39.32 6.01 3.03
CA THR K 92 -38.33 7.43 6.41
CA MET K 93 -39.34 7.06 10.05
CA GLY K 94 -37.40 8.20 13.10
CA HIS K 95 -34.13 6.29 13.30
CA PHE K 96 -34.89 4.00 10.37
CA ILE K 97 -35.27 4.83 6.68
CA LEU K 98 -35.41 2.83 3.47
CA ALA K 99 -33.65 3.60 0.21
CA ARG K 100 -33.21 2.04 -3.20
CA CYS K 101 -29.54 1.93 -4.04
CA PRO K 102 -27.37 0.16 -6.63
CA LYS K 103 -24.40 -2.09 -5.97
CA GLY K 104 -21.57 -0.69 -3.89
CA GLU K 105 -18.68 -2.20 -1.97
CA THR K 106 -19.15 0.53 0.65
CA LEU K 107 -22.22 2.52 1.67
CA THR K 108 -22.52 5.84 3.46
CA VAL K 109 -24.91 8.51 4.70
CA GLY K 110 -24.61 12.26 4.30
CA PHE K 111 -26.37 15.45 5.32
CA THR K 112 -25.46 19.10 5.83
CA ASP K 113 -25.79 21.38 8.82
CA SER K 114 -28.15 24.33 8.75
CA ARG K 115 -24.96 26.42 8.55
CA LYS K 116 -23.86 24.35 5.52
CA ILE K 117 -21.56 21.82 7.21
CA SER K 118 -21.85 18.60 5.21
CA HIS K 119 -21.41 15.79 7.74
CA SER K 120 -20.57 12.45 6.13
CA CYS K 121 -20.71 9.16 8.04
CA THR K 122 -19.53 6.19 5.99
CA HIS K 123 -19.33 2.47 6.58
CA PRO K 124 -17.61 -0.25 4.54
CA PHE K 125 -20.14 -2.85 3.46
CA HIS K 126 -20.20 -5.06 0.37
CA HIS K 127 -23.77 -5.07 -0.89
CA ASP K 128 -24.74 -7.76 -3.37
CA PRO K 129 -28.42 -7.69 -4.36
CA PRO K 130 -29.86 -11.20 -4.20
CA VAL K 131 -29.95 -13.14 -7.46
CA ILE K 132 -33.71 -13.26 -7.81
CA GLY K 133 -35.23 -15.36 -10.55
CA ARG K 134 -32.93 -17.12 -12.99
CA GLU K 135 -31.63 -14.36 -15.28
CA LYS K 136 -29.25 -11.74 -13.91
CA PHE K 137 -31.19 -8.72 -15.09
CA HIS K 138 -30.57 -5.21 -13.73
CA SER K 139 -33.71 -3.19 -13.07
CA ARG K 140 -37.50 -2.90 -13.39
CA PRO K 141 -38.56 -3.72 -16.97
CA GLN K 142 -41.75 -2.83 -18.83
CA HIS K 143 -43.26 -6.33 -18.71
CA GLY K 144 -42.35 -9.80 -17.48
CA LYS K 145 -43.39 -12.74 -15.37
CA GLU K 146 -44.29 -12.22 -11.74
CA LEU K 147 -42.19 -13.77 -9.00
CA PRO K 148 -43.00 -13.63 -5.28
CA CYS K 149 -40.91 -11.31 -3.14
CA SER K 150 -40.89 -9.50 0.20
CA THR K 151 -40.11 -5.96 1.31
CA TYR K 152 -41.05 -3.28 3.84
CA VAL K 153 -44.04 -0.96 3.80
CA GLN K 154 -44.96 2.41 5.30
CA SER K 155 -47.63 0.96 7.62
CA ASN K 156 -46.68 2.28 11.06
CA ALA K 157 -48.65 -0.51 12.77
CA ALA K 158 -45.53 -2.71 12.89
CA THR K 159 -45.35 -4.82 16.04
CA ALA K 160 -43.76 -8.08 17.25
CA GLU K 161 -40.39 -6.35 17.52
CA GLU K 162 -38.20 -4.68 20.14
CA ILE K 163 -36.53 -1.26 20.13
CA GLU K 164 -34.91 -0.56 23.49
CA VAL K 165 -35.60 2.62 25.44
CA HIS K 166 -33.03 3.54 28.11
CA MET K 167 -31.63 6.58 29.94
CA PRO K 168 -28.62 8.64 28.87
CA PRO K 169 -25.23 8.39 30.59
CA ASP K 170 -22.87 11.23 31.48
CA THR K 171 -20.88 13.45 29.11
CA PRO K 172 -17.36 14.63 29.98
CA ASP K 173 -16.07 18.07 29.01
CA ARG K 174 -13.06 20.28 29.66
CA THR K 175 -14.69 23.51 28.51
CA LEU K 176 -16.76 23.98 31.67
CA LEU K 177 -13.65 23.49 33.85
CA SER K 178 -10.67 25.84 33.87
CA GLN K 179 -7.63 26.85 35.89
CA GLN K 180 -8.22 30.11 37.73
CA SER K 181 -6.17 31.82 40.44
CA GLY K 182 -4.69 28.58 41.76
CA ASN K 183 -7.69 26.28 42.18
CA VAL K 184 -9.95 24.92 39.42
CA LYS K 185 -12.69 27.00 37.85
CA ILE K 186 -15.85 25.05 37.04
CA THR K 187 -18.98 26.23 35.28
CA VAL K 188 -22.49 24.80 35.25
CA ASN K 189 -25.02 27.12 33.56
CA GLY K 190 -27.85 24.84 34.71
CA ARG K 191 -26.64 21.29 34.11
CA THR K 192 -25.32 18.31 36.04
CA VAL K 193 -21.59 17.99 36.71
CA ARG K 194 -20.56 14.56 38.04
CA TYR K 195 -17.65 16.26 39.79
CA LYS K 196 -14.64 14.20 40.86
CA CYS K 197 -10.98 15.03 41.42
CA ASN K 198 -7.78 13.51 42.77
CA CYS K 199 -6.90 16.21 45.31
CA GLY K 200 -7.54 15.71 49.02
CA GLY K 201 -11.19 15.10 49.85
CA SER K 202 -12.06 16.07 46.27
CA ASN K 203 -14.43 13.14 45.64
CA GLU K 204 -17.74 14.90 46.29
CA GLY K 205 -19.54 13.47 43.27
CA LEU K 206 -22.31 14.76 41.07
CA ILE K 207 -23.51 18.30 41.73
CA THR K 208 -26.09 20.44 39.96
CA THR K 209 -24.86 23.98 40.69
CA ASP K 210 -21.54 25.81 40.66
CA LYS K 211 -19.08 24.63 43.31
CA VAL K 212 -15.44 25.62 42.80
CA ILE K 213 -13.13 23.51 44.96
CA ASN K 214 -9.90 24.14 46.87
CA ASN K 215 -6.43 24.52 45.36
CA CYS K 216 -6.05 21.96 42.57
CA LYS K 217 -5.22 21.97 38.87
CA VAL K 218 -7.06 21.07 35.67
CA ASP K 219 -5.04 17.94 34.88
CA GLN K 220 -6.08 16.67 38.28
CA CYS K 221 -9.90 17.02 38.27
CA HIS K 222 -12.51 15.85 35.80
CA ALA K 223 -16.30 15.95 35.46
CA ALA K 224 -19.05 14.83 33.08
CA VAL K 225 -22.44 16.45 32.57
CA THR K 226 -25.02 13.71 33.13
CA ASN K 227 -28.33 14.40 31.39
CA HIS K 228 -31.51 13.00 32.91
CA LYS K 229 -34.37 14.92 31.25
CA LYS K 230 -35.48 12.34 28.68
CA TRP K 231 -35.03 8.70 27.72
CA GLN K 232 -32.41 7.12 25.47
CA TYR K 233 -31.65 3.92 23.57
CA ASN K 234 -29.39 0.92 24.26
CA SER K 235 -26.68 1.45 21.71
CA PRO K 236 -23.43 -0.53 21.36
CA LEU K 237 -21.50 2.74 20.96
CA VAL K 238 -21.74 3.97 24.56
CA PRO K 239 -21.21 2.54 28.06
CA ARG K 240 -24.13 1.45 30.25
CA ASN K 241 -25.95 3.55 32.83
CA ALA K 242 -22.81 3.26 34.99
CA GLU K 243 -24.18 0.03 36.48
CA LEU K 244 -26.40 -2.13 34.30
CA GLY K 245 -28.97 -1.72 31.56
CA ASP K 246 -31.88 -1.79 33.98
CA ARG K 247 -34.19 0.84 32.49
CA LYS K 248 -36.59 -0.75 30.01
CA GLY K 249 -38.80 0.57 27.24
CA LYS K 250 -40.15 -0.65 23.91
CA ILE K 251 -41.04 1.31 20.77
CA ARG K 252 -42.07 0.01 17.38
CA ILE K 253 -39.66 -0.53 14.52
CA PRO K 254 -41.06 0.88 11.26
CA PHE K 255 -41.30 -0.79 7.88
CA PRO K 256 -41.85 -4.50 8.60
CA LEU K 257 -41.57 -7.41 6.20
CA ALA K 258 -44.40 -8.24 3.82
CA ASN K 259 -44.44 -11.05 1.25
CA VAL K 260 -44.97 -9.20 -2.02
CA THR K 261 -44.76 -9.70 -5.79
CA CYS K 262 -42.24 -8.70 -8.45
CA MET K 263 -41.86 -8.99 -12.21
CA VAL K 264 -38.85 -10.32 -14.11
CA PRO K 265 -38.37 -9.85 -17.88
CA LYS K 266 -38.85 -13.00 -19.93
CA ALA K 267 -36.01 -13.60 -22.36
CA ARG K 268 -36.37 -13.81 -26.11
CA ASN K 269 -36.93 -17.10 -27.93
CA PRO K 270 -34.17 -17.70 -30.48
CA THR K 271 -34.78 -20.52 -32.93
CA VAL K 272 -32.84 -23.77 -33.33
CA THR K 273 -31.57 -26.13 -36.01
CA TYR K 274 -31.75 -29.91 -36.06
CA GLY K 275 -28.63 -32.04 -36.28
CA LYS K 276 -28.63 -35.42 -38.01
CA ASN K 277 -30.19 -37.45 -35.20
CA GLN K 278 -29.34 -34.33 -33.21
CA VAL K 279 -30.19 -30.70 -32.55
CA ILE K 280 -28.08 -27.56 -32.26
CA MET K 281 -29.52 -24.45 -30.66
CA LEU K 282 -28.69 -20.85 -31.48
CA LEU K 283 -28.57 -18.53 -28.47
CA TYR K 284 -29.10 -14.82 -28.52
CA PRO K 285 -29.34 -13.14 -25.10
CA ASP K 286 -30.28 -9.72 -23.79
CA HIS K 287 -28.02 -9.59 -20.71
CA PRO K 288 -25.62 -12.10 -19.13
CA THR K 289 -27.72 -14.94 -17.78
CA LEU K 290 -27.75 -18.61 -16.93
CA LEU K 291 -29.65 -21.38 -18.69
CA SER K 292 -29.71 -25.15 -18.67
CA TYR K 293 -31.11 -28.36 -20.14
CA ARG K 294 -31.35 -31.99 -19.07
CA SER K 295 -32.78 -35.37 -20.00
CA MET K 296 -36.21 -36.69 -19.09
CA GLY K 297 -34.76 -40.19 -18.69
CA GLU K 298 -33.63 -41.80 -15.48
CA GLU K 299 -30.39 -39.82 -15.50
CA PRO K 300 -31.08 -36.09 -15.99
CA ASN K 301 -27.47 -35.42 -17.00
CA TYR K 302 -28.23 -31.98 -15.67
CA GLN K 303 -26.16 -29.24 -17.32
CA GLU K 304 -26.55 -25.61 -16.24
CA GLU K 305 -24.48 -22.78 -17.69
CA TRP K 306 -24.26 -18.99 -17.68
CA VAL K 307 -24.02 -16.99 -20.91
CA THR K 308 -23.48 -13.35 -21.85
CA HIS K 309 -23.54 -13.32 -25.67
CA LYS K 310 -24.66 -15.52 -28.54
CA LYS K 311 -23.72 -19.17 -28.09
CA GLU K 312 -24.09 -21.97 -30.63
CA VAL K 313 -24.51 -25.13 -28.57
CA VAL K 314 -25.16 -28.61 -29.89
CA LEU K 315 -27.77 -30.40 -27.80
CA THR K 316 -27.15 -34.14 -27.61
CA VAL K 317 -30.67 -35.49 -28.01
CA PRO K 318 -31.29 -38.59 -25.89
CA THR K 319 -33.13 -41.56 -27.33
CA GLU K 320 -36.32 -40.65 -25.45
CA GLY K 321 -36.50 -36.85 -25.19
CA LEU K 322 -34.52 -33.66 -24.57
CA GLU K 323 -35.63 -30.85 -22.25
CA VAL K 324 -34.19 -27.33 -22.07
CA THR K 325 -34.07 -24.40 -19.66
CA TRP K 326 -34.08 -20.73 -20.64
CA GLY K 327 -35.40 -17.49 -19.15
CA ASN K 328 -38.58 -17.13 -17.16
CA ASN K 329 -40.31 -18.85 -20.08
CA GLU K 330 -41.41 -22.41 -19.48
CA PRO K 331 -39.04 -25.14 -20.68
CA TYR K 332 -39.45 -26.84 -24.03
CA LYS K 333 -40.09 -30.54 -24.54
CA TYR K 334 -38.42 -32.24 -27.48
CA TRP K 335 -38.64 -35.70 -28.98
CA PRO K 336 -36.08 -37.49 -31.16
CA GLN K 337 -38.02 -38.32 -34.29
CA LEU K 338 -36.69 -40.61 -36.98
CA SER K 339 -34.73 -38.36 -39.32
CA ALA K 340 -33.67 -39.99 -42.62
CA ASN K 341 -31.91 -36.90 -43.97
CA GLY K 342 -31.37 -38.84 -47.16
CA THR K 343 -32.34 -42.52 -47.39
CA ALA K 344 -35.98 -41.71 -48.11
CA HIS K 345 -37.50 -45.16 -48.38
CA GLY K 346 -38.05 -45.89 -52.06
CA HIS K 347 -37.61 -49.64 -51.38
CA PRO K 348 -34.61 -50.22 -53.70
CA HIS K 349 -31.77 -52.72 -53.46
CA GLU K 350 -29.56 -52.57 -50.33
CA ILE K 351 -31.96 -50.17 -48.58
CA ILE K 352 -30.62 -51.60 -45.29
CA LEU K 353 -28.98 -48.20 -44.87
CA TYR K 354 -32.51 -46.99 -44.06
CA TYR K 355 -31.79 -48.74 -40.78
CA TYR K 356 -28.03 -48.10 -40.80
CA GLU K 357 -28.71 -44.44 -40.06
CA LEU K 358 -32.35 -44.33 -38.96
CA TYR K 359 -32.92 -46.50 -35.88
CA PRO K 360 -29.22 -47.38 -36.04
CA THR K 361 -26.61 -49.50 -34.24
CA MET K 362 -29.28 -51.89 -32.95
CA THR K 363 -30.50 -53.71 -36.03
CA VAL K 364 -27.13 -52.95 -37.63
CA VAL K 365 -25.35 -55.15 -35.12
CA VAL K 366 -28.28 -57.58 -35.37
CA VAL K 367 -27.78 -57.66 -39.15
CA SER K 368 -24.09 -58.32 -38.52
CA VAL K 369 -24.99 -61.21 -36.22
CA ALA K 370 -27.38 -62.54 -38.86
CA SER K 371 -24.58 -62.41 -41.41
CA PHE K 372 -22.28 -64.22 -38.98
CA ILE K 373 -24.81 -66.98 -38.33
CA LEU K 374 -25.40 -67.27 -42.07
CA LEU K 375 -21.67 -67.76 -42.53
CA SER K 376 -21.72 -70.31 -39.71
CA MET K 377 -24.50 -72.21 -41.49
CA VAL K 378 -22.67 -72.12 -44.81
CA GLY K 379 -19.49 -73.27 -43.06
CA MET K 380 -21.41 -76.18 -41.59
CA ALA K 381 -22.61 -76.88 -45.13
CA VAL K 382 -19.04 -76.78 -46.43
CA GLY K 383 -17.86 -79.11 -43.68
CA MET K 384 -20.67 -81.51 -44.52
CA CYS K 385 -19.72 -81.27 -48.20
CA MET K 386 -16.13 -82.18 -47.30
CA CYS K 387 -17.50 -85.07 -45.25
CA ALA K 388 -19.48 -85.99 -48.37
CA ARG K 389 -16.25 -86.04 -50.35
CA ARG K 390 -14.86 -88.27 -47.60
CA ARG K 391 -17.79 -90.69 -47.96
CA CYS K 392 -17.03 -90.80 -51.68
CA ILE K 393 -13.40 -91.49 -50.73
CA THR K 394 -14.30 -93.72 -47.80
CA PRO K 395 -14.92 -97.06 -49.60
CA TYR K 396 -13.24 -96.42 -52.94
CA GLU K 397 -9.83 -94.84 -52.26
CA LEU K 398 -8.27 -98.04 -50.94
CA THR K 399 -9.43 -100.53 -53.54
CA PRO K 400 -6.77 -102.42 -55.53
CA GLY K 401 -9.12 -102.32 -58.52
CA ALA K 402 -9.88 -98.58 -58.33
CA THR K 403 -12.29 -98.88 -61.25
CA VAL K 404 -15.95 -97.86 -61.22
CA PRO K 405 -16.38 -94.80 -63.46
CA PHE K 406 -19.47 -93.47 -65.26
CA LEU K 407 -21.42 -93.54 -61.99
CA LEU K 408 -19.10 -92.79 -59.07
CA SER K 409 -17.80 -89.50 -60.43
CA LEU K 410 -21.33 -88.14 -60.10
CA ILE K 411 -20.04 -85.28 -57.97
CA CYS K 412 -16.50 -86.02 -59.28
CA CYS K 413 -15.43 -88.18 -56.36
CA ILE K 414 -12.54 -89.33 -58.60
CA ARG K 415 -9.67 -87.46 -60.27
CA THR K 416 -9.23 -84.45 -57.99
CA ALA K 417 -5.75 -83.07 -57.38
CA LYS K 418 -6.56 -82.12 -53.77
CA ALA K 419 -8.55 -83.82 -51.00
CA ASN L 1 42.94 -98.80 -54.18
CA ASP L 2 42.02 -98.25 -50.53
CA CYS L 3 41.87 -94.45 -49.90
CA ILE L 4 38.35 -94.35 -51.40
CA PHE L 5 35.59 -92.56 -49.49
CA GLU L 6 31.96 -91.83 -50.31
CA VAL L 7 29.71 -88.76 -50.54
CA LYS L 8 26.03 -89.11 -49.65
CA HIS L 9 22.92 -87.05 -48.90
CA GLU L 10 19.37 -87.97 -47.90
CA GLY L 11 20.79 -91.32 -46.86
CA LYS L 12 21.45 -91.80 -50.58
CA VAL L 13 24.90 -92.35 -52.07
CA THR L 14 25.58 -89.21 -54.12
CA GLY L 15 29.29 -89.31 -54.89
CA TYR L 16 32.79 -90.43 -53.93
CA ALA L 17 34.94 -88.70 -51.33
CA CYS L 18 38.71 -88.44 -51.64
CA LEU L 19 41.63 -86.50 -50.19
CA VAL L 20 44.87 -85.22 -51.70
CA GLY L 21 48.03 -84.55 -49.72
CA ASP L 22 46.91 -82.70 -46.60
CA LYS L 23 43.40 -81.81 -47.75
CA VAL L 24 40.10 -83.31 -48.84
CA MET L 25 38.68 -83.08 -52.36
CA LYS L 26 35.05 -82.23 -53.07
CA PRO L 27 33.58 -81.75 -56.58
CA ALA L 28 31.32 -78.73 -56.22
CA HIS L 29 29.20 -79.85 -59.16
CA VAL L 30 27.96 -82.86 -57.22
CA LYS L 31 26.35 -82.30 -53.83
CA GLY L 32 26.64 -84.33 -50.67
CA THR L 33 28.60 -85.03 -47.49
CA ILE L 34 31.34 -87.57 -46.92
CA ASP L 35 31.07 -91.00 -45.29
CA ASN L 36 33.04 -89.84 -42.21
CA ALA L 37 30.86 -87.48 -40.19
CA ASP L 38 33.84 -86.76 -37.94
CA LEU L 39 35.59 -85.51 -41.08
CA ALA L 40 32.35 -84.22 -42.61
CA LYS L 41 31.84 -81.85 -39.66
CA LEU L 42 35.02 -79.94 -40.50
CA ALA L 43 35.20 -76.55 -42.20
CA PHE L 44 35.13 -76.12 -45.97
CA LYS L 45 35.84 -73.48 -48.62
CA ARG L 46 33.70 -73.50 -51.75
CA SER L 47 35.39 -72.74 -55.08
CA SER L 48 32.29 -71.85 -57.05
CA LYS L 49 34.12 -70.30 -60.01
CA TYR L 50 36.71 -73.04 -60.41
CA ASP L 51 33.88 -75.54 -59.90
CA LEU L 52 35.17 -77.70 -57.03
CA GLU L 53 35.76 -77.73 -53.27
CA CYS L 54 38.44 -78.81 -50.82
CA ALA L 55 39.58 -78.44 -47.22
CA GLN L 56 42.58 -79.50 -45.19
CA ILE L 57 42.57 -82.72 -43.16
CA PRO L 58 43.27 -83.41 -39.45
CA VAL L 59 46.54 -84.86 -38.19
CA HIS L 60 45.48 -88.47 -37.69
CA MET L 61 44.65 -89.77 -41.19
CA LYS L 62 47.68 -88.78 -43.31
CA SER L 63 48.77 -92.40 -42.91
CA ASP L 64 46.16 -92.92 -45.66
CA ALA L 65 47.15 -89.73 -47.51
CA SER L 66 46.88 -90.16 -51.27
CA LYS L 67 50.06 -90.61 -53.28
CA PHE L 68 50.04 -88.15 -56.17
CA THR L 69 52.27 -87.15 -59.06
CA HIS L 70 52.87 -83.96 -61.00
CA GLU L 71 54.31 -85.15 -64.31
CA LYS L 72 51.77 -85.96 -67.03
CA PRO L 73 52.83 -88.52 -69.64
CA GLU L 74 50.62 -89.96 -72.36
CA GLY L 75 49.82 -93.60 -72.95
CA TYR L 76 47.92 -96.30 -71.09
CA TYR L 77 46.14 -95.32 -67.88
CA ASN L 78 43.53 -96.67 -65.49
CA TRP L 79 40.92 -95.67 -62.93
CA HIS L 80 38.58 -97.17 -60.34
CA HIS L 81 37.07 -99.97 -62.43
CA GLY L 82 38.55 -99.41 -65.85
CA ALA L 83 41.57 -98.52 -67.93
CA VAL L 84 41.99 -95.30 -69.89
CA GLN L 85 44.51 -93.56 -72.13
CA TYR L 86 45.90 -90.07 -72.64
CA SER L 87 45.74 -88.93 -76.26
CA GLY L 88 46.15 -85.50 -77.84
CA GLY L 89 46.50 -83.89 -74.44
CA ARG L 90 43.15 -85.48 -73.62
CA PHE L 91 41.81 -88.51 -71.77
CA THR L 92 39.49 -90.94 -73.58
CA ILE L 93 37.41 -93.68 -71.97
CA PRO L 94 35.40 -96.56 -73.45
CA THR L 95 31.70 -95.80 -73.64
CA GLY L 96 29.49 -97.20 -70.88
CA ALA L 97 31.80 -96.85 -67.90
CA GLY L 98 30.52 -93.34 -67.26
CA LYS L 99 27.42 -93.12 -65.11
CA PRO L 100 25.69 -90.67 -62.75
CA GLY L 101 26.98 -90.24 -59.23
CA ASP L 102 30.36 -91.86 -59.85
CA SER L 103 32.22 -88.56 -59.49
CA GLY L 104 34.86 -87.98 -56.84
CA ARG L 105 36.85 -91.01 -58.03
CA PRO L 106 40.48 -90.15 -58.84
CA ILE L 107 42.63 -91.24 -61.78
CA PHE L 108 46.03 -92.87 -61.33
CA ASP L 109 48.51 -94.87 -63.43
CA ASN L 110 50.39 -98.15 -63.10
CA LYS L 111 53.09 -96.09 -61.36
CA GLY L 112 50.60 -95.90 -58.48
CA ARG L 113 50.74 -92.18 -57.79
CA VAL L 114 47.35 -90.62 -58.49
CA VAL L 115 47.26 -88.54 -61.65
CA ALA L 116 43.84 -86.93 -61.93
CA ILE L 117 40.30 -86.58 -60.55
CA VAL L 118 37.07 -86.99 -62.51
CA LEU L 119 34.98 -83.98 -63.48
CA GLY L 120 32.34 -85.56 -65.72
CA GLY L 121 32.14 -85.98 -69.48
CA ALA L 122 29.73 -86.95 -72.23
CA ASN L 123 29.73 -89.89 -74.63
CA GLU L 124 31.25 -89.81 -78.10
CA GLY L 125 30.34 -93.20 -79.52
CA ALA L 126 32.90 -95.99 -79.28
CA ARG L 127 34.79 -93.81 -76.80
CA THR L 128 33.60 -91.13 -74.39
CA ALA L 129 34.96 -87.70 -73.51
CA LEU L 130 35.48 -87.22 -69.78
CA SER L 131 36.19 -83.80 -68.30
CA VAL L 132 38.96 -84.00 -65.72
CA VAL L 133 40.57 -81.85 -63.04
CA THR L 134 44.29 -82.25 -62.34
CA TRP L 135 47.31 -80.45 -60.92
CA ASN L 136 50.69 -79.54 -62.39
CA LYS L 137 53.69 -77.33 -61.54
CA ASP L 138 51.99 -74.53 -59.59
CA ILE L 139 48.90 -74.95 -61.80
CA VAL L 140 45.71 -77.00 -61.67
CA THR L 141 43.84 -77.83 -64.87
CA LYS L 142 40.09 -78.45 -64.88
CA ILE L 143 39.92 -79.95 -68.35
CA THR L 144 36.39 -79.33 -69.64
CA PRO L 145 35.91 -80.59 -73.20
CA GLU L 146 32.95 -78.73 -74.66
CA GLY L 147 29.69 -80.65 -74.59
CA ALA L 148 31.03 -83.02 -71.91
CA GLU L 149 29.18 -83.04 -68.59
CA GLU L 150 28.55 -85.13 -65.50
CA TRP L 151 26.19 -88.05 -66.03
CA TYR M 1 16.75 -4.25 -79.48
CA GLU M 2 14.05 -4.15 -76.83
CA HIS M 3 14.92 -6.01 -73.64
CA VAL M 4 12.48 -8.41 -71.99
CA THR M 5 12.94 -9.77 -68.46
CA VAL M 6 10.83 -11.13 -65.65
CA ILE M 7 11.11 -9.12 -62.44
CA PRO M 8 10.50 -10.47 -58.92
CA ASN M 9 7.61 -8.21 -57.98
CA THR M 10 9.25 -6.84 -54.85
CA VAL M 11 10.18 -3.29 -53.86
CA GLY M 12 13.15 -1.59 -52.26
CA VAL M 13 15.65 -3.62 -54.27
CA PRO M 14 16.71 -2.13 -57.62
CA TYR M 15 17.29 -4.68 -60.38
CA LYS M 16 20.30 -3.75 -62.48
CA THR M 17 19.85 -5.01 -66.05
CA LEU M 18 22.53 -5.23 -68.72
CA VAL M 19 21.59 -4.19 -72.25
CA ASN M 20 24.34 -4.58 -74.83
CA ARG M 21 23.91 -5.67 -78.40
CA PRO M 22 27.12 -6.08 -80.41
CA GLY M 23 28.75 -2.96 -81.79
CA TYR M 24 27.78 -0.96 -78.73
CA SER M 25 29.51 -0.10 -75.47
CA PRO M 26 27.81 -2.24 -72.80
CA MET M 27 25.07 -0.35 -71.01
CA VAL M 28 23.46 -1.15 -67.68
CA LEU M 29 19.86 -0.19 -66.94
CA GLU M 30 18.75 -0.64 -63.35
CA MET M 31 15.12 -0.73 -62.36
CA GLU M 32 13.44 -0.31 -58.99
CA LEU M 33 9.77 -1.00 -58.26
CA LEU M 34 7.94 1.61 -56.20
CA SER M 35 4.36 0.32 -56.19
CA VAL M 36 1.93 -1.94 -58.02
CA THR M 37 -1.77 -1.44 -58.73
CA LEU M 38 -4.28 -4.28 -58.41
CA GLU M 39 -7.92 -3.19 -58.72
CA PRO M 40 -10.28 -6.19 -58.75
CA THR M 41 -13.61 -6.22 -60.52
CA LEU M 42 -16.49 -4.64 -58.66
CA SER M 43 -20.10 -5.84 -58.58
CA LEU M 44 -22.69 -4.08 -56.40
CA ASP M 45 -24.79 -6.81 -54.83
CA TYR M 46 -26.78 -4.82 -52.25
CA ILE M 47 -26.38 -2.14 -49.63
CA THR M 48 -26.83 -3.06 -45.99
CA CYS M 49 -26.89 -1.21 -42.67
CA GLU M 50 -28.84 -1.02 -39.43
CA TYR M 51 -32.64 -1.04 -39.41
CA LYS M 52 -35.28 0.71 -37.32
CA THR M 53 -38.88 -0.46 -37.17
CA VAL M 54 -42.04 1.53 -36.56
CA ILE M 55 -44.03 1.65 -33.34
CA PRO M 56 -47.22 3.50 -34.33
CA SER M 57 -49.82 4.48 -31.78
CA PRO M 58 -51.76 1.37 -30.76
CA TYR M 59 -55.48 1.29 -31.42
CA VAL M 60 -57.95 0.23 -28.73
CA LYS M 61 -61.68 0.10 -29.45
CA CYS M 62 -63.39 0.63 -26.11
CA CYS M 63 -66.40 -1.65 -25.54
CA GLY M 64 -65.78 -3.45 -28.80
CA THR M 65 -63.76 -6.08 -30.67
CA ALA M 66 -61.79 -4.17 -33.28
CA GLU M 67 -60.60 -6.00 -36.39
CA CYS M 68 -57.12 -5.94 -37.88
CA LYS M 69 -56.24 -5.34 -41.53
CA ASP M 70 -53.56 -6.63 -43.89
CA LYS M 71 -51.01 -4.58 -45.82
CA ASN M 72 -48.15 -5.43 -48.19
CA LEU M 73 -45.26 -4.11 -46.11
CA PRO M 74 -42.19 -5.97 -44.79
CA ASP M 75 -43.19 -8.05 -41.75
CA TYR M 76 -46.44 -6.11 -41.44
CA SER M 77 -47.74 -8.05 -38.45
CA CYS M 78 -50.50 -7.37 -35.94
CA LYS M 79 -52.28 -9.02 -33.02
CA VAL M 80 -55.59 -7.92 -31.55
CA PHE M 81 -55.83 -8.47 -27.81
CA THR M 82 -59.04 -8.95 -25.84
CA GLY M 83 -59.94 -8.36 -22.21
CA VAL M 84 -57.13 -5.91 -21.50
CA TYR M 85 -58.14 -2.98 -19.28
CA PRO M 86 -55.60 -0.25 -20.04
CA PHE M 87 -55.77 3.29 -18.75
CA MET M 88 -53.43 6.28 -18.69
CA TRP M 89 -52.63 8.89 -16.04
CA GLY M 90 -56.17 10.19 -16.07
CA GLY M 91 -57.44 7.15 -14.21
CA ALA M 92 -59.54 4.55 -15.97
CA TYR M 93 -60.07 4.89 -19.72
CA CYS M 94 -62.34 2.10 -20.97
CA PHE M 95 -66.02 2.02 -20.02
CA CYS M 96 -66.61 -1.69 -20.53
CA ASP M 97 -64.28 -3.86 -18.48
CA ALA M 98 -64.70 -7.27 -20.12
CA GLU M 99 -64.94 -7.11 -23.92
CA ASN M 100 -62.87 -3.96 -24.44
CA THR M 101 -60.15 -4.94 -26.92
CA GLN M 102 -56.95 -3.50 -28.37
CA LEU M 103 -54.97 -4.14 -31.54
CA SER M 104 -51.34 -3.42 -32.36
CA GLU M 105 -49.75 -3.45 -35.83
CA ALA M 106 -46.19 -2.55 -36.72
CA HIS M 107 -43.59 -3.41 -39.34
CA VAL M 108 -39.93 -2.88 -40.10
CA GLU M 109 -38.48 0.16 -41.87
CA LYS M 110 -35.11 1.36 -43.09
CA SER M 111 -33.16 3.11 -40.33
CA GLU M 112 -33.26 6.69 -41.58
CA SER M 113 -29.92 7.37 -39.87
CA CYS M 114 -28.34 4.91 -42.32
CA LYS M 115 -28.38 7.63 -45.00
CA THR M 116 -24.63 7.98 -44.36
CA GLU M 117 -23.52 4.75 -42.69
CA PHE M 118 -23.39 1.94 -45.23
CA ALA M 119 -21.90 -1.52 -45.56
CA SER M 120 -21.18 -3.10 -48.91
CA ALA M 121 -20.15 -6.45 -50.36
CA TYR M 122 -19.13 -7.41 -53.87
CA ARG M 123 -18.36 -10.20 -56.28
CA ALA M 124 -14.87 -9.67 -57.65
CA HIS M 125 -12.59 -11.05 -60.33
CA THR M 126 -9.16 -10.34 -61.86
CA ALA M 127 -7.58 -7.04 -60.92
CA SER M 128 -6.46 -4.14 -63.07
CA ALA M 129 -2.66 -4.39 -63.06
CA SER M 130 -0.72 -1.12 -63.02
CA ALA M 131 2.55 -0.30 -61.30
CA LYS M 132 4.86 2.42 -60.00
CA LEU M 133 8.57 1.93 -60.49
CA ARG M 134 11.84 3.90 -60.55
CA VAL M 135 14.28 3.73 -63.47
CA LEU M 136 17.85 5.06 -63.76
CA TYR M 137 19.71 5.31 -67.06
CA GLN M 138 22.54 7.81 -67.54
CA GLY M 139 21.97 9.63 -64.25
CA ASN M 140 18.22 10.05 -64.69
CA ASN M 141 16.02 9.51 -61.62
CA ILE M 142 12.88 8.68 -63.61
CA THR M 143 9.70 6.76 -62.89
CA VAL M 144 6.38 6.03 -64.58
CA THR M 145 2.99 4.52 -63.81
CA ALA M 146 1.01 2.56 -66.38
CA TYR M 147 -1.31 -0.41 -66.66
CA ALA M 148 1.05 -3.38 -66.36
CA ASN M 149 -1.80 -5.80 -67.08
CA GLY M 150 -1.53 -6.01 -70.86
CA ASP M 151 0.79 -4.42 -73.39
CA HIS M 152 -0.15 -0.89 -72.41
CA ALA M 153 2.53 1.43 -73.73
CA VAL M 154 4.02 4.65 -72.37
CA THR M 155 7.17 6.55 -73.23
CA VAL M 156 9.33 9.26 -71.65
CA LYS M 157 12.46 10.60 -73.33
CA ASP M 158 11.83 8.31 -76.31
CA ALA M 159 11.99 5.22 -74.08
CA LYS M 160 9.26 2.72 -74.92
CA PHE M 161 7.60 1.01 -71.95
CA ILE M 162 5.40 -2.08 -71.73
CA VAL M 163 5.26 -4.39 -68.73
CA GLY M 164 2.92 -7.24 -69.59
CA PRO M 165 1.03 -9.73 -67.43
CA MET M 166 2.05 -10.67 -63.91
CA SER M 167 2.46 -14.44 -64.56
CA SER M 168 0.44 -15.05 -61.37
CA ALA M 169 -3.33 -14.52 -61.39
CA TRP M 170 -3.56 -15.08 -57.63
CA THR M 171 -5.56 -12.54 -55.64
CA PRO M 172 -5.82 -11.67 -51.95
CA PHE M 173 -9.58 -11.68 -52.33
CA ASP M 174 -12.49 -14.10 -52.52
CA ASN M 175 -15.56 -13.95 -54.73
CA LYS M 176 -17.74 -12.98 -51.77
CA ILE M 177 -16.15 -10.03 -49.96
CA VAL M 178 -17.67 -7.29 -47.82
CA VAL M 179 -16.37 -3.78 -47.12
CA TYR M 180 -17.20 -1.50 -44.17
CA LYS M 181 -16.44 2.21 -44.29
CA GLY M 182 -12.86 2.07 -45.49
CA ASP M 183 -12.19 -1.45 -44.26
CA VAL M 184 -13.05 -4.72 -45.98
CA TYR M 185 -13.51 -8.26 -44.63
CA ASN M 186 -13.56 -11.75 -46.14
CA MET M 187 -16.75 -13.79 -45.70
CA ASP M 188 -19.62 -15.30 -47.69
CA TYR M 189 -22.53 -12.95 -47.13
CA PRO M 190 -26.07 -14.31 -47.07
CA PRO M 191 -27.75 -14.32 -50.48
CA PHE M 192 -30.18 -11.57 -51.33
CA GLY M 193 -33.50 -11.94 -49.58
CA ALA M 194 -32.33 -14.78 -47.33
CA GLY M 195 -30.46 -13.16 -44.42
CA ARG M 196 -32.32 -14.95 -41.61
CA PRO M 197 -32.02 -13.03 -38.34
CA GLY M 198 -29.14 -12.85 -35.91
CA GLN M 199 -26.13 -13.18 -38.18
CA PHE M 200 -24.68 -10.66 -40.63
CA GLY M 201 -26.90 -8.78 -43.05
CA ASP M 202 -30.24 -9.53 -41.40
CA ILE M 203 -31.80 -6.83 -43.61
CA GLN M 204 -31.68 -6.47 -47.38
CA SER M 205 -31.71 -3.54 -49.83
CA ARG M 206 -29.87 -2.72 -53.05
CA THR M 207 -29.26 1.02 -53.21
CA PRO M 208 -29.05 3.67 -50.46
CA GLU M 209 -32.29 5.09 -51.87
CA SER M 210 -33.92 1.77 -52.82
CA LYS M 211 -37.31 1.69 -51.11
CA ASP M 212 -37.34 -2.06 -51.79
CA VAL M 213 -36.50 -3.47 -48.36
CA TYR M 214 -36.34 -7.05 -47.08
CA ALA M 215 -36.16 -8.11 -43.44
CA ASN M 216 -36.53 -11.71 -42.27
CA THR M 217 -36.23 -10.75 -38.62
CA GLN M 218 -39.45 -11.98 -36.91
CA LEU M 219 -40.05 -8.87 -34.80
CA VAL M 220 -43.25 -10.48 -33.56
CA LEU M 221 -45.40 -8.99 -30.81
CA GLN M 222 -46.86 -10.31 -27.56
CA ARG M 223 -49.70 -9.26 -25.29
CA PRO M 224 -49.70 -6.05 -23.23
CA ALA M 225 -49.02 -6.47 -19.53
CA ALA M 226 -51.40 -4.29 -17.50
CA GLY M 227 -52.84 -0.81 -17.22
CA THR M 228 -50.30 1.07 -19.31
CA VAL M 229 -50.51 1.04 -23.09
CA HIS M 230 -47.16 0.02 -24.54
CA VAL M 231 -45.56 -2.06 -27.27
CA PRO M 232 -45.16 -5.71 -26.24
CA TYR M 233 -43.00 -7.02 -29.06
CA SER M 234 -40.27 -9.58 -29.53
CA GLN M 235 -37.13 -7.56 -30.13
CA ALA M 236 -34.60 -8.93 -32.63
CA PRO M 237 -32.34 -6.03 -33.63
CA SER M 238 -29.53 -5.68 -36.12
CA GLY M 239 -26.44 -7.82 -36.10
CA PHE M 240 -24.54 -4.81 -37.44
CA LYS M 241 -23.49 -3.55 -34.01
CA TYR M 242 -22.36 -7.08 -33.24
CA TRP M 243 -20.42 -7.42 -36.47
CA LEU M 244 -18.72 -4.18 -35.47
CA LYS M 245 -17.99 -5.87 -32.16
CA GLU M 246 -16.58 -9.20 -33.40
CA ARG M 247 -15.11 -7.77 -36.58
CA GLY M 248 -12.52 -10.54 -36.51
CA ALA M 249 -9.72 -8.59 -38.17
CA SER M 250 -9.05 -6.57 -41.28
CA LEU M 251 -8.17 -8.88 -44.14
CA GLN M 252 -5.38 -6.33 -44.48
CA HIS M 253 -4.19 -7.70 -41.17
CA THR M 254 -4.82 -11.24 -42.45
CA ALA M 255 -3.68 -11.07 -46.06
CA PRO M 256 -0.60 -13.20 -46.71
CA PHE M 257 2.34 -11.15 -48.02
CA GLY M 258 0.66 -8.15 -46.41
CA CYS M 259 -0.27 -5.83 -49.26
CA GLN M 260 -2.45 -2.94 -48.26
CA ILE M 261 -6.10 -2.12 -48.93
CA ALA M 262 -7.52 1.26 -49.84
CA THR M 263 -10.83 3.14 -49.82
CA ASN M 264 -13.49 3.13 -52.59
CA PRO M 265 -10.61 2.78 -55.05
CA VAL M 266 -10.10 -0.70 -53.62
CA ARG M 267 -6.40 -1.44 -53.92
CA ALA M 268 -3.98 -4.33 -53.42
CA MET M 269 -0.64 -2.55 -53.12
CA ASN M 270 2.76 -4.24 -52.98
CA CYS M 271 2.49 -7.86 -51.87
CA ALA M 272 5.19 -9.65 -53.85
CA VAL M 273 4.13 -12.88 -55.56
CA GLY M 274 6.13 -14.48 -58.35
CA ASN M 275 7.83 -12.39 -61.01
CA MET M 276 6.93 -9.58 -63.39
CA PRO M 277 7.73 -9.61 -67.11
CA ILE M 278 8.88 -6.20 -68.35
CA SER M 279 9.67 -4.92 -71.83
CA ILE M 280 11.15 -1.46 -72.38
CA ASP M 281 13.32 0.01 -75.11
CA ILE M 282 14.91 3.23 -76.26
CA PRO M 283 16.33 3.64 -79.79
CA ASP M 284 20.03 3.78 -80.40
CA ALA M 285 19.48 7.53 -80.47
CA ALA M 286 20.46 7.00 -76.83
CA PHE M 287 23.76 5.97 -78.38
CA THR M 288 27.17 5.34 -76.86
CA ARG M 289 30.83 5.31 -77.86
CA VAL M 290 29.95 1.93 -79.32
CA VAL M 291 33.60 0.88 -79.74
CA ASP M 292 35.65 3.95 -78.72
CA ALA M 293 34.54 4.00 -75.09
CA PRO M 294 37.53 3.91 -72.72
CA SER M 295 38.84 0.36 -72.40
CA LEU M 296 40.59 -0.91 -69.29
CA THR M 297 43.87 -2.80 -69.16
CA ASP M 298 45.96 -4.67 -66.58
CA MET M 299 43.06 -4.14 -64.18
CA SER M 300 43.43 -6.03 -60.89
CA CYS M 301 40.75 -6.55 -58.25
CA GLU M 302 41.14 -7.18 -54.53
CA VAL M 303 39.01 -7.24 -51.40
CA PRO M 304 39.86 -5.52 -48.11
CA ALA M 305 37.07 -7.37 -46.31
CA CYS M 306 33.45 -8.39 -46.71
CA THR M 307 30.68 -9.63 -44.42
CA HIS M 308 27.44 -11.07 -45.74
CA SER M 309 24.62 -8.92 -44.39
CA SER M 310 21.18 -7.69 -45.38
CA ASP M 311 23.04 -4.71 -46.85
CA PHE M 312 26.44 -3.90 -48.35
CA GLY M 313 28.77 -5.47 -45.83
CA GLY M 314 31.09 -6.25 -48.73
CA VAL M 315 33.40 -3.69 -50.34
CA ALA M 316 36.26 -4.38 -52.75
CA ILE M 317 38.97 -2.41 -54.52
CA ILE M 318 40.14 -2.58 -58.12
CA LYS M 319 43.52 -1.44 -59.42
CA TYR M 320 43.40 -0.69 -63.10
CA ALA M 321 44.68 1.16 -66.15
CA VAL M 322 42.48 2.63 -68.88
CA SER M 323 42.90 4.44 -72.18
CA LYS M 324 41.27 7.78 -71.35
CA LYS M 325 39.08 9.55 -68.83
CA GLY M 326 35.36 8.78 -68.78
CA LYS M 327 32.63 6.97 -66.91
CA CYS M 328 31.90 3.40 -67.99
CA ALA M 329 29.41 0.94 -66.58
CA VAL M 330 30.19 -2.04 -64.37
CA HIS M 331 28.57 -5.41 -63.77
CA SER M 332 29.18 -8.77 -62.11
CA MET M 333 28.17 -11.44 -64.61
CA THR M 334 28.16 -13.85 -61.67
CA ASN M 335 24.66 -14.30 -60.29
CA ALA M 336 25.58 -14.41 -56.60
CA VAL M 337 27.23 -11.02 -56.17
CA THR M 338 25.27 -7.79 -56.58
CA ILE M 339 26.29 -4.13 -56.70
CA ARG M 340 24.69 -0.78 -55.94
CA GLU M 341 26.94 1.62 -57.86
CA ALA M 342 26.45 1.91 -61.62
CA GLU M 343 29.41 3.62 -63.31
CA ILE M 344 32.42 5.77 -62.40
CA GLU M 345 35.05 7.72 -64.28
CA VAL M 346 38.56 6.31 -64.15
CA GLU M 347 40.87 9.04 -65.60
CA GLY M 348 43.70 6.78 -66.65
CA ASN M 349 45.79 4.82 -64.17
CA SER M 350 44.06 5.32 -60.81
CA GLN M 351 42.24 3.43 -58.06
CA LEU M 352 38.56 2.55 -57.71
CA GLN M 353 36.47 1.40 -54.75
CA ILE M 354 33.44 -0.86 -55.17
CA SER M 355 30.89 -2.12 -52.64
CA PHE M 356 28.67 -5.16 -53.11
CA SER M 357 26.50 -7.73 -51.37
CA THR M 358 25.94 -11.50 -51.23
CA ALA M 359 25.05 -14.23 -48.79
CA LEU M 360 27.82 -16.42 -50.15
CA ALA M 361 30.74 -16.91 -47.78
CA SER M 362 33.56 -16.79 -50.37
CA ALA M 363 33.13 -14.18 -53.11
CA GLU M 364 34.98 -15.99 -55.87
CA PHE M 365 33.27 -14.60 -58.95
CA ARG M 366 33.52 -12.56 -62.14
CA VAL M 367 32.79 -8.92 -62.95
CA GLN M 368 32.51 -7.31 -66.37
CA VAL M 369 33.50 -3.65 -65.97
CA CYS M 370 32.35 -1.92 -69.17
CA SER M 371 33.34 -5.01 -71.17
CA THR M 372 36.39 -5.82 -69.02
CA GLN M 373 36.44 -9.11 -67.11
CA VAL M 374 38.38 -10.31 -64.08
CA HIS M 375 38.08 -12.99 -61.40
CA CYS M 376 37.60 -11.64 -57.88
CA ALA M 377 38.44 -13.81 -54.87
CA ALA M 378 37.20 -12.96 -51.40
CA GLU M 379 36.24 -14.29 -47.97
CA CYS M 380 33.08 -13.27 -46.16
CA HIS M 381 31.93 -13.06 -42.54
CA PRO M 382 28.71 -13.12 -40.53
CA PRO M 383 27.41 -10.33 -38.30
CA LYS M 384 25.76 -11.02 -34.95
CA ASP M 385 22.10 -12.03 -34.49
CA HIS M 386 20.50 -9.10 -36.27
CA ILE M 387 17.25 -8.22 -37.98
CA VAL M 388 17.34 -5.21 -40.28
CA ASN M 389 14.32 -3.18 -41.35
CA TYR M 390 15.06 -3.65 -45.02
CA PRO M 391 15.32 -7.10 -46.62
CA ALA M 392 18.50 -8.72 -47.91
CA SER M 393 19.77 -6.65 -50.83
CA HIS M 394 21.30 -9.68 -52.50
CA THR M 395 19.42 -12.75 -53.70
CA THR M 396 19.17 -16.10 -51.94
CA LEU M 397 21.95 -18.66 -51.69
CA GLY M 398 19.64 -21.61 -52.25
CA VAL M 399 21.45 -24.96 -52.43
CA GLN M 400 24.43 -23.88 -54.55
CA ASP M 401 26.61 -24.92 -51.57
CA ILE M 402 29.94 -23.20 -52.22
CA SER M 403 30.70 -23.21 -48.47
CA ALA M 404 33.70 -20.88 -48.45
CA THR M 405 36.40 -22.94 -46.72
CA ALA M 406 34.53 -26.12 -47.52
CA MET M 407 35.20 -25.06 -51.07
CA SER M 408 38.82 -25.68 -50.09
CA TRP M 409 37.74 -28.42 -47.72
CA VAL M 410 35.90 -30.30 -50.48
CA GLN M 411 39.14 -30.08 -52.37
CA LYS M 412 40.28 -31.83 -49.19
CA ILE M 413 37.50 -34.31 -48.37
CA THR M 414 36.24 -34.65 -51.94
CA GLY M 415 39.91 -35.28 -52.49
CA GLY M 416 39.88 -37.35 -49.31
CA VAL M 417 36.97 -39.42 -50.55
CA GLY M 418 38.60 -38.95 -53.95
CA LEU M 419 41.47 -40.95 -52.49
CA VAL M 420 38.90 -43.39 -51.10
CA VAL M 421 36.91 -43.68 -54.33
CA ALA M 422 40.17 -43.88 -56.30
CA VAL M 423 41.53 -46.71 -54.16
CA ALA M 424 38.20 -48.51 -54.47
CA ALA M 425 38.25 -47.98 -58.23
CA LEU M 426 41.70 -49.29 -59.02
CA ILE M 427 41.41 -52.16 -56.54
CA LEU M 428 38.21 -53.20 -58.30
CA ILE M 429 39.92 -52.81 -61.68
CA VAL M 430 42.99 -54.86 -60.83
CA VAL M 431 40.95 -57.62 -59.20
CA LEU M 432 38.46 -57.76 -62.06
CA CYS M 433 41.39 -58.03 -64.48
CA VAL M 434 42.96 -60.97 -62.65
CA SER M 435 39.65 -62.86 -62.79
CA PHE M 436 40.05 -63.48 -66.53
CA SER M 437 43.82 -63.93 -66.22
CA ARG M 438 43.26 -66.87 -63.88
CA HIS M 439 40.50 -68.07 -66.22
CA ASN N 1 -35.95 29.40 -36.74
CA PHE N 2 -38.03 26.19 -36.50
CA ASN N 3 -41.23 28.12 -37.14
CA VAL N 4 -43.23 24.92 -36.59
CA TYR N 5 -43.47 24.68 -32.80
CA LYS N 6 -46.37 27.13 -32.60
CA ALA N 7 -49.37 24.85 -33.19
CA THR N 8 -47.60 22.10 -31.22
CA ARG N 9 -47.97 20.99 -27.63
CA PRO N 10 -46.19 18.95 -24.97
CA TYR N 11 -47.69 15.78 -23.58
CA LEU N 12 -47.32 13.83 -20.38
CA ALA N 13 -47.13 10.03 -20.56
CA HIS N 14 -46.29 6.98 -18.41
CA CYS N 15 -42.74 6.09 -17.33
CA PRO N 16 -41.98 2.53 -16.18
CA ASP N 17 -40.53 3.89 -12.93
CA CYS N 18 -40.17 7.14 -11.02
CA GLY N 19 -37.70 7.38 -8.15
CA GLU N 20 -39.20 4.53 -6.14
CA GLY N 21 -39.33 1.92 -8.89
CA HIS N 22 -43.11 2.26 -9.11
CA SER N 23 -44.70 2.55 -12.54
CA CYS N 24 -46.09 6.09 -12.55
CA HIS N 25 -46.92 8.55 -15.30
CA SER N 26 -44.30 11.23 -15.85
CA PRO N 27 -44.25 14.70 -17.42
CA VAL N 28 -41.02 13.79 -19.25
CA ALA N 29 -41.56 10.04 -19.46
CA LEU N 30 -38.91 8.79 -21.87
CA GLU N 31 -40.02 6.67 -24.76
CA ARG N 32 -37.02 5.62 -26.86
CA ILE N 33 -33.33 6.26 -27.50
CA ARG N 34 -31.01 6.02 -30.50
CA ASN N 35 -27.32 5.18 -30.20
CA GLU N 36 -25.82 4.90 -33.66
CA ALA N 37 -23.07 7.52 -33.69
CA THR N 38 -19.54 6.15 -33.97
CA ASP N 39 -18.47 8.74 -31.39
CA GLY N 40 -20.82 7.30 -28.80
CA THR N 41 -22.88 10.39 -27.97
CA LEU N 42 -26.38 9.60 -26.76
CA LYS N 43 -29.50 11.02 -28.38
CA ILE N 44 -32.88 10.55 -26.76
CA GLN N 45 -36.60 10.86 -27.41
CA VAL N 46 -38.57 12.54 -24.61
CA SER N 47 -42.02 14.08 -24.30
CA LEU N 48 -40.60 17.51 -23.42
CA GLN N 49 -39.77 20.51 -25.60
CA ILE N 50 -36.42 22.01 -24.59
CA GLY N 51 -35.67 25.69 -25.10
CA ILE N 52 -39.11 26.94 -26.18
CA GLY N 53 -41.97 27.72 -23.81
CA THR N 54 -45.69 28.40 -24.11
CA ASP N 55 -44.82 31.73 -25.73
CA ASP N 56 -43.69 29.67 -28.76
CA SER N 57 -40.82 32.14 -29.12
CA HIS N 58 -37.15 31.74 -30.07
CA ASP N 59 -36.19 31.55 -26.39
CA TRP N 60 -33.23 29.49 -25.20
CA THR N 61 -33.57 28.70 -21.47
CA LYS N 62 -37.32 28.44 -20.86
CA LEU N 63 -39.08 25.06 -20.93
CA ARG N 64 -42.58 23.84 -21.76
CA TYR N 65 -43.64 20.64 -19.98
CA MET N 66 -47.13 19.16 -19.87
CA ASP N 67 -48.86 18.27 -16.61
CA ASN N 68 -52.48 17.99 -15.42
CA HIS N 69 -53.61 18.32 -19.06
CA ILE N 70 -52.29 21.90 -19.05
CA PRO N 71 -49.01 23.34 -20.28
CA ALA N 72 -46.30 24.29 -17.80
CA ASP N 73 -42.88 25.88 -18.13
CA ALA N 74 -39.51 25.66 -16.40
CA GLY N 75 -35.82 26.44 -16.86
CA ARG N 76 -33.10 24.35 -18.49
CA ALA N 77 -30.93 24.26 -15.38
CA GLY N 78 -32.87 21.42 -13.77
CA LEU N 79 -32.90 18.79 -16.49
CA PHE N 80 -30.23 16.10 -16.40
CA VAL N 81 -29.49 12.50 -17.38
CA ARG N 82 -27.40 9.74 -15.87
CA THR N 83 -26.26 6.20 -16.61
CA SER N 84 -23.80 5.59 -13.78
CA ALA N 85 -22.59 9.14 -13.01
CA PRO N 86 -23.76 12.68 -13.74
CA CYS N 87 -22.96 13.33 -17.40
CA THR N 88 -23.12 16.46 -19.49
CA ILE N 89 -25.79 17.51 -21.96
CA THR N 90 -24.37 17.95 -25.47
CA GLY N 91 -27.00 19.92 -27.34
CA THR N 92 -30.78 20.26 -27.13
CA MET N 93 -33.71 20.78 -29.48
CA GLY N 94 -37.38 20.23 -28.69
CA HIS N 95 -38.00 16.57 -27.95
CA PHE N 96 -34.46 15.46 -28.77
CA ILE N 97 -31.19 16.27 -26.99
CA LEU N 98 -27.65 14.92 -27.10
CA ALA N 99 -25.39 14.16 -24.17
CA ARG N 100 -21.96 12.70 -23.54
CA CYS N 101 -22.23 10.00 -20.93
CA PRO N 102 -20.00 7.18 -19.68
CA LYS N 103 -20.84 3.48 -19.52
CA GLY N 104 -23.95 2.47 -17.63
CA GLU N 105 -26.13 -0.62 -17.55
CA THR N 106 -29.16 1.67 -17.10
CA LEU N 107 -29.74 5.27 -18.16
CA THR N 108 -32.22 7.84 -16.89
CA VAL N 109 -33.41 11.43 -17.15
CA GLY N 110 -34.16 13.84 -14.34
CA PHE N 111 -35.48 17.34 -13.78
CA THR N 112 -37.20 19.26 -11.01
CA ASP N 113 -40.49 21.12 -10.92
CA SER N 114 -40.56 24.89 -10.45
CA ARG N 115 -41.88 24.06 -6.97
CA LYS N 116 -38.85 21.79 -6.41
CA ILE N 117 -40.36 18.41 -7.28
CA SER N 118 -37.56 16.32 -8.79
CA HIS N 119 -39.22 14.08 -11.37
CA SER N 120 -37.06 11.12 -12.37
CA CYS N 121 -37.86 8.94 -15.39
CA THR N 122 -35.49 5.99 -15.77
CA HIS N 123 -35.07 3.24 -18.31
CA PRO N 124 -32.95 0.07 -18.20
CA PHE N 125 -30.50 0.05 -21.08
CA HIS N 126 -27.05 -1.50 -21.34
CA HIS N 127 -24.85 1.03 -23.12
CA ASP N 128 -21.55 -0.21 -24.50
CA PRO N 129 -19.60 2.45 -26.41
CA PRO N 130 -18.35 1.01 -29.70
CA VAL N 131 -14.80 -0.32 -29.73
CA ILE N 132 -13.36 2.27 -32.07
CA GLY N 133 -9.82 1.84 -33.32
CA ARG N 134 -7.78 -1.08 -32.03
CA GLU N 135 -6.81 -0.10 -28.47
CA LYS N 136 -9.49 0.06 -25.77
CA PHE N 137 -8.68 3.56 -24.56
CA HIS N 138 -11.07 5.58 -22.41
CA SER N 139 -11.33 9.26 -23.35
CA ARG N 140 -10.02 12.16 -25.44
CA PRO N 141 -6.21 12.28 -25.22
CA GLN N 142 -3.83 15.15 -25.92
CA HIS N 143 -2.54 13.78 -29.24
CA GLY N 144 -2.96 10.71 -31.44
CA LYS N 145 -3.77 9.42 -34.88
CA GLU N 146 -6.98 10.49 -36.57
CA LEU N 147 -9.67 7.94 -37.35
CA PRO N 148 -12.89 8.66 -39.26
CA CYS N 149 -16.10 8.83 -37.25
CA SER N 150 -19.65 10.13 -37.39
CA THR N 151 -21.88 12.08 -35.02
CA TYR N 152 -24.66 14.65 -34.87
CA VAL N 153 -24.40 18.42 -35.24
CA GLN N 154 -26.45 21.45 -34.22
CA SER N 155 -27.39 22.37 -37.80
CA ASN N 156 -31.19 22.67 -37.70
CA ALA N 157 -31.41 22.14 -41.48
CA ALA N 158 -31.81 18.38 -40.98
CA THR N 159 -34.17 16.81 -43.52
CA ALA N 160 -34.84 13.41 -45.14
CA GLU N 161 -36.54 12.22 -41.95
CA GLU N 162 -40.04 11.86 -40.50
CA ILE N 163 -41.46 13.08 -37.19
CA GLU N 164 -45.21 12.46 -37.04
CA VAL N 165 -47.68 15.21 -36.17
CA HIS N 166 -51.12 14.06 -34.99
CA MET N 167 -54.04 15.21 -32.84
CA PRO N 168 -54.50 14.49 -29.13
CA PRO N 169 -56.99 11.92 -27.83
CA ASP N 170 -59.28 12.24 -24.80
CA THR N 171 -58.30 12.35 -21.13
CA PRO N 172 -60.45 10.68 -18.45
CA ASP N 173 -60.89 12.16 -14.99
CA ARG N 174 -62.96 11.57 -11.87
CA THR N 175 -62.33 15.00 -10.33
CA LEU N 176 -64.76 16.84 -12.60
CA LEU N 177 -67.52 14.31 -11.83
CA SER N 178 -69.05 13.82 -8.38
CA GLN N 179 -72.07 12.39 -6.58
CA GLN N 180 -74.49 15.13 -5.55
CA SER N 181 -78.04 14.90 -4.21
CA GLY N 182 -78.78 11.59 -5.91
CA ASN N 183 -77.66 12.12 -9.51
CA VAL N 184 -74.11 12.74 -10.74
CA LYS N 185 -72.44 16.13 -10.50
CA ILE N 186 -70.24 17.00 -13.47
CA THR N 187 -68.04 20.04 -13.99
CA VAL N 188 -66.59 21.54 -17.16
CA ASN N 189 -64.96 24.95 -16.57
CA GLY N 190 -64.57 25.39 -20.34
CA ARG N 191 -63.38 22.03 -21.66
CA THR N 192 -64.71 19.03 -23.54
CA VAL N 193 -66.32 16.15 -21.64
CA ARG N 194 -66.89 13.02 -23.77
CA TYR N 195 -69.79 12.17 -21.51
CA LYS N 196 -71.08 8.59 -21.36
CA CYS N 197 -72.89 6.58 -18.70
CA ASN N 198 -74.63 3.25 -18.20
CA CYS N 199 -77.97 4.55 -16.89
CA GLY N 200 -81.04 4.70 -19.11
CA GLY N 201 -80.57 6.89 -22.17
CA SER N 202 -77.31 8.14 -20.66
CA ASN N 203 -75.22 7.77 -23.84
CA GLU N 204 -75.35 11.37 -25.06
CA GLY N 205 -71.67 11.60 -25.94
CA LEU N 206 -69.20 14.46 -25.97
CA ILE N 207 -70.44 17.81 -24.67
CA THR N 208 -68.66 21.12 -24.21
CA THR N 209 -70.68 22.73 -21.39
CA ASP N 210 -72.11 21.64 -18.06
CA LYS N 211 -74.93 19.11 -18.32
CA VAL N 212 -75.79 17.19 -15.16
CA ILE N 213 -77.86 14.10 -15.94
CA ASN N 214 -80.72 12.27 -14.21
CA ASN N 215 -80.44 10.04 -11.14
CA CYS N 216 -77.29 7.93 -11.47
CA LYS N 217 -74.14 7.29 -9.45
CA VAL N 218 -70.43 7.93 -9.93
CA ASP N 219 -69.42 4.29 -10.39
CA GLN N 220 -71.90 4.18 -13.24
CA CYS N 221 -70.87 7.15 -15.44
CA HIS N 222 -67.51 8.17 -16.89
CA ALA N 223 -66.14 10.93 -19.11
CA ALA N 224 -62.86 12.07 -20.64
CA VAL N 225 -61.85 15.62 -21.55
CA THR N 226 -60.85 15.55 -25.21
CA ASN N 227 -58.50 18.36 -26.18
CA HIS N 228 -58.57 19.68 -29.74
CA LYS N 229 -56.75 23.03 -29.63
CA LYS N 230 -53.36 21.98 -31.00
CA TRP N 231 -51.61 19.09 -32.72
CA GLN N 232 -49.86 16.09 -31.19
CA TYR N 233 -47.46 13.27 -32.04
CA ASN N 234 -47.92 9.58 -32.85
CA SER N 235 -46.52 7.98 -29.74
CA PRO N 236 -46.59 4.27 -28.83
CA LEU N 237 -47.69 5.19 -25.29
CA VAL N 238 -51.26 6.27 -26.09
CA PRO N 239 -54.23 4.93 -28.10
CA ARG N 240 -55.07 6.27 -31.54
CA ASN N 241 -57.50 9.07 -32.37
CA ALA N 242 -60.30 6.67 -31.42
CA GLU N 243 -60.38 5.40 -35.01
CA LEU N 244 -57.14 5.44 -36.97
CA GLY N 245 -53.99 7.52 -37.25
CA ASP N 246 -55.36 9.58 -40.12
CA ARG N 247 -54.05 13.06 -39.26
CA LYS N 248 -50.64 13.61 -40.84
CA GLY N 249 -47.83 16.08 -40.29
CA LYS N 250 -44.04 16.13 -40.61
CA ILE N 251 -41.45 18.10 -38.64
CA ARG N 252 -37.68 17.88 -38.79
CA ILE N 253 -35.61 15.74 -36.45
CA PRO N 254 -32.61 17.68 -35.11
CA PHE N 255 -28.98 16.64 -35.01
CA PRO N 256 -28.46 14.43 -38.08
CA LEU N 257 -25.54 12.16 -38.85
CA ALA N 258 -22.30 13.56 -40.25
CA ASN N 259 -19.16 11.59 -41.09
CA VAL N 260 -16.53 13.22 -38.91
CA THR N 261 -13.00 12.66 -37.60
CA CYS N 262 -11.56 11.53 -34.27
CA MET N 263 -8.15 11.01 -32.70
CA VAL N 264 -6.92 7.91 -30.90
CA PRO N 265 -3.72 7.84 -28.77
CA LYS N 266 -0.85 5.94 -30.32
CA ALA N 267 0.72 3.47 -27.92
CA ARG N 268 4.32 3.52 -26.78
CA ASN N 269 7.07 1.59 -28.58
CA PRO N 270 8.77 -0.83 -26.19
CA THR N 271 11.97 -2.40 -27.45
CA VAL N 272 12.68 -6.07 -28.18
CA THR N 273 15.41 -8.68 -27.86
CA TYR N 274 16.56 -11.19 -30.44
CA GLY N 275 16.45 -14.91 -29.76
CA LYS N 276 18.96 -17.31 -31.28
CA ASN N 277 17.40 -17.58 -34.74
CA GLN N 278 14.47 -15.98 -32.94
CA VAL N 279 13.10 -12.81 -31.36
CA ILE N 280 11.36 -12.12 -28.07
CA MET N 281 9.45 -8.88 -27.60
CA LEU N 282 8.96 -6.96 -24.36
CA LEU N 283 5.54 -5.38 -23.96
CA TYR N 284 4.70 -2.40 -21.84
CA PRO N 285 1.17 -1.01 -22.26
CA ASP N 286 -0.70 2.08 -21.15
CA HIS N 287 -4.21 0.59 -20.85
CA PRO N 288 -5.66 -2.83 -21.60
CA THR N 289 -5.50 -3.33 -25.35
CA LEU N 290 -5.25 -5.87 -28.12
CA LEU N 291 -2.33 -6.48 -30.44
CA SER N 292 -1.28 -9.07 -32.97
CA TYR N 293 1.37 -10.35 -35.39
CA ARG N 294 1.45 -12.70 -38.35
CA SER N 295 3.66 -14.06 -41.11
CA MET N 296 4.19 -12.54 -44.54
CA GLY N 297 4.37 -16.01 -46.07
CA GLU N 298 1.54 -17.90 -47.70
CA GLU N 299 0.08 -18.82 -44.32
CA PRO N 300 -0.30 -15.72 -42.12
CA ASN N 301 -0.61 -17.85 -38.96
CA TYR N 302 -2.57 -14.87 -37.72
CA GLN N 303 -2.42 -14.45 -33.95
CA GLU N 304 -4.30 -11.62 -32.23
CA GLU N 305 -4.35 -11.11 -28.48
CA TRP N 306 -5.48 -8.63 -25.84
CA VAL N 307 -3.15 -7.45 -23.09
CA THR N 308 -3.44 -5.29 -19.98
CA HIS N 309 0.06 -5.29 -18.46
CA LYS N 310 3.62 -6.06 -19.48
CA LYS N 311 3.96 -9.28 -21.45
CA GLU N 312 7.17 -11.01 -22.50
CA VAL N 313 6.27 -12.90 -25.69
CA VAL N 314 8.63 -14.90 -27.84
CA LEU N 315 7.97 -14.27 -31.53
CA THR N 316 8.66 -17.32 -33.66
CA VAL N 317 10.42 -15.76 -36.64
CA PRO N 318 9.51 -17.48 -39.92
CA THR N 319 12.19 -18.26 -42.46
CA GLU N 320 11.14 -15.32 -44.65
CA GLY N 321 9.91 -12.51 -42.39
CA LEU N 322 7.87 -11.69 -39.27
CA GLU N 323 5.29 -8.90 -39.06
CA VAL N 324 3.74 -7.46 -35.91
CA THR N 325 0.69 -5.46 -34.86
CA TRP N 326 0.57 -2.88 -32.06
CA GLY N 327 -1.31 0.34 -31.39
CA ASN N 328 -2.31 2.90 -33.98
CA ASN N 329 1.34 2.89 -35.03
CA GLU N 330 2.09 1.18 -38.32
CA PRO N 331 3.26 -2.44 -38.12
CA TYR N 332 6.93 -3.38 -38.15
CA LYS N 333 8.60 -5.52 -40.78
CA TYR N 334 11.27 -7.95 -39.67
CA TRP N 335 13.68 -10.24 -41.47
CA PRO N 336 15.43 -13.35 -40.14
CA GLN N 337 19.09 -12.59 -40.68
CA LEU N 338 21.79 -15.19 -40.25
CA SER N 339 22.75 -15.04 -36.59
CA ALA N 340 25.91 -16.99 -35.65
CA ASN N 341 25.80 -16.08 -31.96
CA GLY N 342 29.09 -17.87 -31.60
CA THR N 343 30.60 -19.78 -34.55
CA ALA N 344 32.09 -16.62 -36.06
CA HIS N 345 33.74 -17.95 -39.19
CA GLY N 346 37.47 -18.14 -38.55
CA HIS N 347 37.76 -21.06 -41.00
CA PRO N 348 39.18 -23.65 -38.54
CA HIS N 349 38.82 -27.41 -38.47
CA GLU N 350 35.28 -28.83 -38.21
CA ILE N 351 33.70 -25.42 -38.86
CA ILE N 352 30.70 -27.33 -40.27
CA LEU N 353 28.89 -26.11 -37.16
CA TYR N 354 28.84 -22.74 -38.94
CA TYR N 355 26.11 -24.43 -40.94
CA TYR N 356 24.87 -26.66 -38.11
CA GLU N 357 23.37 -23.60 -36.44
CA LEU N 358 23.39 -20.92 -39.14
CA TYR N 359 21.33 -21.98 -42.15
CA PRO N 360 20.64 -25.25 -40.31
CA THR N 361 18.82 -28.56 -40.75
CA MET N 362 19.07 -28.32 -44.55
CA THR N 363 22.77 -28.77 -45.30
CA VAL N 364 23.04 -30.66 -42.00
CA VAL N 365 20.83 -33.45 -43.31
CA VAL N 366 22.59 -33.06 -46.67
CA VAL N 367 25.92 -33.52 -44.90
CA SER N 368 24.45 -36.60 -43.23
CA VAL N 369 23.42 -37.96 -46.63
CA ALA N 370 26.89 -37.23 -47.97
CA SER N 371 28.38 -39.17 -45.07
CA PHE N 372 25.99 -42.04 -45.76
CA ILE N 373 26.89 -42.16 -49.45
CA LEU N 374 30.58 -41.99 -48.52
CA LEU N 375 30.04 -45.01 -46.27
CA SER N 376 28.19 -46.71 -49.11
CA MET N 377 31.14 -46.09 -51.43
CA VAL N 378 33.63 -47.39 -48.88
CA GLY N 379 31.43 -50.42 -48.29
CA MET N 380 31.45 -51.07 -52.02
CA ALA N 381 35.23 -50.76 -51.83
CA VAL N 382 35.35 -53.25 -48.96
CA GLY N 383 33.14 -55.70 -50.84
CA MET N 384 35.39 -55.39 -53.88
CA CYS N 385 38.41 -55.95 -51.64
CA MET N 386 36.79 -59.13 -50.31
CA CYS N 387 36.12 -60.16 -53.91
CA ALA N 388 39.81 -59.43 -54.51
CA ARG N 389 40.70 -61.79 -51.70
CA ARG N 390 38.39 -64.31 -53.38
CA ARG N 391 40.24 -63.92 -56.69
CA CYS N 392 43.46 -64.60 -54.79
CA ILE N 393 41.73 -67.65 -53.30
CA THR N 394 39.93 -68.54 -56.53
CA PRO N 395 42.68 -70.45 -58.39
CA TYR N 396 45.07 -71.25 -55.56
CA GLU N 397 43.03 -72.57 -52.62
CA LEU N 398 42.26 -75.91 -54.25
CA THR N 399 45.66 -76.86 -55.59
CA PRO N 400 47.24 -80.11 -54.33
CA GLY N 401 50.62 -78.40 -54.57
CA ALA N 402 49.63 -75.25 -52.67
CA THR N 403 53.09 -73.76 -53.23
CA VAL N 404 53.84 -70.44 -54.93
CA PRO N 405 55.17 -68.02 -52.29
CA PHE N 406 57.35 -64.91 -52.66
CA LEU N 407 54.94 -63.51 -55.26
CA LEU N 408 51.39 -64.61 -54.46
CA SER N 409 51.35 -63.25 -50.92
CA LEU N 410 51.70 -59.77 -52.41
CA ILE N 411 48.57 -58.66 -50.55
CA CYS N 412 48.95 -61.71 -48.27
CA CYS N 413 46.57 -63.96 -50.17
CA ILE N 414 48.08 -66.86 -48.18
CA ARG N 415 48.27 -67.62 -44.45
CA THR N 416 45.22 -65.79 -43.10
CA ALA N 417 43.27 -67.30 -40.22
CA LYS N 418 39.93 -66.01 -41.58
CA ALA N 419 38.46 -65.73 -45.06
CA GLN O 1 3.49 34.97 52.95
CA LEU O 2 4.38 37.68 50.42
CA GLN O 3 7.00 40.43 50.61
CA GLU O 4 7.94 43.08 48.06
CA SER O 5 10.85 45.40 47.28
CA GLY O 6 12.14 47.73 44.59
CA GLY O 7 12.12 51.50 44.99
CA GLY O 8 14.70 52.84 42.56
CA LEU O 9 14.33 56.48 41.55
CA VAL O 10 13.75 56.74 37.80
CA GLN O 11 14.20 59.84 35.65
CA PRO O 12 12.00 60.41 32.58
CA GLY O 13 13.03 58.17 29.72
CA GLY O 14 14.50 55.60 32.11
CA SER O 15 13.74 52.06 33.22
CA MET O 16 12.09 50.94 36.46
CA LYS O 17 12.04 47.50 38.09
CA LEU O 18 9.92 46.06 40.89
CA SER O 19 10.42 42.94 43.00
CA CYS O 20 8.23 40.58 45.02
CA VAL O 21 9.47 37.60 47.05
CA ALA O 22 7.32 34.64 48.06
CA SER O 23 7.71 32.17 50.92
CA GLY O 24 5.86 29.18 52.30
CA PHE O 25 4.62 27.75 48.99
CA THR O 26 5.68 26.73 45.49
CA PHE O 27 6.10 30.03 43.66
CA SER O 28 6.42 28.20 40.33
CA ASN O 29 2.93 26.63 40.61
CA TYR O 30 0.87 29.82 41.02
CA TRP O 31 0.18 32.75 38.71
CA MET O 32 1.30 36.32 39.38
CA ASN O 33 -0.53 39.62 38.87
CA TRP O 34 0.26 43.30 39.36
CA VAL O 35 -2.34 45.89 40.38
CA ARG O 36 -1.76 49.56 41.20
CA GLN O 37 -3.86 52.12 43.06
CA SER O 38 -4.01 55.03 40.61
CA PRO O 39 -5.90 58.35 40.73
CA GLU O 40 -8.15 56.81 38.05
CA LYS O 41 -10.71 55.96 40.78
CA GLY O 42 -9.97 52.27 41.13
CA LEU O 43 -7.14 49.76 41.53
CA GLU O 44 -7.14 48.67 37.91
CA TRP O 45 -5.31 45.53 36.83
CA VAL O 46 -1.97 46.11 35.11
CA ALA O 47 -0.02 42.96 34.21
CA GLN O 48 0.27 39.23 34.85
CA ILE O 49 2.55 36.28 34.10
CA ARG O 50 1.72 32.58 33.91
CA LEU O 51 3.88 29.58 34.71
CA LYS O 52 6.91 28.47 32.70
CA SER O 53 4.83 25.47 31.60
CA ASP O 54 2.51 28.05 29.98
CA SER O 55 5.58 29.33 28.05
CA TYR O 56 5.32 32.53 30.13
CA ALA O 57 1.89 33.57 28.88
CA THR O 58 1.49 37.27 29.66
CA TYR O 59 -1.21 39.91 29.23
CA TYR O 60 -1.16 43.68 29.59
CA ALA O 61 -3.58 46.58 29.69
CA ASP O 62 -3.94 48.51 26.44
CA SER O 63 -2.63 51.68 28.10
CA VAL O 64 0.65 50.06 29.20
CA LYS O 65 0.94 47.61 26.29
CA GLY O 66 4.31 47.69 24.55
CA ARG O 67 5.94 49.47 27.51
CA PHE O 68 5.75 47.12 30.51
CA THR O 69 7.52 43.76 30.81
CA VAL O 70 6.91 41.23 33.59
CA SER O 71 9.32 38.44 34.52
CA ARG O 72 9.53 35.81 37.25
CA ASP O 73 12.45 33.87 38.73
CA ASP O 74 11.40 30.39 39.84
CA SER O 75 14.88 29.67 41.25
CA LYS O 76 14.77 32.70 43.55
CA SER O 77 10.96 32.61 43.98
CA ASN O 78 10.92 36.21 42.75
CA VAL O 79 8.82 38.09 40.21
CA TYR O 80 10.12 41.19 38.42
CA LEU O 81 8.01 43.90 36.78
CA GLN O 82 10.00 46.03 34.32
CA MET O 83 8.39 49.37 33.45
CA ASN O 84 9.66 51.82 30.83
CA SER O 85 8.67 55.24 29.49
CA LEU O 86 6.72 56.00 32.66
CA ARG O 87 4.40 58.99 32.96
CA ALA O 88 1.69 60.45 35.19
CA GLU O 89 -0.98 57.78 34.57
CA ASP O 90 1.50 54.98 35.37
CA THR O 91 1.78 56.27 38.95
CA GLY O 92 0.18 53.81 41.33
CA ILE O 93 0.56 51.55 44.35
CA TYR O 94 1.81 48.31 42.81
CA TYR O 95 1.60 44.99 44.63
CA CYS O 96 2.20 41.32 43.86
CA THR O 97 -0.42 38.70 44.61
CA ASP O 98 -0.64 34.92 44.92
CA PHE O 99 -3.33 32.32 45.56
CA TYR O 100 -1.54 29.45 47.31
CA GLY O 101 -4.08 29.70 50.12
CA PHE O 102 -6.08 32.24 48.10
CA GLY O 103 -5.03 34.90 50.62
CA ASP O 104 -4.47 38.18 48.81
CA PHE O 105 -1.52 40.19 50.12
CA PHE O 106 -0.71 43.90 49.93
CA PRO O 107 2.98 44.33 50.87
CA TYR O 108 3.74 47.80 49.51
CA TRP O 109 7.35 48.91 49.11
CA GLY O 110 8.44 52.50 48.53
CA GLN O 111 7.55 53.64 45.02
CA GLY O 112 8.25 56.82 43.08
CA THR O 113 7.27 58.61 39.88
CA LEU O 114 8.46 61.16 37.29
CA VAL O 115 6.32 64.31 37.55
CA THR O 116 7.50 67.96 37.64
CA VAL O 117 11.08 66.73 37.92
CA SER O 118 12.86 69.25 40.22
CA SER O 119 15.64 69.85 42.75
CA ALA O 120 13.78 69.78 46.06
CA LYS O 121 16.38 68.97 48.70
CA THR O 122 15.82 67.26 52.06
CA THR O 123 13.21 69.73 53.31
CA ALA O 124 13.03 69.79 57.09
CA PRO O 125 9.45 69.81 58.44
CA SER O 126 8.00 73.26 59.09
CA VAL O 127 5.67 73.79 62.05
CA TYR O 128 3.35 76.78 61.62
CA PRO O 129 1.16 77.63 64.64
CA LEU O 130 -2.40 78.94 64.33
CA ALA O 131 -2.73 81.63 66.98
CA PRO O 132 -6.30 82.83 67.62
CA VAL O 133 -7.07 86.51 67.24
CA CYS O 134 -6.88 88.67 70.36
CA GLY O 135 -10.50 89.79 70.00
CA GLY O 136 -13.46 87.47 70.30
CA THR O 137 -12.64 83.74 70.29
CA THR O 138 -15.11 82.86 73.03
CA GLY O 139 -16.23 79.29 73.66
CA SER O 140 -16.16 76.35 76.03
CA SER O 141 -12.70 75.46 74.65
CA VAL O 142 -10.14 76.60 72.08
CA THR O 143 -8.96 74.83 68.92
CA LEU O 144 -5.34 75.14 67.80
CA GLY O 145 -3.56 73.83 64.73
CA CYS O 146 -0.31 72.80 63.06
CA LEU O 147 0.55 73.60 59.43
CA VAL O 148 3.33 71.86 57.46
CA LYS O 149 3.64 73.16 53.88
CA GLY O 150 6.16 72.38 51.16
CA TYR O 151 8.15 69.46 52.54
CA PHE O 152 9.63 66.02 51.69
CA PRO O 153 7.59 62.99 50.51
CA GLU O 154 5.79 60.34 52.55
CA PRO O 155 8.18 59.84 55.55
CA VAL O 156 6.51 62.57 57.62
CA THR O 157 4.75 62.08 60.97
CA LEU O 158 1.73 63.75 62.58
CA THR O 159 1.59 63.38 66.37
CA TRP O 160 0.45 65.74 69.15
CA ASN O 161 2.42 65.80 72.42
CA SER O 162 4.11 62.54 71.36
CA GLY O 163 0.66 60.93 71.10
CA SER O 164 -0.30 61.65 74.72
CA LEU O 165 -3.00 64.18 73.74
CA SER O 166 -5.72 63.00 71.33
CA SER O 167 -8.69 64.98 72.68
CA GLY O 168 -10.39 66.93 69.89
CA VAL O 169 -7.50 66.11 67.54
CA HIS O 170 -8.34 65.83 63.84
CA THR O 171 -5.73 64.26 61.56
CA PHE O 172 -5.65 65.89 58.12
CA PRO O 173 -4.09 63.61 55.46
CA ALA O 174 -1.04 64.90 53.63
CA LEU O 175 -1.67 66.86 50.42
CA LEU O 176 0.32 67.58 47.28
CA GLN O 177 0.37 71.17 46.03
CA SER O 178 2.67 72.97 43.57
CA GLY O 179 4.97 69.95 43.39
CA LEU O 180 5.56 69.85 47.16
CA TYR O 181 3.65 68.04 49.87
CA THR O 182 1.35 69.97 52.22
CA LEU O 183 0.20 68.87 55.67
CA SER O 184 -2.01 70.33 58.38
CA SER O 185 -2.81 69.25 61.93
CA SER O 186 -5.22 70.47 64.60
CA VAL O 187 -5.41 70.09 68.36
CA THR O 188 -8.23 71.02 70.74
CA VAL O 189 -7.14 72.18 74.20
CA THR O 190 -8.62 74.01 77.18
CA SER O 191 -8.31 77.75 77.78
CA ASN O 192 -5.37 77.15 80.15
CA THR O 193 -3.16 75.75 77.36
CA TRP O 194 -2.82 79.20 75.76
CA PRO O 195 0.56 80.88 76.21
CA SER O 196 0.71 80.18 79.94
CA GLN O 197 1.38 76.63 78.74
CA THR O 198 3.24 75.16 75.76
CA ILE O 199 1.66 73.43 72.77
CA THR O 200 4.07 71.15 70.91
CA CYS O 201 3.54 69.82 67.38
CA ASN O 202 5.71 66.72 66.94
CA VAL O 203 6.62 66.19 63.28
CA ALA O 204 9.39 63.66 62.65
CA HIS O 205 11.20 63.33 59.32
CA PRO O 206 13.19 60.06 59.07
CA ALA O 207 15.13 61.21 56.00
CA SER O 208 16.55 64.07 58.09
CA SER O 209 15.66 63.17 61.72
CA THR O 210 14.54 66.78 62.18
CA LYS O 211 11.96 67.57 64.88
CA VAL O 212 10.52 71.09 65.05
CA ASP O 213 8.68 71.92 68.29
CA LYS O 214 7.09 75.33 67.69
CA LYS O 215 5.02 76.68 70.57
CA ILE O 216 1.96 78.69 69.61
CA GLU O 217 3.28 82.25 69.53
CA SER O 218 1.29 85.48 69.37
CA ARG O 219 1.75 87.96 66.54
CA ARG O 220 3.23 90.56 68.90
CA ASP P 1 -14.19 45.68 28.73
CA ILE P 2 -16.16 44.50 31.78
CA VAL P 3 -16.50 46.97 34.67
CA MET P 4 -17.03 46.00 38.31
CA THR P 5 -19.35 48.67 39.72
CA GLN P 6 -20.08 49.44 43.39
CA SER P 7 -22.50 52.37 43.55
CA PRO P 8 -22.70 52.93 47.37
CA LYS P 9 -19.55 54.74 48.42
CA PHE P 10 -20.70 54.64 52.06
CA MET P 11 -23.32 52.52 53.81
CA SER P 12 -24.81 52.90 57.28
CA THR P 13 -25.25 49.78 59.39
CA SER P 14 -25.75 48.59 62.96
CA ILE P 15 -24.21 45.78 64.99
CA GLY P 16 -27.16 43.44 64.46
CA ASP P 17 -27.99 44.71 60.97
CA ARG P 18 -27.48 42.65 57.81
CA VAL P 19 -26.18 44.52 54.76
CA SER P 20 -25.77 43.30 51.17
CA VAL P 21 -22.99 44.82 49.05
CA THR P 22 -23.87 44.61 45.35
CA CYS P 23 -21.33 44.59 42.52
CA GLN P 24 -22.61 44.52 38.93
CA ALA P 25 -20.51 43.53 35.91
CA SER P 26 -21.08 44.65 32.33
CA GLN P 27 -21.10 41.16 30.81
CA ASN P 28 -20.64 37.51 31.80
CA VAL P 29 -17.58 36.70 33.92
CA GLY P 30 -19.08 33.54 35.37
CA THR P 31 -18.49 33.11 39.09
CA ASN P 32 -15.01 34.65 38.80
CA VAL P 33 -15.75 37.40 41.33
CA ALA P 34 -14.03 37.66 44.70
CA TRP P 35 -14.31 40.05 47.65
CA TYR P 36 -11.21 41.15 49.57
CA GLN P 37 -10.81 43.68 52.35
CA GLN P 38 -8.02 46.24 52.07
CA LYS P 39 -6.77 48.14 55.10
CA PRO P 40 -4.79 51.30 54.30
CA GLY P 41 -1.15 50.25 54.11
CA GLN P 42 -1.79 46.83 55.65
CA SER P 43 -1.84 43.27 54.38
CA PRO P 44 -5.48 42.20 53.96
CA LYS P 45 -7.23 39.43 55.82
CA PRO P 46 -8.81 37.27 53.07
CA LEU P 47 -12.55 36.80 53.51
CA ILE P 48 -14.19 35.25 50.41
CA TYR P 49 -12.84 33.99 47.10
CA SER P 50 -14.91 33.18 43.99
CA ALA P 51 -17.88 34.88 45.73
CA SER P 52 -18.93 31.77 47.69
CA TYR P 53 -15.90 30.19 49.45
CA ARG P 54 -14.51 31.14 52.85
CA TYR P 55 -11.06 30.97 54.43
CA SER P 56 -10.00 29.56 57.79
CA GLY P 57 -10.92 31.77 60.73
CA VAL P 58 -13.26 33.97 58.66
CA PRO P 59 -16.74 34.45 60.17
CA GLY P 60 -19.45 32.58 58.29
CA ARG P 61 -21.65 35.69 58.23
CA PHE P 62 -19.79 36.77 55.08
CA THR P 63 -21.94 35.58 52.17
CA GLY P 64 -21.59 36.40 48.48
CA SER P 65 -24.23 35.72 45.84
CA GLY P 66 -24.98 36.32 42.18
CA SER P 67 -23.38 35.05 38.99
CA GLY P 68 -22.67 36.07 35.42
CA THR P 69 -23.39 39.80 35.43
CA ASP P 70 -24.93 40.54 38.86
CA PHE P 71 -23.15 39.86 42.14
CA THR P 72 -23.85 40.71 45.77
CA LEU P 73 -21.92 40.33 49.03
CA THR P 74 -24.17 39.97 52.07
CA ILE P 75 -22.63 40.51 55.51
CA ASN P 76 -24.73 39.66 58.55
CA ASN P 77 -24.11 40.85 62.13
CA VAL P 78 -21.79 43.67 61.11
CA GLN P 79 -19.05 44.51 63.62
CA SER P 80 -16.58 47.38 63.86
CA GLU P 81 -13.66 44.91 63.72
CA ASP P 82 -14.26 44.44 59.97
CA LEU P 83 -13.93 48.13 59.04
CA ALA P 84 -12.16 48.20 55.65
CA ASP P 85 -12.76 48.58 51.91
CA TYR P 86 -14.54 45.72 50.14
CA PHE P 87 -13.52 45.33 46.49
CA CYS P 88 -15.18 43.13 43.89
CA GLN P 89 -12.50 41.78 41.52
CA GLN P 90 -13.08 39.73 38.38
CA TYR P 91 -10.51 37.36 36.90
CA ASN P 92 -12.41 36.18 33.81
CA SER P 93 -11.85 38.84 31.14
CA PHE P 94 -8.44 40.26 30.25
CA PRO P 95 -8.69 43.54 32.29
CA LEU P 96 -9.17 42.34 35.87
CA THR P 97 -11.21 45.37 36.87
CA PHE P 98 -11.89 46.17 40.54
CA GLY P 99 -14.78 47.69 42.44
CA ALA P 100 -15.19 51.16 43.90
CA GLY P 101 -14.72 50.09 47.53
CA THR P 102 -16.92 50.91 50.52
CA LYS P 103 -15.96 51.78 54.11
CA LEU P 104 -18.17 51.28 57.14
CA GLU P 105 -19.59 54.49 58.61
CA LEU P 106 -20.85 54.67 62.20
CA LYS P 107 -22.21 57.86 63.79
CA ARG P 108 -24.31 58.86 66.81
CA ALA P 109 -26.80 61.49 65.57
CA ASP P 110 -27.15 64.30 63.03
CA ALA P 111 -25.32 67.56 63.77
CA ALA P 112 -24.27 70.84 62.15
CA PRO P 113 -20.75 72.07 61.34
CA THR P 114 -18.96 74.50 63.64
CA VAL P 115 -16.95 77.09 61.70
CA SER P 116 -13.60 78.07 63.21
CA ILE P 117 -11.19 80.46 61.46
CA PHE P 118 -7.63 81.33 62.47
CA PRO P 119 -5.21 83.74 60.75
CA PRO P 120 -1.84 82.58 59.42
CA SER P 121 1.02 82.74 61.89
CA SER P 122 3.85 85.26 61.76
CA GLU P 123 6.27 82.37 61.17
CA GLN P 124 4.53 81.53 57.89
CA LEU P 125 4.71 85.21 56.91
CA THR P 126 8.47 85.18 57.61
CA SER P 127 8.81 82.00 55.55
CA GLY P 128 6.92 83.78 52.75
CA GLY P 129 3.35 82.46 52.93
CA ALA P 130 -0.06 83.24 54.37
CA SER P 131 -2.85 80.64 54.51
CA VAL P 132 -6.29 81.07 56.07
CA VAL P 133 -7.64 77.79 57.47
CA CYS P 134 -11.28 77.10 58.33
CA PHE P 135 -12.04 74.36 60.86
CA LEU P 136 -15.28 72.36 60.61
CA ASN P 137 -15.29 69.88 63.49
CA ASN P 138 -17.75 67.25 64.73
CA PHE P 139 -20.10 67.36 61.74
CA TYR P 140 -21.96 64.06 61.73
CA PRO P 141 -23.39 63.78 58.17
CA LYS P 142 -20.45 63.41 55.79
CA ASP P 143 -22.12 65.57 53.10
CA ILE P 144 -20.49 68.98 53.54
CA ASN P 145 -19.14 71.76 51.32
CA VAL P 146 -17.26 75.01 51.86
CA LYS P 147 -17.46 78.06 49.58
CA TRP P 148 -14.87 80.83 49.88
CA LYS P 149 -15.66 84.54 49.76
CA ILE P 150 -12.86 87.12 49.77
CA ASP P 151 -14.10 90.60 50.75
CA GLY P 152 -17.41 89.99 48.98
CA SER P 153 -15.81 88.34 45.94
CA GLU P 154 -16.95 84.83 45.06
CA ARG P 155 -14.06 82.35 45.02
CA GLN P 156 -14.28 78.69 43.97
CA ASN P 157 -10.91 77.90 42.34
CA GLY P 158 -7.81 77.05 44.33
CA VAL P 159 -9.84 75.36 47.08
CA LEU P 160 -8.01 72.37 48.57
CA ASN P 161 -10.14 70.10 50.75
CA SER P 162 -8.93 67.41 53.15
CA TRP P 163 -11.27 65.28 55.25
CA THR P 164 -9.95 63.77 58.46
CA ASP P 165 -9.71 60.04 59.06
CA GLN P 166 -12.28 58.35 61.30
CA ASP P 167 -11.24 58.85 64.91
CA SER P 168 -10.90 55.66 66.91
CA LYS P 169 -12.65 57.16 69.96
CA ASP P 170 -15.70 59.12 68.80
CA SER P 171 -15.82 58.00 65.13
CA THR P 172 -16.17 61.63 64.02
CA TYR P 173 -14.79 63.40 60.96
CA SER P 174 -13.54 66.88 60.10
CA MET P 175 -12.52 68.78 56.98
CA SER P 176 -9.76 71.32 56.34
CA SER P 177 -10.54 74.26 54.04
CA THR P 178 -7.27 75.99 53.18
CA LEU P 179 -7.18 79.00 50.84
CA THR P 180 -3.82 80.02 49.36
CA LEU P 181 -3.19 83.47 47.88
CA THR P 182 -0.05 85.36 46.93
CA LYS P 183 1.58 87.71 49.42
CA ASP P 184 0.52 90.80 47.46
CA GLU P 185 -3.03 89.45 47.19
CA TYR P 186 -3.00 88.47 50.87
CA GLU P 187 -2.08 92.05 51.81
CA ARG P 188 -4.67 93.33 49.30
CA HIS P 189 -7.49 91.69 51.31
CA ASN P 190 -8.34 92.13 54.99
CA SER P 191 -11.46 90.09 55.81
CA TYR P 192 -11.56 86.38 54.92
CA THR P 193 -14.88 84.55 55.29
CA CYS P 194 -15.76 80.92 54.57
CA GLU P 195 -19.31 79.58 54.42
CA ALA P 196 -20.15 76.02 55.50
CA THR P 197 -22.80 74.64 53.15
CA HIS P 198 -24.76 71.93 54.96
CA LYS P 199 -27.86 69.88 54.24
CA THR P 200 -29.54 70.40 57.62
CA SER P 201 -28.91 74.16 57.85
CA THR P 202 -29.51 76.42 54.86
CA SER P 203 -27.91 79.50 56.46
CA PRO P 204 -24.11 79.17 56.68
CA ILE P 205 -22.28 80.16 59.85
CA VAL P 206 -20.18 83.28 59.27
CA LYS P 207 -16.90 83.66 61.18
CA SER P 208 -14.96 86.91 61.02
CA PHE P 209 -11.42 87.76 62.10
CA ASN P 210 -9.03 90.70 62.09
CA ARG P 211 -5.66 90.32 60.37
CA ASN P 212 -4.05 92.99 62.56
CA GLU P 213 -5.04 90.99 65.66
CA GLN Q 1 -6.55 61.74 -56.21
CA LEU Q 2 -10.36 61.91 -56.15
CA GLN Q 3 -12.79 63.43 -58.64
CA GLU Q 4 -16.59 63.51 -58.61
CA SER Q 5 -19.45 64.02 -61.04
CA GLY Q 6 -23.23 63.72 -61.28
CA GLY Q 7 -25.51 66.74 -61.38
CA GLY Q 8 -28.76 65.56 -62.93
CA LEU Q 9 -31.83 67.67 -62.21
CA VAL Q 10 -34.43 65.60 -60.34
CA GLN Q 11 -38.13 66.40 -59.99
CA PRO Q 12 -40.04 65.37 -56.84
CA GLY Q 13 -40.74 61.65 -56.81
CA GLY Q 14 -37.74 60.96 -59.04
CA SER Q 15 -34.37 59.25 -58.74
CA MET Q 16 -30.95 60.90 -58.36
CA LYS Q 17 -27.49 59.42 -58.90
CA LEU Q 18 -24.03 60.66 -57.92
CA SER Q 19 -20.60 59.60 -59.14
CA CYS Q 20 -17.04 59.68 -57.82
CA VAL Q 21 -13.95 58.50 -59.71
CA ALA Q 22 -10.67 57.48 -58.08
CA SER Q 23 -7.16 57.40 -59.46
CA GLY Q 24 -3.67 56.53 -58.24
CA PHE Q 25 -4.65 53.66 -55.92
CA THR Q 26 -6.63 50.44 -55.68
CA PHE Q 27 -10.24 51.59 -55.41
CA SER Q 28 -11.34 48.04 -54.56
CA ASN Q 29 -9.18 47.89 -51.40
CA TYR Q 30 -10.53 50.98 -49.58
CA TRP Q 31 -13.92 51.81 -48.11
CA MET Q 32 -16.19 54.59 -49.38
CA ASN Q 33 -18.31 57.10 -47.46
CA TRP Q 34 -20.68 59.93 -48.35
CA VAL Q 35 -21.07 63.09 -46.27
CA ARG Q 36 -23.14 66.17 -47.08
CA GLN Q 37 -23.07 69.74 -45.75
CA SER Q 38 -26.69 70.32 -44.73
CA PRO Q 39 -28.37 73.28 -42.97
CA GLU Q 40 -28.56 70.97 -39.94
CA LYS Q 41 -25.45 72.71 -38.51
CA GLY Q 42 -22.88 70.05 -39.35
CA LEU Q 43 -21.64 67.80 -42.16
CA GLU Q 44 -23.38 64.69 -40.88
CA TRP Q 45 -22.46 61.26 -42.24
CA VAL Q 46 -24.91 59.80 -44.75
CA ALA Q 47 -23.89 56.46 -46.27
CA GLN Q 48 -21.00 54.07 -46.80
CA ILE Q 49 -20.10 50.89 -48.67
CA ARG Q 50 -17.50 48.24 -47.86
CA LEU Q 51 -15.46 46.05 -50.19
CA LYS Q 52 -16.88 43.24 -52.32
CA SER Q 53 -15.05 40.84 -50.00
CA ASP Q 54 -17.30 42.24 -47.25
CA SER Q 55 -20.29 41.22 -49.43
CA TYR Q 56 -20.99 44.96 -49.89
CA ALA Q 57 -21.66 45.73 -46.24
CA THR Q 58 -23.53 49.03 -46.12
CA TYR Q 59 -24.91 51.32 -43.43
CA TYR Q 60 -27.25 54.30 -43.58
CA ALA Q 61 -28.52 57.07 -41.32
CA ASP Q 62 -31.96 56.49 -39.84
CA SER Q 63 -33.32 59.56 -41.63
CA VAL Q 64 -32.33 58.30 -45.09
CA LYS Q 65 -32.73 54.58 -44.35
CA GLY Q 66 -34.86 52.74 -46.89
CA ARG Q 67 -34.46 55.54 -49.45
CA PHE Q 68 -30.76 55.79 -50.35
CA THR Q 69 -28.74 53.11 -52.13
CA VAL Q 70 -24.96 53.16 -52.55
CA SER Q 71 -23.06 51.14 -55.15
CA ARG Q 72 -19.45 50.91 -56.33
CA ASP Q 73 -17.88 49.75 -59.59
CA ASP Q 74 -14.48 48.15 -59.04
CA SER Q 75 -13.93 47.70 -62.78
CA LYS Q 76 -14.39 51.43 -63.48
CA SER Q 77 -13.04 52.53 -60.06
CA ASN Q 78 -16.32 54.38 -59.57
CA VAL Q 79 -18.80 54.65 -56.69
CA TYR Q 80 -22.47 55.47 -57.27
CA LEU Q 81 -24.88 56.90 -54.69
CA GLN Q 82 -28.53 56.42 -55.68
CA MET Q 83 -30.98 58.69 -53.84
CA ASN Q 84 -34.77 58.52 -54.09
CA SER Q 85 -37.76 60.39 -52.66
CA LEU Q 86 -35.59 63.43 -51.96
CA ARG Q 87 -36.82 66.36 -49.88
CA ALA Q 88 -35.58 69.49 -48.11
CA GLU Q 89 -33.49 67.77 -45.42
CA ASP Q 90 -31.69 65.66 -48.03
CA THR Q 91 -30.19 68.81 -49.55
CA GLY Q 92 -26.45 68.91 -48.91
CA ILE Q 93 -22.96 69.09 -50.34
CA TYR Q 94 -22.13 65.44 -50.98
CA TYR Q 95 -18.57 64.22 -51.46
CA CYS Q 96 -16.76 60.91 -51.77
CA THR Q 97 -13.78 60.07 -49.58
CA ASP Q 98 -10.94 57.55 -49.52
CA PHE Q 99 -8.02 56.68 -47.25
CA TYR Q 100 -5.34 55.29 -49.56
CA GLY Q 101 -2.91 57.85 -48.17
CA PHE Q 102 -5.50 58.91 -45.57
CA GLY Q 103 -5.87 62.22 -47.42
CA ASP Q 104 -9.49 63.33 -47.29
CA PHE Q 105 -10.74 64.94 -50.50
CA PHE Q 106 -13.60 67.35 -51.17
CA PRO Q 107 -14.22 67.39 -54.94
CA TYR Q 108 -17.70 68.89 -55.16
CA TRP Q 109 -19.68 68.60 -58.39
CA GLY Q 110 -22.80 70.60 -59.18
CA GLN Q 111 -25.75 69.40 -57.10
CA GLY Q 112 -29.42 70.33 -57.06
CA THR Q 113 -32.57 69.83 -54.99
CA LEU Q 114 -36.38 69.76 -55.18
CA VAL Q 115 -37.81 72.74 -53.26
CA THR Q 116 -40.54 75.19 -54.36
CA VAL Q 117 -40.44 73.64 -57.82
CA SER Q 118 -41.06 76.53 -60.29
CA SER Q 119 -40.46 77.92 -63.78
CA ALA Q 120 -37.66 80.44 -63.20
CA LYS Q 121 -35.97 80.90 -66.57
CA THR Q 122 -32.37 81.92 -67.24
CA THR Q 123 -32.52 85.15 -65.23
CA ALA Q 124 -29.92 87.65 -66.38
CA PRO Q 125 -28.08 89.37 -63.51
CA SER Q 126 -29.60 92.66 -62.36
CA VAL Q 127 -27.31 95.48 -61.23
CA TYR Q 128 -29.03 97.94 -58.89
CA PRO Q 129 -26.98 101.01 -57.88
CA LEU Q 130 -27.16 102.61 -54.43
CA ALA Q 131 -27.09 106.36 -55.05
CA PRO Q 132 -26.52 108.49 -51.92
CA VAL Q 133 -29.09 111.12 -51.04
CA CYS Q 134 -28.47 114.64 -52.32
CA GLY Q 135 -28.53 116.09 -48.79
CA GLY Q 136 -25.98 115.27 -46.15
CA THR Q 137 -23.66 112.35 -46.93
CA THR Q 138 -20.54 114.04 -45.58
CA GLY Q 139 -17.38 112.09 -44.79
CA SER Q 140 -13.78 111.42 -45.71
CA SER Q 141 -15.02 109.08 -48.46
CA VAL Q 142 -18.24 107.68 -49.94
CA THR Q 143 -19.49 104.08 -49.94
CA LEU Q 144 -21.43 102.74 -52.94
CA GLY Q 145 -23.10 99.39 -53.52
CA CYS Q 146 -24.39 96.81 -55.98
CA LEU Q 147 -27.64 94.88 -55.51
CA VAL Q 148 -28.53 91.70 -57.42
CA LYS Q 149 -31.94 90.29 -56.45
CA GLY Q 150 -33.94 87.38 -57.85
CA TYR Q 151 -31.53 85.64 -60.23
CA PHE Q 152 -30.15 82.25 -61.32
CA PRO Q 153 -28.37 79.75 -59.03
CA GLU Q 154 -24.70 79.54 -58.07
CA PRO Q 155 -22.93 80.52 -61.36
CA VAL Q 156 -22.93 84.24 -60.52
CA THR Q 157 -19.86 86.43 -60.05
CA LEU Q 158 -19.09 89.40 -57.78
CA THR Q 159 -16.22 91.58 -58.99
CA TRP Q 160 -15.61 95.35 -58.89
CA ASN Q 161 -13.93 97.02 -61.89
CA SER Q 162 -12.88 93.56 -63.11
CA GLY Q 163 -11.07 93.03 -59.80
CA SER Q 164 -8.83 96.09 -60.17
CA LEU Q 165 -10.51 97.96 -57.28
CA SER Q 166 -10.65 96.19 -53.90
CA SER Q 167 -10.29 99.20 -51.57
CA GLY Q 168 -13.07 99.25 -49.00
CA VAL Q 169 -14.88 96.48 -50.88
CA HIS Q 170 -17.00 94.10 -48.79
CA THR Q 171 -18.18 90.87 -50.43
CA PHE Q 172 -21.67 89.86 -49.29
CA PRO Q 173 -22.35 86.12 -49.82
CA ALA Q 174 -25.28 85.18 -52.02
CA LEU Q 175 -28.63 84.71 -50.29
CA LEU Q 176 -31.80 82.75 -51.04
CA GLN Q 177 -35.11 84.59 -50.63
CA SER Q 178 -38.63 83.79 -51.91
CA GLY Q 179 -37.29 80.92 -54.01
CA LEU Q 180 -34.80 83.12 -55.90
CA TYR Q 181 -31.21 83.98 -55.08
CA THR Q 182 -30.32 87.43 -53.74
CA LEU Q 183 -26.90 89.09 -53.88
CA SER Q 184 -25.47 92.41 -52.76
CA SER Q 185 -22.09 94.08 -53.27
CA SER Q 186 -20.48 97.24 -51.95
CA VAL Q 187 -17.57 99.41 -53.10
CA THR Q 188 -15.84 102.28 -51.29
CA VAL Q 189 -14.56 105.09 -53.53
CA THR Q 190 -13.37 108.67 -53.18
CA SER Q 191 -15.58 111.73 -53.65
CA ASN Q 192 -14.34 112.11 -57.25
CA THR Q 193 -15.86 108.78 -58.33
CA TRP Q 194 -19.40 110.21 -58.07
CA PRO Q 195 -21.12 110.93 -61.39
CA SER Q 196 -18.12 112.76 -62.84
CA GLN Q 197 -16.72 109.23 -63.08
CA THR Q 198 -18.25 105.81 -63.77
CA ILE Q 199 -18.69 103.01 -61.24
CA THR Q 200 -19.05 99.58 -62.87
CA CYS Q 201 -20.42 96.48 -61.13
CA ASN Q 202 -19.17 93.41 -63.01
CA VAL Q 203 -21.55 90.47 -62.58
CA ALA Q 204 -20.99 87.57 -64.99
CA HIS Q 205 -23.52 84.77 -65.50
CA PRO Q 206 -21.99 81.75 -67.29
CA ALA Q 207 -25.38 80.17 -68.02
CA SER Q 208 -26.27 83.28 -70.07
CA SER Q 209 -22.93 85.14 -70.53
CA THR Q 210 -24.78 88.35 -69.61
CA LYS Q 211 -22.79 91.24 -68.14
CA VAL Q 212 -24.69 94.28 -66.83
CA ASP Q 213 -22.58 97.39 -66.25
CA LYS Q 214 -24.89 99.88 -64.53
CA LYS Q 215 -23.29 103.20 -63.60
CA ILE Q 216 -24.51 104.78 -60.37
CA GLU Q 217 -27.34 107.03 -61.56
CA SER Q 218 -29.12 109.75 -59.63
CA ARG Q 219 -32.87 109.66 -59.04
CA ARG Q 220 -33.42 112.72 -61.25
CA ASP R 1 -24.84 58.15 -30.87
CA ILE R 2 -21.51 59.84 -30.11
CA VAL R 3 -21.28 63.59 -30.74
CA MET R 4 -18.07 65.48 -31.52
CA THR R 5 -18.45 68.84 -29.77
CA GLN R 6 -16.41 72.01 -30.34
CA SER R 7 -17.76 74.74 -28.06
CA PRO R 8 -15.60 77.75 -29.17
CA LYS R 9 -17.01 79.00 -32.47
CA PHE R 10 -14.27 81.65 -32.65
CA MET R 11 -10.95 81.94 -30.84
CA SER R 12 -8.55 84.87 -30.64
CA THR R 13 -4.84 84.21 -31.02
CA SER R 14 -1.53 85.89 -31.83
CA ILE R 15 1.39 84.91 -34.04
CA GLY R 16 3.47 83.60 -31.13
CA ASP R 17 0.51 82.33 -29.11
CA ARG R 18 -0.23 78.65 -28.54
CA VAL R 19 -3.90 77.61 -28.66
CA SER R 20 -5.48 74.24 -27.83
CA VAL R 21 -8.66 73.25 -29.68
CA THR R 22 -10.71 70.82 -27.58
CA CYS R 23 -13.21 68.31 -28.97
CA GLN R 24 -15.16 66.14 -26.54
CA ALA R 25 -16.99 62.94 -27.48
CA SER R 26 -19.99 61.45 -25.68
CA GLN R 27 -18.49 57.97 -25.21
CA ASN R 28 -15.37 55.97 -26.07
CA VAL R 29 -14.19 56.11 -29.68
CA GLY R 30 -10.61 55.21 -28.84
CA THR R 31 -8.02 57.27 -30.69
CA ASN R 32 -10.20 57.35 -33.83
CA VAL R 33 -10.31 61.16 -33.95
CA ALA R 34 -8.73 63.22 -36.72
CA TRP R 35 -8.44 66.94 -37.44
CA TYR R 36 -8.77 68.29 -40.98
CA GLN R 37 -8.84 71.83 -42.26
CA GLN R 38 -11.56 72.81 -44.72
CA LYS R 39 -11.25 75.88 -46.91
CA PRO R 40 -14.54 77.12 -48.43
CA GLY R 41 -14.87 75.41 -51.79
CA GLN R 42 -11.25 74.18 -51.80
CA SER R 43 -9.54 70.83 -51.40
CA PRO R 44 -8.12 70.65 -47.85
CA LYS R 45 -4.47 70.35 -46.91
CA PRO R 46 -4.33 67.36 -44.53
CA LEU R 47 -2.74 68.18 -41.19
CA ILE R 48 -3.24 65.39 -38.61
CA TYR R 49 -4.86 61.96 -38.75
CA SER R 50 -5.78 59.79 -35.75
CA ALA R 51 -5.09 62.84 -33.53
CA SER R 52 -1.33 62.22 -33.30
CA TYR R 53 0.16 61.59 -36.77
CA ARG R 54 1.36 64.22 -39.24
CA TYR R 55 1.62 64.36 -43.03
CA SER R 56 4.54 65.37 -45.22
CA GLY R 57 5.14 69.13 -45.32
CA VAL R 58 2.82 69.82 -42.37
CA PRO R 59 4.36 71.99 -39.61
CA GLY R 60 5.17 70.03 -36.47
CA ARG R 61 3.48 72.68 -34.31
CA PHE R 62 0.17 70.89 -34.94
CA THR R 63 -0.33 68.61 -31.93
CA GLY R 64 -3.42 66.61 -30.97
CA SER R 65 -3.98 64.97 -27.59
CA GLY R 66 -6.60 63.11 -25.62
CA SER R 67 -8.20 59.71 -26.04
CA GLY R 68 -11.45 57.85 -25.45
CA THR R 69 -13.91 60.65 -24.69
CA ASP R 70 -11.78 63.83 -24.42
CA PHE R 71 -9.62 65.16 -27.25
CA THR R 72 -7.67 68.35 -27.82
CA LEU R 73 -5.77 69.82 -30.77
CA THR R 74 -2.94 72.15 -29.71
CA ILE R 75 -1.47 74.48 -32.34
CA ASN R 76 1.66 76.41 -31.45
CA ASN R 77 3.00 79.50 -33.24
CA VAL R 78 -0.26 80.27 -35.00
CA GLN R 79 0.07 81.91 -38.42
CA SER R 80 -2.45 83.51 -40.76
CA GLU R 81 -1.54 81.01 -43.50
CA ASP R 82 -3.51 78.29 -41.66
CA LEU R 83 -6.82 80.18 -41.55
CA ALA R 84 -9.54 77.55 -42.05
CA ASP R 85 -12.11 75.44 -40.18
CA TYR R 86 -10.78 72.65 -37.96
CA PHE R 87 -13.15 69.69 -37.66
CA CYS R 88 -12.86 66.77 -35.25
CA GLN R 89 -14.14 63.62 -36.97
CA GLN R 90 -14.58 60.20 -35.38
CA TYR R 91 -14.54 56.93 -37.34
CA ASN R 92 -15.24 54.47 -34.52
CA SER R 93 -19.02 54.42 -34.05
CA PHE R 94 -21.49 54.03 -36.92
CA PRO R 95 -22.41 57.76 -37.30
CA LEU R 96 -19.10 59.43 -38.13
CA THR R 97 -20.06 62.71 -36.49
CA PHE R 98 -18.07 65.90 -37.11
CA GLY R 99 -17.15 68.91 -35.02
CA ALA R 100 -18.56 72.43 -35.07
CA GLY R 101 -15.55 74.01 -36.79
CA THR R 102 -13.60 77.10 -35.75
CA LYS R 103 -12.13 79.91 -37.86
CA LEU R 104 -9.20 82.11 -36.86
CA GLU R 105 -10.16 85.68 -35.96
CA LEU R 106 -7.62 88.52 -36.02
CA LYS R 107 -8.49 92.14 -35.22
CA ARG R 108 -6.68 95.36 -34.27
CA ALA R 109 -8.72 96.96 -31.47
CA ASP R 110 -12.30 97.31 -30.18
CA ALA R 111 -14.59 99.68 -32.09
CA ALA R 112 -18.26 100.65 -32.44
CA PRO R 113 -20.58 100.15 -35.44
CA THR R 114 -21.27 102.99 -37.86
CA VAL R 115 -24.89 103.03 -39.01
CA SER R 116 -25.47 103.95 -42.66
CA ILE R 117 -28.92 103.91 -44.25
CA PHE R 118 -29.80 104.38 -47.93
CA PRO R 119 -33.26 104.35 -49.55
CA PRO R 120 -34.19 101.85 -52.28
CA SER R 121 -33.42 102.97 -55.81
CA SER R 122 -36.03 104.00 -58.36
CA GLU R 123 -34.98 101.01 -60.50
CA GLN R 124 -36.08 98.62 -57.74
CA LEU R 125 -39.39 100.50 -57.50
CA THR R 126 -39.87 100.09 -61.26
CA SER R 127 -39.06 96.38 -60.94
CA GLY R 128 -41.66 96.19 -58.16
CA GLY R 129 -39.68 96.20 -54.90
CA ALA R 130 -38.41 98.52 -52.19
CA SER R 131 -35.76 97.43 -49.67
CA VAL R 132 -34.15 99.57 -46.97
CA VAL R 133 -30.55 98.53 -46.27
CA CYS R 134 -28.56 99.46 -43.15
CA PHE R 135 -24.76 99.42 -43.38
CA LEU R 136 -22.67 98.59 -40.30
CA ASN R 137 -19.02 98.79 -41.34
CA ASN R 138 -15.70 98.35 -39.52
CA PHE R 139 -17.14 96.96 -36.29
CA TYR R 140 -14.32 95.05 -34.60
CA PRO R 141 -16.07 92.79 -32.05
CA LYS R 142 -18.12 90.26 -33.98
CA ASP R 143 -20.99 90.36 -31.45
CA ILE R 144 -23.55 92.68 -33.05
CA ASN R 145 -27.32 92.82 -33.48
CA VAL R 146 -29.77 95.03 -35.37
CA LYS R 147 -33.38 95.68 -34.32
CA TRP R 148 -35.82 97.24 -36.79
CA LYS R 149 -38.34 99.95 -35.92
CA ILE R 150 -40.87 101.12 -38.50
CA ASP R 151 -42.39 104.51 -37.60
CA GLY R 152 -42.25 103.66 -33.90
CA SER R 153 -43.49 100.08 -34.38
CA GLU R 154 -41.28 97.29 -33.08
CA ARG R 155 -40.28 94.85 -35.82
CA GLN R 156 -38.32 91.62 -35.35
CA ASN R 157 -39.69 89.19 -37.96
CA GLY R 158 -38.58 89.21 -41.57
CA VAL R 159 -35.05 90.35 -40.66
CA LEU R 160 -32.44 88.82 -42.96
CA ASN R 161 -28.84 89.19 -41.75
CA SER R 162 -25.67 88.62 -43.79
CA TRP R 163 -22.18 89.08 -42.36
CA THR R 164 -19.34 89.86 -44.74
CA ASP R 165 -16.37 87.60 -45.26
CA GLN R 166 -13.05 88.51 -43.67
CA ASP R 167 -11.30 91.05 -45.88
CA SER R 168 -7.80 90.07 -46.97
CA LYS R 169 -6.42 93.58 -46.35
CA ASP R 170 -7.79 94.89 -43.03
CA SER R 171 -9.38 91.66 -41.67
CA THR R 172 -12.58 93.55 -40.89
CA TYR R 173 -16.20 92.41 -41.08
CA SER R 174 -19.56 94.00 -41.88
CA MET R 175 -23.21 92.99 -41.72
CA SER R 176 -26.15 93.71 -44.02
CA SER R 177 -29.54 94.41 -42.43
CA THR R 178 -32.19 94.28 -45.16
CA LEU R 179 -35.87 94.82 -44.38
CA THR R 180 -38.43 93.75 -46.99
CA LEU R 181 -42.01 95.05 -46.99
CA THR R 182 -44.80 95.01 -49.57
CA LYS R 183 -45.26 97.96 -51.91
CA ASP R 184 -48.46 99.05 -50.16
CA GLU R 185 -46.77 98.75 -46.77
CA TYR R 186 -43.67 100.51 -48.09
CA GLU R 187 -45.82 103.45 -49.20
CA ARG R 188 -47.72 103.28 -45.88
CA HIS R 189 -44.51 104.12 -43.97
CA ASN R 190 -42.20 107.11 -44.43
CA SER R 191 -39.41 106.94 -41.83
CA TYR R 192 -37.32 103.76 -41.51
CA THR R 193 -34.91 103.48 -38.57
CA CYS R 194 -32.58 100.66 -37.57
CA GLU R 195 -30.81 100.44 -34.22
CA ALA R 196 -27.35 98.86 -33.89
CA THR R 197 -27.23 96.93 -30.61
CA HIS R 198 -23.62 96.68 -29.47
CA LYS R 199 -21.83 95.49 -26.36
CA THR R 200 -19.55 98.51 -25.94
CA SER R 201 -22.24 101.17 -26.52
CA THR R 202 -25.65 100.88 -24.88
CA SER R 203 -27.20 103.75 -26.86
CA PRO R 204 -27.80 102.78 -30.51
CA ILE R 205 -26.90 105.18 -33.30
CA VAL R 206 -30.05 106.51 -35.00
CA LYS R 207 -29.91 107.29 -38.73
CA SER R 208 -32.83 109.03 -40.42
CA PHE R 209 -33.64 109.53 -44.10
CA ASN R 210 -36.35 111.03 -46.29
CA ARG R 211 -38.08 108.82 -48.86
CA ASN R 212 -38.95 111.80 -51.06
CA GLU R 213 -35.24 112.71 -51.25
CA GLN S 1 -93.10 13.35 -1.25
CA LEU S 2 -91.81 14.41 2.18
CA GLN S 3 -93.58 14.46 5.55
CA GLU S 4 -92.27 15.43 8.97
CA SER S 5 -93.14 14.89 12.62
CA GLY S 6 -91.75 15.40 16.12
CA GLY S 7 -93.06 18.06 18.46
CA GLY S 8 -92.08 16.96 21.96
CA LEU S 9 -91.96 19.68 24.61
CA VAL S 10 -88.44 19.98 26.01
CA GLN S 11 -87.44 21.66 29.27
CA PRO S 12 -84.05 23.40 29.60
CA GLY S 13 -81.24 20.90 29.91
CA GLY S 14 -83.26 18.24 28.08
CA SER S 15 -83.10 16.41 24.77
CA MET S 16 -85.20 17.06 21.65
CA LYS S 17 -85.77 14.82 18.63
CA LEU S 18 -87.21 15.55 15.18
CA SER S 19 -88.50 13.19 12.50
CA CYS S 20 -88.97 13.26 8.74
CA VAL S 21 -90.48 10.46 6.64
CA ALA S 22 -89.91 10.02 2.91
CA SER S 23 -91.99 8.24 0.30
CA GLY S 24 -91.86 7.59 -3.44
CA PHE S 25 -88.08 7.24 -3.75
CA THR S 26 -85.00 5.51 -2.33
CA PHE S 27 -84.33 7.37 0.92
CA SER S 28 -80.97 5.61 1.27
CA ASN S 29 -79.62 7.04 -2.02
CA TYR S 30 -80.10 10.76 -1.31
CA TRP S 31 -78.53 13.12 1.21
CA MET S 32 -80.42 14.85 4.01
CA ASN S 33 -80.17 18.41 5.34
CA TRP S 34 -81.82 20.43 8.10
CA VAL S 35 -82.51 24.16 7.83
CA ARG S 36 -84.40 26.36 10.31
CA GLN S 37 -86.01 29.78 9.96
CA SER S 38 -84.48 31.72 12.86
CA PRO S 39 -84.79 35.39 13.90
CA GLU S 40 -81.21 35.74 12.61
CA LYS S 41 -82.59 37.18 9.33
CA GLY S 42 -82.22 34.12 7.15
CA LEU S 43 -82.92 30.38 7.02
CA GLU S 44 -79.36 29.36 7.80
CA TRP S 45 -78.21 25.78 7.25
CA VAL S 46 -77.93 23.66 10.42
CA ALA S 47 -76.99 20.01 9.84
CA GLN S 48 -76.72 17.26 7.24
CA ILE S 49 -76.05 13.54 6.96
CA ARG S 50 -74.66 11.54 4.05
CA LEU S 51 -75.36 7.96 3.00
CA LYS S 52 -74.29 4.88 4.94
CA SER S 53 -71.83 4.21 2.12
CA ASP S 54 -70.23 7.52 3.12
CA SER S 55 -69.85 6.09 6.66
CA TYR S 56 -72.45 8.64 7.79
CA ALA S 57 -70.42 11.73 6.93
CA THR S 58 -71.93 14.64 8.84
CA TYR S 59 -71.30 18.37 9.15
CA TYR S 60 -72.60 20.99 11.57
CA ALA S 61 -72.60 24.74 12.02
CA ASP S 62 -70.03 26.09 14.45
CA SER S 63 -72.78 27.48 16.68
CA VAL S 64 -74.48 24.09 17.13
CA LYS S 65 -71.32 21.96 16.89
CA GLY S 66 -70.92 19.48 19.72
CA ARG S 67 -74.61 19.76 20.67
CA PHE S 68 -76.67 18.49 17.71
CA THR S 69 -76.69 14.93 16.40
CA VAL S 70 -78.35 13.80 13.16
CA SER S 71 -79.29 10.22 12.36
CA ARG S 72 -81.17 8.44 9.58
CA ASP S 73 -83.02 5.12 9.43
CA ASP S 74 -82.78 3.53 5.99
CA SER S 75 -85.06 0.65 7.02
CA LYS S 76 -87.88 3.00 8.03
CA SER S 77 -86.94 5.69 5.47
CA ASN S 78 -86.72 8.13 8.39
CA VAL S 79 -84.19 10.76 9.45
CA TYR S 80 -83.81 11.84 13.07
CA LEU S 81 -82.29 15.11 14.29
CA GLN S 82 -81.29 14.98 17.97
CA MET S 83 -80.79 18.39 19.61
CA ASN S 84 -79.49 18.98 23.12
CA SER S 85 -78.80 21.97 25.39
CA LEU S 86 -81.20 24.12 23.38
CA ARG S 87 -81.45 27.89 23.86
CA ALA S 88 -82.90 31.01 22.25
CA GLU S 89 -80.76 31.01 19.09
CA ASP S 90 -81.61 27.36 18.39
CA THR S 91 -85.28 28.32 17.92
CA GLY S 92 -86.27 27.94 14.29
CA ILE S 93 -88.54 26.32 11.74
CA TYR S 94 -86.75 23.06 10.96
CA TYR S 95 -87.49 21.04 7.83
CA CYS S 96 -86.07 18.01 6.06
CA THR S 97 -85.17 18.12 2.38
CA ASP S 98 -84.41 15.67 -0.44
CA PHE S 99 -83.41 15.84 -4.08
CA TYR S 100 -84.88 12.70 -5.66
CA GLY S 101 -86.62 14.90 -8.23
CA PHE S 102 -84.77 17.95 -6.88
CA GLY S 103 -88.07 19.23 -5.50
CA ASP S 104 -87.46 20.98 -2.20
CA PHE S 105 -90.16 20.35 0.41
CA PHE S 106 -91.21 22.34 3.48
CA PRO S 107 -93.42 20.06 5.62
CA TYR S 108 -93.35 21.83 8.98
CA TRP S 109 -94.50 19.99 12.10
CA GLY S 110 -95.26 21.65 15.41
CA GLN S 111 -92.06 22.81 17.12
CA GLY S 112 -91.37 24.37 20.49
CA THR S 113 -88.59 26.08 22.45
CA LEU S 114 -87.30 26.81 25.96
CA VAL S 115 -87.60 30.55 26.69
CA THR S 116 -89.02 32.25 29.83
CA VAL S 117 -90.19 28.85 31.06
CA SER S 118 -93.51 29.51 32.88
CA SER S 119 -96.90 28.11 33.91
CA ALA S 120 -99.25 29.65 31.34
CA LYS S 121 -102.31 27.41 31.27
CA THR S 122 -104.72 26.87 28.37
CA THR S 123 -105.59 30.55 27.92
CA ALA S 124 -108.97 31.02 26.27
CA PRO S 125 -108.97 33.69 23.53
CA SER S 126 -109.95 37.17 24.70
CA VAL S 127 -111.97 39.42 22.39
CA TYR S 128 -111.55 43.13 23.18
CA PRO S 129 -113.74 45.52 21.15
CA LEU S 130 -112.58 48.95 20.00
CA ALA S 131 -115.56 51.26 20.50
CA PRO S 132 -115.22 54.69 18.85
CA VAL S 133 -115.54 57.77 21.03
CA CYS S 134 -118.99 59.35 21.29
CA GLY S 135 -117.71 62.70 19.99
CA GLY S 136 -116.38 63.23 16.49
CA THR S 137 -115.70 60.06 14.49
CA THR S 138 -117.12 61.43 11.24
CA GLY S 139 -116.40 59.79 7.89
CA SER S 140 -117.81 57.86 4.97
CA SER S 141 -117.51 54.68 7.04
CA VAL S 142 -116.36 53.45 10.46
CA THR S 143 -113.45 51.14 11.30
CA LEU S 144 -113.75 48.67 14.20
CA GLY S 145 -111.24 46.27 15.68
CA CYS S 146 -110.58 43.10 17.67
CA LEU S 147 -107.80 42.76 20.25
CA VAL S 148 -106.52 39.43 21.60
CA LYS S 149 -103.73 39.83 24.15
CA GLY S 150 -101.92 37.28 26.32
CA TYR S 151 -103.10 33.93 24.98
CA PHE S 152 -101.97 30.43 23.92
CA PRO S 153 -99.43 29.68 21.13
CA GLU S 154 -99.99 29.29 17.40
CA PRO S 155 -103.38 27.47 17.26
CA VAL S 156 -105.39 30.71 17.21
CA THR S 157 -107.69 31.88 14.41
CA LEU S 158 -108.54 35.32 13.02
CA THR S 159 -111.83 35.45 11.10
CA TRP S 160 -114.55 38.10 10.83
CA ASN S 161 -118.21 36.98 10.69
CA SER S 162 -116.99 33.43 9.97
CA GLY S 163 -115.17 34.76 6.90
CA SER S 164 -118.29 36.22 5.28
CA LEU S 165 -117.14 39.84 5.75
CA SER S 166 -113.73 40.79 4.31
CA SER S 167 -114.43 44.39 3.26
CA GLY S 168 -111.83 46.74 4.71
CA VAL S 169 -110.49 43.93 6.91
CA HIS S 170 -106.77 44.06 7.75
CA THR S 171 -105.20 40.94 9.24
CA PHE S 172 -102.53 41.75 11.82
CA PRO S 173 -100.08 38.86 12.36
CA ALA S 174 -99.79 37.43 15.86
CA LEU S 175 -97.18 39.00 18.13
CA LEU S 176 -95.19 37.84 21.15
CA GLN S 177 -94.99 40.21 24.12
CA SER S 178 -94.01 39.63 27.77
CA GLY S 179 -93.87 35.87 27.21
CA LEU S 180 -97.46 35.66 25.92
CA TYR S 181 -98.80 35.97 22.41
CA THR S 182 -100.62 39.13 21.32
CA LEU S 183 -103.07 39.45 18.42
CA SER S 184 -105.13 42.25 16.92
CA SER S 185 -107.81 42.34 14.23
CA SER S 186 -109.70 45.11 12.47
CA VAL S 187 -112.95 45.26 10.51
CA THR S 188 -114.38 48.11 8.42
CA VAL S 189 -118.17 48.39 8.42
CA THR S 190 -120.83 50.94 7.50
CA SER S 191 -122.43 53.36 9.94
CA ASN S 192 -125.43 51.02 10.35
CA THR S 193 -123.31 48.25 11.91
CA TRP S 194 -122.85 50.28 15.13
CA PRO S 195 -124.84 49.07 18.12
CA SER S 196 -128.09 48.76 16.17
CA GLN S 197 -126.33 45.71 14.70
CA THR S 198 -123.89 43.14 16.10
CA ILE S 199 -120.19 42.85 15.22
CA THR S 200 -118.76 39.40 15.94
CA CYS S 201 -115.04 38.60 16.20
CA ASN S 202 -114.60 34.86 15.61
CA VAL S 203 -111.46 33.56 17.34
CA ALA S 204 -111.21 29.78 17.59
CA HIS S 205 -108.71 28.00 19.88
CA PRO S 206 -108.34 24.29 18.99
CA ALA S 207 -106.51 23.46 22.23
CA SER S 208 -109.63 24.60 24.14
CA SER S 209 -112.38 24.87 21.47
CA THR S 210 -113.33 28.22 23.03
CA LYS S 211 -115.09 30.81 20.86
CA VAL S 212 -115.64 34.30 22.27
CA ASP S 213 -118.16 36.44 20.37
CA LYS S 214 -117.94 39.91 21.94
CA LYS S 215 -120.20 42.54 20.38
CA ILE S 216 -118.79 46.06 20.26
CA GLU S 217 -120.06 47.58 23.50
CA SER S 218 -120.07 51.22 24.53
CA ARG S 219 -118.29 52.41 27.67
CA ARG S 220 -121.59 53.33 29.34
CA ASP T 1 -67.41 31.37 4.41
CA ILE T 2 -69.36 32.19 1.24
CA VAL T 3 -72.45 34.40 1.63
CA MET T 4 -75.44 34.40 -0.71
CA THR T 5 -76.56 38.04 -0.90
CA GLN T 6 -79.88 39.41 -2.19
CA SER T 7 -79.87 43.19 -1.80
CA PRO T 8 -83.45 44.05 -2.97
CA LYS T 9 -85.80 43.20 -0.12
CA PHE T 10 -88.79 44.25 -2.26
CA MET T 11 -89.13 44.73 -6.00
CA SER T 12 -91.94 46.34 -7.98
CA THR T 13 -93.12 44.64 -11.16
CA SER T 14 -96.03 44.44 -13.59
CA ILE T 15 -97.81 41.54 -15.26
CA GLY T 16 -95.90 41.94 -18.53
CA ASP T 17 -92.66 43.11 -16.92
CA ARG T 18 -89.48 41.04 -16.82
CA VAL T 19 -87.45 41.19 -13.60
CA SER T 20 -84.01 39.74 -12.84
CA VAL T 21 -83.25 38.67 -9.26
CA THR T 22 -79.51 38.83 -8.60
CA CYS T 23 -77.68 36.79 -5.96
CA GLN T 24 -73.94 37.34 -5.49
CA ALA T 25 -71.60 34.92 -3.71
CA SER T 26 -68.35 35.80 -1.98
CA GLN T 27 -66.20 33.23 -3.81
CA ASN T 28 -66.52 30.41 -6.35
CA VAL T 29 -69.27 27.86 -5.75
CA GLY T 30 -69.49 26.81 -9.38
CA THR T 31 -73.04 26.41 -10.67
CA ASN T 32 -74.19 25.01 -7.31
CA VAL T 33 -76.86 27.69 -6.86
CA ALA T 34 -80.60 26.95 -6.82
CA TRP T 35 -83.72 29.08 -6.46
CA TYR T 36 -86.71 27.85 -4.45
CA GLN T 37 -89.93 29.57 -3.51
CA GLN T 38 -91.09 29.40 0.09
CA LYS T 39 -94.68 30.11 1.06
CA PRO T 40 -95.22 30.88 4.76
CA GLY T 41 -95.98 27.56 6.43
CA GLN T 42 -96.50 25.72 3.14
CA SER T 43 -94.57 23.14 1.16
CA PRO T 44 -92.80 24.92 -1.73
CA LYS T 45 -93.39 24.35 -5.41
CA PRO T 46 -89.92 23.71 -6.85
CA LEU T 47 -89.03 26.04 -9.72
CA ILE T 48 -85.33 25.85 -10.66
CA TYR T 49 -82.42 23.73 -9.43
CA SER T 50 -78.73 24.35 -10.16
CA ALA T 51 -79.75 27.79 -11.53
CA SER T 52 -80.59 26.50 -15.03
CA TYR T 53 -82.85 23.41 -14.84
CA ARG T 54 -86.63 23.38 -14.55
CA TYR T 55 -89.16 20.96 -13.06
CA SER T 56 -92.31 19.50 -14.58
CA GLY T 57 -95.20 21.96 -14.76
CA VAL T 58 -92.99 24.98 -13.99
CA PRO T 59 -93.38 27.89 -16.43
CA GLY T 60 -90.40 28.33 -18.73
CA ARG T 61 -90.27 32.06 -17.99
CA PHE T 62 -88.18 31.25 -14.91
CA THR T 63 -84.56 31.68 -16.02
CA GLY T 64 -81.42 31.70 -13.87
CA SER T 65 -78.00 32.86 -15.04
CA GLY T 66 -74.51 33.49 -13.75
CA SER T 67 -71.80 31.20 -12.43
CA GLY T 68 -68.93 31.13 -9.96
CA THR T 69 -69.48 34.27 -7.89
CA ASP T 70 -72.32 36.15 -9.65
CA PHE T 71 -75.78 34.70 -10.18
CA THR T 72 -79.09 36.11 -11.39
CA LEU T 73 -82.63 34.75 -11.62
CA THR T 74 -84.67 36.34 -14.42
CA ILE T 75 -88.45 35.92 -14.34
CA ASN T 76 -90.43 37.06 -17.38
CA ASN T 77 -94.18 37.76 -17.50
CA VAL T 78 -94.55 38.04 -13.73
CA GLN T 79 -97.91 36.90 -12.34
CA SER T 80 -99.51 37.21 -8.92
CA GLU T 81 -99.81 33.41 -8.69
CA ASP T 82 -96.04 33.18 -8.00
CA LEU T 83 -96.04 35.46 -4.95
CA ALA T 84 -93.49 33.99 -2.53
CA ASP T 85 -89.92 34.37 -1.27
CA TYR T 86 -87.12 33.46 -3.68
CA PHE T 87 -83.99 32.15 -1.96
CA CYS T 88 -80.59 31.54 -3.54
CA GLN T 89 -78.98 28.51 -1.88
CA GLN T 90 -75.46 27.21 -2.49
CA TYR T 91 -74.42 23.59 -1.90
CA ASN T 92 -70.73 23.84 -2.77
CA SER T 93 -68.97 25.10 0.37
CA PHE T 94 -69.52 23.64 3.83
CA PRO T 95 -72.00 26.29 5.14
CA LEU T 96 -74.92 26.09 2.70
CA THR T 97 -75.83 29.74 3.08
CA PHE T 98 -79.16 31.10 1.86
CA GLY T 99 -80.32 34.36 0.34
CA ALA T 100 -82.26 37.22 1.89
CA GLY T 101 -85.55 36.44 0.13
CA THR T 102 -87.79 38.81 -1.82
CA LYS T 103 -91.60 39.06 -1.94
CA LEU T 104 -93.60 40.51 -4.81
CA GLU T 105 -95.17 43.91 -4.07
CA LEU T 106 -98.13 45.22 -6.08
CA LYS T 107 -99.83 48.56 -5.37
CA ARG T 108 -102.16 51.00 -7.14
CA ALA T 109 -100.77 54.50 -6.48
CA ASP T 110 -98.88 56.52 -3.85
CA ALA T 111 -100.82 57.59 -0.75
CA ALA T 112 -100.32 59.03 2.73
CA PRO T 113 -100.95 57.35 6.11
CA THR T 114 -104.15 58.00 8.05
CA VAL T 115 -103.52 58.25 11.79
CA SER T 116 -106.19 56.70 14.03
CA ILE T 117 -105.83 56.55 17.82
CA PHE T 118 -108.07 54.74 20.30
CA PRO T 119 -107.75 54.60 24.11
CA PRO T 120 -107.35 51.29 25.96
CA SER T 121 -110.57 49.60 26.98
CA SER T 122 -111.87 49.37 30.53
CA GLU T 123 -111.50 45.58 30.34
CA GLN T 124 -107.74 45.94 29.86
CA LEU T 125 -107.65 48.33 32.83
CA THR T 126 -109.48 45.73 34.94
CA SER T 127 -107.02 43.06 33.76
CA GLY T 128 -104.21 45.41 34.80
CA GLY T 129 -102.97 47.00 31.57
CA ALA T 130 -103.38 50.08 29.40
CA SER T 131 -102.07 50.22 25.82
CA VAL T 132 -102.52 53.08 23.33
CA VAL T 133 -102.71 51.83 19.74
CA CYS T 134 -102.20 53.98 16.65
CA PHE T 135 -103.74 52.80 13.37
CA LEU T 136 -102.07 53.65 10.05
CA ASN T 137 -104.22 52.14 7.30
CA ASN T 138 -104.05 52.14 3.49
CA PHE T 139 -100.55 53.61 3.18
CA TYR T 140 -99.27 52.59 -0.24
CA PRO T 141 -95.47 53.09 -0.03
CA LYS T 142 -94.12 50.56 2.47
CA ASP T 143 -91.56 53.04 3.87
CA ILE T 144 -93.18 54.34 7.06
CA ASN T 145 -92.12 55.16 10.61
CA VAL T 146 -93.89 56.16 13.82
CA LYS T 147 -92.34 58.26 16.60
CA TRP T 148 -94.01 58.42 20.01
CA LYS T 149 -94.42 61.59 22.07
CA ILE T 150 -95.85 61.43 25.60
CA ASP T 151 -97.08 64.85 26.81
CA GLY T 152 -94.27 66.59 24.94
CA SER T 153 -91.62 64.04 25.97
CA GLU T 154 -89.72 62.30 23.19
CA ARG T 155 -90.08 58.52 23.34
CA GLN T 156 -88.30 56.00 21.13
CA ASN T 157 -87.70 52.93 23.32
CA GLY T 158 -90.34 50.32 23.98
CA VAL T 159 -91.90 50.79 20.53
CA LEU T 160 -93.25 47.53 19.12
CA ASN T 161 -94.11 47.60 15.42
CA SER T 162 -96.17 45.05 13.48
CA TRP T 163 -96.91 45.38 9.77
CA THR T 164 -100.00 43.65 8.39
CA ASP T 165 -99.87 40.90 5.80
CA GLN T 166 -100.77 41.71 2.21
CA ASP T 167 -104.54 41.64 1.87
CA SER T 168 -105.86 39.30 -0.82
CA LYS T 169 -108.43 41.85 -2.04
CA ASP T 170 -106.79 45.30 -2.23
CA SER T 171 -103.12 44.28 -1.70
CA THR T 172 -102.74 46.99 0.95
CA TYR T 173 -100.70 47.02 4.15
CA SER T 174 -101.02 48.51 7.62
CA MET T 175 -98.85 48.87 10.71
CA SER T 176 -99.65 48.66 14.42
CA SER T 177 -97.88 51.09 16.76
CA THR T 178 -98.48 49.94 20.35
CA LEU T 179 -96.98 51.80 23.31
CA THR T 180 -96.87 50.03 26.67
CA LEU T 181 -96.43 51.89 29.96
CA THR T 182 -96.93 50.95 33.59
CA LYS T 183 -100.24 51.66 35.30
CA ASP T 184 -98.72 54.42 37.45
CA GLU T 185 -97.07 55.95 34.38
CA TYR T 186 -100.28 55.53 32.38
CA GLU T 187 -102.17 57.50 35.03
CA ARG T 188 -99.31 60.01 35.19
CA HIS T 189 -99.92 61.02 31.54
CA ASN T 190 -103.15 62.23 29.94
CA SER T 191 -102.49 63.06 26.27
CA TYR T 192 -100.87 60.44 24.02
CA THR T 193 -99.78 61.51 20.53
CA CYS T 194 -98.09 59.51 17.77
CA GLU T 195 -96.55 61.05 14.66
CA ALA T 196 -96.55 59.23 11.31
CA THR T 197 -93.25 59.92 9.57
CA HIS T 198 -93.75 59.53 5.83
CA LYS T 199 -91.67 60.22 2.72
CA THR T 200 -94.38 62.05 0.76
CA SER T 201 -95.56 64.27 3.62
CA THR T 202 -93.06 66.04 5.88
CA SER T 203 -95.69 67.22 8.39
CA PRO T 204 -97.03 64.33 10.50
CA ILE T 205 -100.75 64.00 11.17
CA VAL T 206 -101.53 64.68 14.83
CA LYS T 207 -104.41 62.80 16.46
CA SER T 208 -105.55 63.73 19.97
CA PHE T 209 -107.85 61.92 22.39
CA ASN T 210 -109.21 62.30 25.91
CA ARG T 211 -108.61 59.51 28.43
CA ASN T 212 -111.70 60.46 30.45
CA GLU T 213 -113.84 60.00 27.32
#